data_6RP2
#
_entry.id   6RP2
#
_cell.length_a   93.720
_cell.length_b   97.520
_cell.length_c   183.060
_cell.angle_alpha   90.00
_cell.angle_beta   90.00
_cell.angle_gamma   90.00
#
_symmetry.space_group_name_H-M   'P 21 21 21'
#
loop_
_entity.id
_entity.type
_entity.pdbx_description
1 polymer 'Hydrogenase-1 small chain'
2 polymer 'Hydrogenase-1 large chain'
3 non-polymer 'IRON/SULFUR CLUSTER'
4 non-polymer 'FE3-S4 CLUSTER'
5 non-polymer 'FE4-S3 CLUSTER'
6 non-polymer DODECYL-BETA-D-MALTOSIDE
7 non-polymer 'CHLORIDE ION'
8 non-polymer 'SULFATE ION'
9 non-polymer 'CARBONMONOXIDE-(DICYANO) IRON'
10 non-polymer 'NICKEL (II) ION'
11 non-polymer 'MAGNESIUM ION'
12 non-polymer 'LITHIUM ION'
13 water water
#
loop_
_entity_poly.entity_id
_entity_poly.type
_entity_poly.pdbx_seq_one_letter_code
_entity_poly.pdbx_strand_id
1 'polypeptide(L)'
;KPRIPVVWIHGLECTCCTESFIRSAHPLAKDVILSLISLDYDDTLMAAAGTQAEEVFEDIITQYNGKYILAVEGNPPLGE
QGMFCISSGRPFIEKLKRAAAGASAIIAWGTCASWGCVQAARPNPTQATPIDKVITDKPIIKVPGCPPIPDVMSAIITYM
VTFDRLPDVDRMGRPLMFYGQRIHDKCYRRAHFDAGEFVQSWDDDAARKGYCLYKMGCKGPCTYNACSSTRWNDGVSFPI
QSGHGCLGCAENGFWDRGSFYSRVVDIPQMGTHSTADTVGLTALGVVAAAVGVHAVASAVDQRRRHNQQPTETEHQPGNE
DKQA
;
S,T
2 'polypeptide(L)'
;MSTQYETQGYTINNAGRRLVVDPITRIEGHMRCEVNINDQNVITNAVSCGTMFRGLEIILQGRDPRDAWAFVERICGV
(CSO)TGVHALASVYAIEDAIGIKVPDNANIIRNIMLATLWCHDHLVHFYQLAGMDWIDVLDALKADPRKTSELAQSLSS
WPKSSPGYFFDVQNRLKKFVEGGQLGIFRNGYWGHPQYKLPPEANLMGFAHYLEALDFQREIVKIHAVFGGKNPHPNWIV
GGMPCAINIDESGAVGAVNMERLNLVQSIITRTADFINNVMIPDALAIGQFNKPWSEIGTGLSDKCVLSYGAFPDIANDF
GEKSLLMPGGAVINGDFNNVLPVDLVDPQQVQEFVDHAWYRYPNDQVGRHPFDGITDPWYNPGDVKGSDTNIQQLNEQER
YSWIKAPRWRGNAMEVGPLARTLIAYHKGDAATVESVDRMMSALNLPLSGIQSTLGRILCRAHEAQWAAGKLQYFFDKLM
TNLKNGNLATASTEKWEPATWPTECRGVGFTEAPRGALGHWAAIRDGKIDLYQCVVPTTWNASPRDPKGQIGAYEAALMN
TKMAIPEQPLEILRTLHSFDPCLACSTH
;
L,M
#
loop_
_chem_comp.id
_chem_comp.type
_chem_comp.name
_chem_comp.formula
CL non-polymer 'CHLORIDE ION' 'Cl -1'
F3S non-polymer 'FE3-S4 CLUSTER' 'Fe3 S4'
FCO non-polymer 'CARBONMONOXIDE-(DICYANO) IRON' 'C3 Fe N2 O'
LI non-polymer 'LITHIUM ION' 'Li 1'
LMT D-saccharide DODECYL-BETA-D-MALTOSIDE 'C24 H46 O11'
MG non-polymer 'MAGNESIUM ION' 'Mg 2'
NI non-polymer 'NICKEL (II) ION' 'Ni 2'
SF3 non-polymer 'FE4-S3 CLUSTER' 'Fe4 S3'
SF4 non-polymer 'IRON/SULFUR CLUSTER' 'Fe4 S4'
SO4 non-polymer 'SULFATE ION' 'O4 S -2'
#
# COMPACT_ATOMS: atom_id res chain seq x y z
N LYS A 1 10.34 -27.48 -9.58
CA LYS A 1 9.31 -27.06 -10.63
C LYS A 1 9.89 -25.94 -11.51
N PRO A 2 10.42 -26.22 -12.72
CA PRO A 2 11.10 -25.18 -13.50
C PRO A 2 10.17 -24.02 -13.85
N ARG A 3 10.76 -22.84 -13.95
CA ARG A 3 10.03 -21.60 -14.30
C ARG A 3 10.25 -21.30 -15.78
N ILE A 4 9.31 -20.60 -16.39
CA ILE A 4 9.40 -20.36 -17.85
C ILE A 4 10.56 -19.40 -18.12
N PRO A 5 11.42 -19.76 -19.07
CA PRO A 5 12.56 -18.91 -19.41
C PRO A 5 12.10 -17.65 -20.12
N VAL A 6 12.70 -16.55 -19.72
CA VAL A 6 12.41 -15.21 -20.31
C VAL A 6 13.73 -14.56 -20.68
N VAL A 7 13.81 -14.05 -21.92
CA VAL A 7 14.93 -13.25 -22.42
C VAL A 7 14.40 -11.84 -22.61
N TRP A 8 14.99 -10.84 -21.95
CA TRP A 8 14.53 -9.42 -22.03
C TRP A 8 15.63 -8.62 -22.73
N ILE A 9 15.38 -8.17 -23.95
CA ILE A 9 16.38 -7.38 -24.69
C ILE A 9 15.94 -5.91 -24.77
N HIS A 10 16.90 -5.07 -25.12
CA HIS A 10 16.77 -3.60 -25.07
C HIS A 10 17.32 -3.04 -26.38
N GLY A 11 16.48 -2.40 -27.16
CA GLY A 11 16.93 -1.62 -28.32
C GLY A 11 17.16 -0.16 -28.01
N LEU A 12 16.81 0.74 -28.91
CA LEU A 12 16.75 2.19 -28.56
C LEU A 12 15.57 2.38 -27.61
N GLU A 13 15.86 2.98 -26.48
CA GLU A 13 14.92 3.01 -25.32
C GLU A 13 15.34 4.11 -24.38
N CYS A 14 14.47 4.35 -23.38
CA CYS A 14 14.84 5.18 -22.21
C CYS A 14 14.83 4.36 -20.92
N THR A 15 14.44 3.09 -20.97
CA THR A 15 14.40 2.14 -19.85
C THR A 15 13.20 2.39 -18.93
N CYS A 16 12.24 3.19 -19.37
CA CYS A 16 11.02 3.44 -18.55
C CYS A 16 10.18 2.17 -18.40
N CYS A 17 10.27 1.25 -19.36
CA CYS A 17 9.43 0.01 -19.26
C CYS A 17 10.03 -0.95 -18.20
N THR A 18 11.34 -1.09 -18.14
CA THR A 18 12.00 -1.87 -17.05
C THR A 18 11.66 -1.22 -15.71
N GLU A 19 11.77 0.10 -15.64
CA GLU A 19 11.48 0.81 -14.39
C GLU A 19 10.02 0.60 -13.99
N SER A 20 9.11 0.67 -14.94
CA SER A 20 7.69 0.42 -14.61
C SER A 20 7.54 -0.99 -14.05
N PHE A 21 8.11 -1.97 -14.72
CA PHE A 21 8.02 -3.37 -14.29
C PHE A 21 8.43 -3.50 -12.82
N ILE A 22 9.53 -2.88 -12.40
CA ILE A 22 9.99 -3.08 -11.01
C ILE A 22 9.12 -2.35 -10.03
N ARG A 23 8.25 -1.44 -10.46
CA ARG A 23 7.27 -0.80 -9.55
C ARG A 23 6.15 -1.75 -9.14
N SER A 24 5.99 -2.90 -9.79
CA SER A 24 4.81 -3.75 -9.54
C SER A 24 4.54 -3.94 -8.04
N ALA A 25 3.28 -3.77 -7.67
CA ALA A 25 2.87 -3.86 -6.24
C ALA A 25 2.36 -5.27 -5.96
N HIS A 26 1.84 -5.97 -6.96
CA HIS A 26 1.18 -7.28 -6.71
C HIS A 26 1.07 -8.01 -8.02
N PRO A 27 1.85 -9.07 -8.30
CA PRO A 27 2.96 -9.50 -7.46
C PRO A 27 4.11 -8.50 -7.47
N LEU A 28 4.88 -8.49 -6.38
CA LEU A 28 6.14 -7.71 -6.33
C LEU A 28 7.03 -8.19 -7.46
N ALA A 29 7.80 -7.34 -8.10
CA ALA A 29 8.77 -7.76 -9.14
C ALA A 29 9.74 -8.80 -8.54
N LYS A 30 10.13 -8.63 -7.30
CA LYS A 30 10.95 -9.64 -6.61
C LYS A 30 10.31 -11.02 -6.77
N ASP A 31 9.03 -11.15 -6.47
CA ASP A 31 8.38 -12.48 -6.53
C ASP A 31 8.18 -12.94 -7.96
N VAL A 32 7.99 -12.02 -8.92
CA VAL A 32 7.94 -12.46 -10.34
C VAL A 32 9.27 -13.14 -10.68
N ILE A 33 10.38 -12.48 -10.36
CA ILE A 33 11.74 -12.96 -10.74
C ILE A 33 12.07 -14.21 -9.93
N LEU A 34 11.72 -14.29 -8.66
CA LEU A 34 12.15 -15.46 -7.86
C LEU A 34 11.23 -16.67 -8.10
N SER A 35 9.95 -16.45 -8.33
CA SER A 35 8.96 -17.57 -8.29
C SER A 35 8.16 -17.80 -9.56
N LEU A 36 7.97 -16.81 -10.41
CA LEU A 36 6.99 -16.96 -11.51
CA LEU A 36 6.99 -16.89 -11.53
C LEU A 36 7.68 -17.21 -12.86
N ILE A 37 8.83 -16.60 -13.11
CA ILE A 37 9.56 -16.71 -14.40
C ILE A 37 11.00 -17.00 -14.05
N SER A 38 11.77 -17.38 -15.06
CA SER A 38 13.24 -17.37 -15.00
C SER A 38 13.74 -16.26 -15.92
N LEU A 39 14.05 -15.11 -15.32
CA LEU A 39 14.55 -13.93 -16.08
C LEU A 39 16.02 -14.19 -16.37
N ASP A 40 16.28 -14.79 -17.52
CA ASP A 40 17.59 -15.43 -17.78
C ASP A 40 18.53 -14.50 -18.52
N TYR A 41 18.03 -13.38 -19.04
CA TYR A 41 18.89 -12.39 -19.73
C TYR A 41 18.17 -11.05 -19.61
N ASP A 42 18.91 -10.03 -19.15
CA ASP A 42 18.35 -8.67 -19.00
C ASP A 42 19.49 -7.70 -18.73
N ASP A 43 19.90 -6.93 -19.72
CA ASP A 43 21.14 -6.14 -19.54
CA ASP A 43 21.03 -5.99 -19.63
C ASP A 43 21.00 -5.20 -18.33
N THR A 44 19.85 -4.67 -17.99
CA THR A 44 19.72 -3.68 -16.89
C THR A 44 20.07 -4.31 -15.54
N LEU A 45 19.78 -5.60 -15.35
CA LEU A 45 19.77 -6.21 -14.01
C LEU A 45 20.78 -7.34 -13.83
N MET A 46 21.33 -7.87 -14.89
CA MET A 46 22.10 -9.13 -14.79
C MET A 46 23.55 -8.92 -14.31
N ALA A 47 24.06 -9.91 -13.59
CA ALA A 47 25.42 -9.84 -13.04
C ALA A 47 26.46 -9.76 -14.17
N ALA A 48 26.34 -10.68 -15.11
CA ALA A 48 27.36 -10.81 -16.17
C ALA A 48 27.37 -9.59 -17.10
N ALA A 49 28.54 -9.27 -17.63
CA ALA A 49 28.74 -8.23 -18.64
C ALA A 49 29.52 -8.80 -19.81
N GLY A 50 29.57 -8.09 -20.93
CA GLY A 50 30.51 -8.41 -22.00
C GLY A 50 30.45 -9.86 -22.41
N THR A 51 31.59 -10.52 -22.52
CA THR A 51 31.65 -11.88 -23.06
C THR A 51 30.85 -12.81 -22.16
N GLN A 52 30.81 -12.57 -20.85
CA GLN A 52 30.02 -13.44 -19.97
C GLN A 52 28.53 -13.26 -20.28
N ALA A 53 28.06 -12.05 -20.53
CA ALA A 53 26.66 -11.80 -20.92
C ALA A 53 26.38 -12.39 -22.29
N GLU A 54 27.30 -12.28 -23.23
CA GLU A 54 27.11 -12.91 -24.57
CA GLU A 54 27.14 -12.91 -24.57
C GLU A 54 26.95 -14.44 -24.40
N GLU A 55 27.70 -15.06 -23.49
CA GLU A 55 27.62 -16.53 -23.27
C GLU A 55 26.24 -16.86 -22.71
N VAL A 56 25.73 -16.06 -21.77
CA VAL A 56 24.40 -16.34 -21.22
C VAL A 56 23.38 -16.25 -22.35
N PHE A 57 23.42 -15.19 -23.14
CA PHE A 57 22.46 -15.02 -24.24
C PHE A 57 22.48 -16.24 -25.16
N GLU A 58 23.64 -16.57 -25.66
CA GLU A 58 23.77 -17.72 -26.62
C GLU A 58 23.31 -19.01 -25.94
N ASP A 59 23.74 -19.28 -24.73
CA ASP A 59 23.36 -20.53 -24.03
C ASP A 59 21.83 -20.62 -23.86
N ILE A 60 21.15 -19.55 -23.45
CA ILE A 60 19.72 -19.61 -23.11
C ILE A 60 18.96 -19.81 -24.44
N ILE A 61 19.28 -19.05 -25.49
CA ILE A 61 18.44 -19.15 -26.70
C ILE A 61 18.70 -20.50 -27.36
N THR A 62 19.85 -21.13 -27.12
CA THR A 62 20.13 -22.46 -27.70
C THR A 62 19.46 -23.54 -26.85
N GLN A 63 19.69 -23.57 -25.56
CA GLN A 63 19.16 -24.61 -24.65
C GLN A 63 17.64 -24.59 -24.70
N TYR A 64 17.05 -23.40 -24.71
CA TYR A 64 15.59 -23.21 -24.59
C TYR A 64 14.96 -22.83 -25.93
N ASN A 65 15.63 -23.10 -27.04
CA ASN A 65 15.09 -22.81 -28.38
C ASN A 65 13.66 -23.29 -28.48
N GLY A 66 12.76 -22.42 -28.91
CA GLY A 66 11.34 -22.74 -29.09
C GLY A 66 10.52 -22.65 -27.82
N LYS A 67 11.14 -22.36 -26.68
CA LYS A 67 10.45 -22.48 -25.36
C LYS A 67 10.55 -21.23 -24.47
N TYR A 68 11.33 -20.23 -24.85
CA TYR A 68 11.42 -19.02 -24.02
C TYR A 68 10.49 -17.95 -24.57
N ILE A 69 10.09 -17.05 -23.69
CA ILE A 69 9.39 -15.81 -24.08
C ILE A 69 10.46 -14.76 -24.30
N LEU A 70 10.35 -14.00 -25.37
CA LEU A 70 11.20 -12.82 -25.61
C LEU A 70 10.41 -11.56 -25.21
N ALA A 71 10.92 -10.84 -24.22
CA ALA A 71 10.46 -9.47 -23.92
C ALA A 71 11.36 -8.51 -24.66
N VAL A 72 10.73 -7.55 -25.33
CA VAL A 72 11.48 -6.50 -26.03
C VAL A 72 11.05 -5.14 -25.48
N GLU A 73 12.07 -4.40 -25.04
CA GLU A 73 11.97 -2.99 -24.66
C GLU A 73 12.74 -2.20 -25.71
N GLY A 74 12.20 -1.05 -26.07
CA GLY A 74 12.83 -0.29 -27.14
C GLY A 74 12.62 -0.85 -28.53
N ASN A 75 13.37 -0.33 -29.49
CA ASN A 75 13.17 -0.72 -30.89
C ASN A 75 14.46 -0.64 -31.69
N PRO A 76 14.49 -1.26 -32.87
CA PRO A 76 15.64 -1.18 -33.75
C PRO A 76 15.59 0.02 -34.68
N PRO A 77 16.73 0.73 -34.86
CA PRO A 77 16.84 1.80 -35.86
C PRO A 77 17.37 1.19 -37.16
N LEU A 78 16.74 1.52 -38.27
CA LEU A 78 17.25 1.02 -39.57
C LEU A 78 18.28 1.98 -40.16
N GLY A 79 18.45 3.19 -39.65
CA GLY A 79 19.43 4.11 -40.22
C GLY A 79 20.88 3.71 -39.89
N GLU A 80 21.80 4.19 -40.72
CA GLU A 80 23.25 3.93 -40.56
C GLU A 80 23.49 2.41 -40.44
N GLN A 81 22.83 1.61 -41.28
CA GLN A 81 22.97 0.14 -41.31
C GLN A 81 22.66 -0.47 -39.94
N GLY A 82 21.79 0.18 -39.16
CA GLY A 82 21.45 -0.32 -37.82
C GLY A 82 22.41 0.10 -36.73
N MET A 83 23.47 0.84 -37.05
CA MET A 83 24.52 1.15 -36.04
C MET A 83 24.21 2.40 -35.22
N PHE A 84 22.98 2.91 -35.28
CA PHE A 84 22.46 3.79 -34.22
C PHE A 84 22.17 3.00 -32.95
N CYS A 85 22.20 1.67 -32.96
CA CYS A 85 22.07 0.88 -31.71
C CYS A 85 22.97 -0.33 -31.87
N ILE A 86 24.05 -0.37 -31.12
CA ILE A 86 25.11 -1.38 -31.36
C ILE A 86 25.15 -2.29 -30.15
N SER A 87 25.21 -3.59 -30.39
CA SER A 87 25.30 -4.57 -29.29
CA SER A 87 25.17 -4.65 -29.37
C SER A 87 26.32 -5.62 -29.68
N SER A 88 27.33 -5.74 -28.82
CA SER A 88 28.47 -6.62 -29.11
C SER A 88 29.06 -6.29 -30.48
N GLY A 89 29.18 -4.99 -30.79
CA GLY A 89 29.90 -4.55 -31.99
C GLY A 89 29.07 -4.65 -33.25
N ARG A 90 27.83 -5.13 -33.17
CA ARG A 90 26.99 -5.36 -34.36
C ARG A 90 25.63 -4.69 -34.22
N PRO A 91 24.87 -4.55 -35.32
CA PRO A 91 23.57 -3.90 -35.17
C PRO A 91 22.68 -4.64 -34.17
N PHE A 92 21.99 -3.89 -33.33
CA PHE A 92 20.99 -4.48 -32.40
C PHE A 92 19.99 -5.36 -33.17
N ILE A 93 19.60 -4.95 -34.36
CA ILE A 93 18.58 -5.73 -35.12
C ILE A 93 19.05 -7.17 -35.26
N GLU A 94 20.34 -7.45 -35.37
CA GLU A 94 20.81 -8.85 -35.51
C GLU A 94 20.45 -9.63 -34.24
N LYS A 95 20.65 -9.03 -33.06
CA LYS A 95 20.36 -9.69 -31.81
C LYS A 95 18.84 -9.89 -31.68
N LEU A 96 18.09 -8.85 -32.02
CA LEU A 96 16.61 -8.96 -32.04
C LEU A 96 16.20 -10.16 -32.89
N LYS A 97 16.72 -10.29 -34.10
CA LYS A 97 16.27 -11.38 -35.00
C LYS A 97 16.72 -12.73 -34.44
N ARG A 98 17.93 -12.85 -33.88
CA ARG A 98 18.36 -14.12 -33.28
C ARG A 98 17.48 -14.51 -32.11
N ALA A 99 17.18 -13.53 -31.23
CA ALA A 99 16.35 -13.81 -30.06
C ALA A 99 14.92 -14.13 -30.51
N ALA A 100 14.40 -13.45 -31.51
CA ALA A 100 13.02 -13.70 -31.97
C ALA A 100 12.92 -15.12 -32.55
N ALA A 101 13.94 -15.56 -33.26
CA ALA A 101 13.84 -16.85 -34.01
C ALA A 101 13.59 -18.00 -33.04
N GLY A 102 14.17 -17.99 -31.84
CA GLY A 102 14.00 -19.06 -30.85
C GLY A 102 12.83 -18.88 -29.93
N ALA A 103 12.15 -17.73 -29.94
CA ALA A 103 11.09 -17.44 -28.97
C ALA A 103 9.79 -18.15 -29.34
N SER A 104 9.02 -18.53 -28.34
CA SER A 104 7.66 -19.08 -28.57
C SER A 104 6.69 -17.93 -28.78
N ALA A 105 6.96 -16.79 -28.14
CA ALA A 105 6.14 -15.59 -28.30
C ALA A 105 6.93 -14.39 -27.85
N ILE A 106 6.47 -13.22 -28.28
CA ILE A 106 7.16 -11.94 -27.99
C ILE A 106 6.20 -10.99 -27.29
N ILE A 107 6.70 -10.38 -26.21
CA ILE A 107 6.01 -9.27 -25.53
C ILE A 107 6.71 -7.99 -25.96
N ALA A 108 6.01 -7.09 -26.65
CA ALA A 108 6.49 -5.76 -27.07
C ALA A 108 6.10 -4.80 -25.96
N TRP A 109 7.00 -4.57 -25.02
CA TRP A 109 6.73 -3.65 -23.91
C TRP A 109 6.76 -2.22 -24.41
N GLY A 110 5.75 -1.48 -24.04
CA GLY A 110 5.77 -0.04 -24.20
C GLY A 110 5.48 0.44 -25.61
N THR A 111 5.23 1.75 -25.69
CA THR A 111 5.07 2.38 -27.02
C THR A 111 6.33 2.21 -27.87
N CYS A 112 7.53 2.16 -27.33
CA CYS A 112 8.71 1.97 -28.19
C CYS A 112 8.59 0.66 -28.96
N ALA A 113 8.40 -0.44 -28.28
CA ALA A 113 8.47 -1.76 -28.96
C ALA A 113 7.21 -1.95 -29.80
N SER A 114 6.10 -1.40 -29.34
CA SER A 114 4.80 -1.55 -29.99
C SER A 114 4.71 -0.69 -31.26
N TRP A 115 5.16 0.58 -31.22
CA TRP A 115 4.83 1.58 -32.28
C TRP A 115 6.03 2.42 -32.70
N GLY A 116 6.95 2.75 -31.79
CA GLY A 116 8.08 3.65 -32.16
C GLY A 116 8.43 4.60 -31.03
N CYS A 117 7.42 5.22 -30.42
CA CYS A 117 7.55 6.19 -29.31
C CYS A 117 8.49 7.34 -29.72
N VAL A 118 9.17 7.95 -28.77
CA VAL A 118 9.65 9.34 -28.98
C VAL A 118 10.70 9.38 -30.10
N GLN A 119 11.57 8.38 -30.19
CA GLN A 119 12.62 8.40 -31.23
C GLN A 119 12.01 8.30 -32.63
N ALA A 120 10.79 7.77 -32.75
CA ALA A 120 10.11 7.65 -34.04
C ALA A 120 9.30 8.90 -34.35
N ALA A 121 9.19 9.86 -33.42
CA ALA A 121 8.47 11.12 -33.70
C ALA A 121 9.23 11.92 -34.75
N ARG A 122 8.51 12.78 -35.47
CA ARG A 122 9.09 13.53 -36.60
CA ARG A 122 9.09 13.54 -36.60
C ARG A 122 10.37 14.23 -36.14
N PRO A 123 11.48 14.16 -36.90
CA PRO A 123 11.57 13.50 -38.19
C PRO A 123 12.19 12.09 -38.19
N ASN A 124 12.12 11.41 -37.06
CA ASN A 124 12.64 10.03 -36.88
C ASN A 124 14.05 9.94 -37.44
N PRO A 125 15.04 10.60 -36.81
CA PRO A 125 16.39 10.63 -37.34
C PRO A 125 17.02 9.26 -37.55
N THR A 126 16.69 8.28 -36.71
CA THR A 126 17.35 6.96 -36.73
C THR A 126 16.56 5.93 -37.54
N GLN A 127 15.40 6.27 -38.08
CA GLN A 127 14.47 5.29 -38.67
C GLN A 127 14.15 4.19 -37.65
N ALA A 128 13.83 4.58 -36.42
CA ALA A 128 13.35 3.66 -35.37
C ALA A 128 12.05 3.01 -35.83
N THR A 129 11.95 1.70 -35.67
CA THR A 129 10.92 0.88 -36.32
C THR A 129 10.37 -0.05 -35.26
N PRO A 130 9.04 -0.20 -35.13
CA PRO A 130 8.50 -1.11 -34.11
C PRO A 130 8.80 -2.56 -34.46
N ILE A 131 8.73 -3.43 -33.48
CA ILE A 131 9.16 -4.85 -33.54
CA ILE A 131 9.29 -4.79 -33.69
C ILE A 131 8.36 -5.58 -34.61
N ASP A 132 7.06 -5.31 -34.70
CA ASP A 132 6.22 -6.11 -35.62
C ASP A 132 6.48 -5.78 -37.06
N LYS A 133 7.21 -4.72 -37.38
CA LYS A 133 7.57 -4.43 -38.78
C LYS A 133 8.87 -5.13 -39.13
N VAL A 134 9.56 -5.73 -38.18
CA VAL A 134 10.85 -6.41 -38.42
C VAL A 134 10.64 -7.92 -38.24
N ILE A 135 9.94 -8.31 -37.19
CA ILE A 135 9.69 -9.73 -36.84
C ILE A 135 8.26 -10.00 -37.31
N THR A 136 8.11 -10.90 -38.30
CA THR A 136 6.84 -11.00 -39.01
C THR A 136 6.32 -12.42 -38.90
N ASP A 137 6.98 -13.32 -38.18
CA ASP A 137 6.61 -14.74 -38.11
C ASP A 137 6.46 -15.25 -36.67
N LYS A 138 6.15 -14.34 -35.73
CA LYS A 138 5.99 -14.72 -34.33
C LYS A 138 4.80 -14.02 -33.71
N PRO A 139 4.15 -14.64 -32.72
CA PRO A 139 3.13 -13.95 -31.94
C PRO A 139 3.78 -12.77 -31.20
N ILE A 140 3.23 -11.59 -31.39
CA ILE A 140 3.68 -10.35 -30.70
C ILE A 140 2.49 -9.76 -29.95
N ILE A 141 2.62 -9.71 -28.63
CA ILE A 141 1.66 -9.03 -27.77
C ILE A 141 2.16 -7.60 -27.55
N LYS A 142 1.42 -6.59 -28.00
CA LYS A 142 1.76 -5.15 -27.79
CA LYS A 142 1.78 -5.17 -27.77
C LYS A 142 1.20 -4.72 -26.44
N VAL A 143 2.06 -4.17 -25.59
CA VAL A 143 1.62 -3.64 -24.27
C VAL A 143 2.03 -2.17 -24.23
N PRO A 144 1.28 -1.30 -24.92
CA PRO A 144 1.76 0.07 -25.12
C PRO A 144 1.49 0.98 -23.91
N GLY A 145 2.01 2.17 -24.07
CA GLY A 145 2.11 3.11 -22.93
C GLY A 145 3.55 3.54 -22.75
N CYS A 146 3.76 4.74 -22.24
CA CYS A 146 5.11 5.30 -22.09
C CYS A 146 5.32 5.67 -20.62
N PRO A 147 5.65 4.71 -19.75
CA PRO A 147 5.55 3.28 -20.00
C PRO A 147 4.17 2.75 -19.68
N PRO A 148 3.90 1.45 -19.91
CA PRO A 148 2.67 0.83 -19.46
C PRO A 148 2.59 0.89 -17.95
N ILE A 149 1.38 0.69 -17.41
CA ILE A 149 1.13 0.68 -15.94
C ILE A 149 1.86 -0.50 -15.31
N PRO A 150 2.60 -0.30 -14.19
CA PRO A 150 3.34 -1.39 -13.57
C PRO A 150 2.47 -2.63 -13.33
N ASP A 151 1.32 -2.44 -12.69
CA ASP A 151 0.50 -3.62 -12.30
C ASP A 151 -0.25 -4.21 -13.50
N VAL A 152 -0.33 -3.50 -14.64
CA VAL A 152 -0.78 -4.06 -15.92
C VAL A 152 0.32 -4.99 -16.47
N MET A 153 1.56 -4.53 -16.44
CA MET A 153 2.67 -5.42 -16.87
C MET A 153 2.67 -6.69 -16.07
N SER A 154 2.62 -6.60 -14.76
CA SER A 154 2.68 -7.83 -13.94
C SER A 154 1.40 -8.65 -14.08
N ALA A 155 0.24 -8.04 -14.29
CA ALA A 155 -1.00 -8.81 -14.49
C ALA A 155 -0.93 -9.58 -15.80
N ILE A 156 -0.36 -9.00 -16.83
CA ILE A 156 -0.22 -9.73 -18.11
C ILE A 156 0.73 -10.90 -17.91
N ILE A 157 1.84 -10.71 -17.19
CA ILE A 157 2.78 -11.81 -16.93
C ILE A 157 2.06 -12.90 -16.14
N THR A 158 1.39 -12.56 -15.06
CA THR A 158 0.71 -13.59 -14.24
CA THR A 158 0.70 -13.60 -14.24
C THR A 158 -0.39 -14.31 -15.03
N TYR A 159 -1.10 -13.59 -15.86
CA TYR A 159 -2.11 -14.22 -16.73
C TYR A 159 -1.46 -15.32 -17.51
N MET A 160 -0.40 -14.98 -18.21
CA MET A 160 0.27 -15.94 -19.11
C MET A 160 0.79 -17.10 -18.30
N VAL A 161 1.40 -16.88 -17.15
CA VAL A 161 1.95 -18.00 -16.35
C VAL A 161 0.80 -18.85 -15.83
N THR A 162 -0.20 -18.26 -15.17
CA THR A 162 -1.33 -18.95 -14.51
C THR A 162 -2.15 -19.70 -15.54
N PHE A 163 -2.52 -19.05 -16.63
CA PHE A 163 -3.47 -19.60 -17.62
C PHE A 163 -2.75 -20.36 -18.73
N ASP A 164 -1.43 -20.27 -18.81
CA ASP A 164 -0.63 -20.95 -19.86
C ASP A 164 -1.18 -20.63 -21.26
N ARG A 165 -1.43 -19.35 -21.50
CA ARG A 165 -1.87 -18.92 -22.82
C ARG A 165 -1.59 -17.42 -22.96
N LEU A 166 -1.52 -16.98 -24.19
CA LEU A 166 -1.36 -15.53 -24.46
C LEU A 166 -2.70 -14.88 -24.15
N PRO A 167 -2.70 -13.61 -23.75
CA PRO A 167 -3.98 -12.90 -23.62
C PRO A 167 -4.64 -12.77 -24.99
N ASP A 168 -5.96 -12.70 -24.99
CA ASP A 168 -6.70 -12.37 -26.22
C ASP A 168 -6.45 -10.88 -26.53
N VAL A 169 -6.34 -10.57 -27.80
CA VAL A 169 -5.91 -9.22 -28.23
C VAL A 169 -6.92 -8.61 -29.19
N ASP A 170 -6.87 -7.30 -29.30
CA ASP A 170 -7.62 -6.54 -30.32
C ASP A 170 -6.91 -6.68 -31.68
N ARG A 171 -7.42 -5.92 -32.64
CA ARG A 171 -6.93 -6.02 -34.02
C ARG A 171 -5.52 -5.45 -34.13
N MET A 172 -5.01 -4.79 -33.10
CA MET A 172 -3.64 -4.20 -33.09
C MET A 172 -2.71 -5.05 -32.25
N GLY A 173 -3.17 -6.14 -31.65
CA GLY A 173 -2.28 -6.99 -30.85
C GLY A 173 -2.20 -6.55 -29.39
N ARG A 174 -3.09 -5.67 -28.91
CA ARG A 174 -3.08 -5.23 -27.50
C ARG A 174 -4.01 -6.11 -26.68
N PRO A 175 -3.63 -6.53 -25.47
CA PRO A 175 -4.54 -7.31 -24.64
C PRO A 175 -5.87 -6.62 -24.36
N LEU A 176 -6.94 -7.31 -24.71
CA LEU A 176 -8.30 -6.76 -24.52
C LEU A 176 -8.54 -6.41 -23.05
N MET A 177 -7.97 -7.20 -22.13
CA MET A 177 -8.24 -7.01 -20.70
C MET A 177 -7.97 -5.56 -20.27
N PHE A 178 -6.86 -4.97 -20.73
CA PHE A 178 -6.44 -3.62 -20.26
C PHE A 178 -6.54 -2.55 -21.34
N TYR A 179 -6.71 -2.92 -22.62
CA TYR A 179 -6.69 -1.95 -23.73
C TYR A 179 -8.01 -1.97 -24.49
N GLY A 180 -9.03 -2.65 -24.00
CA GLY A 180 -10.30 -2.73 -24.72
C GLY A 180 -11.12 -1.48 -24.66
N GLN A 181 -10.90 -0.61 -23.67
CA GLN A 181 -11.72 0.59 -23.49
C GLN A 181 -10.84 1.84 -23.43
N ARG A 182 -11.44 2.97 -23.72
CA ARG A 182 -10.70 4.25 -23.75
C ARG A 182 -10.60 4.84 -22.34
N ILE A 183 -9.55 5.64 -22.13
CA ILE A 183 -9.39 6.37 -20.85
C ILE A 183 -10.66 7.14 -20.54
N HIS A 184 -11.22 7.83 -21.52
CA HIS A 184 -12.41 8.70 -21.38
C HIS A 184 -13.69 7.91 -21.11
N ASP A 185 -13.70 6.60 -21.36
N ASP A 185 -13.69 6.59 -21.42
CA ASP A 185 -14.93 5.83 -21.12
CA ASP A 185 -14.79 5.62 -21.18
C ASP A 185 -14.90 5.24 -19.70
C ASP A 185 -14.92 5.31 -19.68
N LYS A 186 -13.84 5.53 -18.91
CA LYS A 186 -13.76 5.14 -17.48
C LYS A 186 -13.15 6.27 -16.67
N CYS A 187 -13.32 7.52 -17.13
CA CYS A 187 -12.70 8.69 -16.44
C CYS A 187 -13.65 9.23 -15.39
N TYR A 188 -13.13 9.44 -14.21
CA TYR A 188 -13.93 9.97 -13.07
C TYR A 188 -14.27 11.45 -13.28
N ARG A 189 -13.72 12.13 -14.28
CA ARG A 189 -14.12 13.53 -14.57
C ARG A 189 -15.13 13.57 -15.71
N ARG A 190 -15.66 12.45 -16.18
CA ARG A 190 -16.61 12.46 -17.30
C ARG A 190 -17.86 13.26 -16.94
N ALA A 191 -18.31 13.26 -15.68
CA ALA A 191 -19.47 14.06 -15.28
C ALA A 191 -19.25 15.50 -15.73
N HIS A 192 -18.04 16.03 -15.52
CA HIS A 192 -17.75 17.44 -15.84
C HIS A 192 -17.73 17.63 -17.35
N PHE A 193 -17.12 16.74 -18.09
CA PHE A 193 -17.15 16.77 -19.57
C PHE A 193 -18.60 16.83 -20.06
N ASP A 194 -19.50 16.00 -19.52
CA ASP A 194 -20.94 15.95 -19.91
CA ASP A 194 -20.90 15.97 -20.01
C ASP A 194 -21.62 17.28 -19.61
N ALA A 195 -21.23 17.92 -18.52
CA ALA A 195 -21.85 19.15 -18.03
C ALA A 195 -21.24 20.39 -18.69
N GLY A 196 -20.18 20.26 -19.47
CA GLY A 196 -19.49 21.45 -20.02
C GLY A 196 -18.70 22.20 -18.96
N GLU A 197 -18.14 21.47 -17.97
CA GLU A 197 -17.43 21.98 -16.80
C GLU A 197 -15.93 21.68 -17.04
N PHE A 198 -15.20 22.69 -17.51
CA PHE A 198 -13.83 22.50 -18.03
C PHE A 198 -12.86 23.43 -17.32
N VAL A 199 -11.63 22.95 -17.10
CA VAL A 199 -10.49 23.82 -16.79
C VAL A 199 -10.23 24.64 -18.07
N GLN A 200 -10.05 25.94 -17.90
CA GLN A 200 -9.72 26.81 -19.06
C GLN A 200 -8.32 27.35 -19.01
N SER A 201 -7.75 27.46 -17.83
N SER A 201 -7.78 27.57 -17.82
CA SER A 201 -6.33 27.82 -17.66
CA SER A 201 -6.38 27.99 -17.55
C SER A 201 -5.82 27.25 -16.34
C SER A 201 -5.85 27.16 -16.39
N TRP A 202 -4.53 26.91 -16.30
CA TRP A 202 -3.99 26.14 -15.15
C TRP A 202 -4.38 26.86 -13.84
N ASP A 203 -4.78 26.07 -12.85
CA ASP A 203 -4.94 26.52 -11.46
C ASP A 203 -6.12 27.51 -11.36
N ASP A 204 -7.05 27.47 -12.32
CA ASP A 204 -8.30 28.25 -12.21
C ASP A 204 -9.25 27.53 -11.23
N ASP A 205 -10.41 28.13 -10.98
CA ASP A 205 -11.32 27.56 -9.97
C ASP A 205 -11.77 26.18 -10.41
N ALA A 206 -11.98 25.99 -11.70
CA ALA A 206 -12.34 24.68 -12.28
C ALA A 206 -11.25 23.63 -11.98
N ALA A 207 -9.99 24.01 -12.13
CA ALA A 207 -8.89 23.06 -11.89
C ALA A 207 -8.93 22.62 -10.43
N ARG A 208 -9.19 23.55 -9.54
CA ARG A 208 -9.17 23.29 -8.07
C ARG A 208 -10.38 22.47 -7.64
N LYS A 209 -11.36 22.24 -8.51
CA LYS A 209 -12.51 21.36 -8.21
C LYS A 209 -12.43 20.06 -9.03
N GLY A 210 -11.35 19.87 -9.79
CA GLY A 210 -11.21 18.61 -10.55
C GLY A 210 -12.07 18.54 -11.81
N TYR A 211 -12.32 19.69 -12.47
CA TYR A 211 -13.11 19.69 -13.71
C TYR A 211 -12.31 19.03 -14.84
N CYS A 212 -13.03 18.76 -15.93
CA CYS A 212 -12.53 18.02 -17.09
C CYS A 212 -11.42 18.81 -17.77
N LEU A 213 -10.45 18.10 -18.30
CA LEU A 213 -9.20 18.65 -18.90
C LEU A 213 -9.27 18.65 -20.43
N TYR A 214 -10.44 18.42 -21.01
CA TYR A 214 -10.60 18.39 -22.49
C TYR A 214 -10.06 19.67 -23.15
N LYS A 215 -10.43 20.83 -22.63
CA LYS A 215 -10.00 22.13 -23.25
C LYS A 215 -8.52 22.40 -22.99
N MET A 216 -7.89 21.69 -22.07
CA MET A 216 -6.43 21.76 -21.82
C MET A 216 -5.69 20.70 -22.65
N GLY A 217 -6.37 20.03 -23.58
CA GLY A 217 -5.75 19.13 -24.55
C GLY A 217 -5.82 17.65 -24.21
N CYS A 218 -6.61 17.27 -23.23
CA CYS A 218 -6.65 15.85 -22.82
C CYS A 218 -6.95 14.95 -24.03
N LYS A 219 -6.14 13.94 -24.20
CA LYS A 219 -6.29 12.96 -25.29
C LYS A 219 -6.98 11.68 -24.85
N GLY A 220 -7.56 11.70 -23.66
CA GLY A 220 -8.32 10.56 -23.15
C GLY A 220 -9.39 10.03 -24.11
N PRO A 221 -10.10 10.91 -24.86
CA PRO A 221 -11.14 10.44 -25.79
C PRO A 221 -10.61 9.56 -26.92
N CYS A 222 -9.33 9.56 -27.20
CA CYS A 222 -8.85 8.74 -28.35
CA CYS A 222 -8.74 8.83 -28.36
C CYS A 222 -7.76 7.75 -27.90
N THR A 223 -7.70 7.45 -26.62
CA THR A 223 -6.59 6.65 -26.09
C THR A 223 -7.12 5.43 -25.34
N TYR A 224 -6.61 4.26 -25.68
CA TYR A 224 -6.97 2.99 -25.03
C TYR A 224 -5.88 2.59 -24.02
N ASN A 225 -6.27 2.45 -22.77
CA ASN A 225 -5.37 2.05 -21.67
C ASN A 225 -6.25 1.88 -20.44
N ALA A 226 -5.64 1.53 -19.33
CA ALA A 226 -6.32 1.18 -18.07
C ALA A 226 -6.12 2.29 -17.00
N CYS A 227 -5.63 3.47 -17.36
CA CYS A 227 -5.15 4.43 -16.34
C CYS A 227 -6.28 4.94 -15.49
N SER A 228 -7.44 5.11 -16.07
CA SER A 228 -8.58 5.71 -15.35
C SER A 228 -9.32 4.71 -14.47
N SER A 229 -8.92 3.44 -14.51
CA SER A 229 -9.58 2.37 -13.71
CA SER A 229 -9.57 2.32 -13.77
C SER A 229 -8.54 1.71 -12.82
N THR A 230 -7.51 1.09 -13.38
CA THR A 230 -6.46 0.44 -12.57
C THR A 230 -5.60 1.50 -11.91
N ARG A 231 -5.38 2.62 -12.59
CA ARG A 231 -4.54 3.73 -12.11
C ARG A 231 -3.08 3.30 -11.96
N TRP A 232 -2.27 4.17 -11.40
CA TRP A 232 -0.79 4.05 -11.40
C TRP A 232 -0.23 3.96 -9.98
N ASN A 233 0.84 3.20 -9.84
CA ASN A 233 1.65 3.21 -8.60
C ASN A 233 0.77 2.76 -7.44
N ASP A 234 0.26 1.54 -7.57
CA ASP A 234 -0.59 0.91 -6.54
C ASP A 234 -1.87 1.71 -6.35
N GLY A 235 -2.45 2.16 -7.46
CA GLY A 235 -3.72 2.86 -7.47
C GLY A 235 -3.67 4.28 -6.92
N VAL A 236 -2.52 4.86 -6.75
CA VAL A 236 -2.39 6.19 -6.12
C VAL A 236 -2.90 7.28 -7.06
N SER A 237 -2.58 7.28 -8.36
CA SER A 237 -3.02 8.41 -9.20
C SER A 237 -3.07 8.00 -10.66
N PHE A 238 -3.38 8.94 -11.52
CA PHE A 238 -3.06 8.82 -12.96
C PHE A 238 -2.94 10.24 -13.48
N PRO A 239 -2.49 10.44 -14.73
CA PRO A 239 -2.24 11.81 -15.23
C PRO A 239 -3.37 12.80 -14.97
N ILE A 240 -4.59 12.41 -15.32
CA ILE A 240 -5.77 13.30 -15.20
C ILE A 240 -6.10 13.56 -13.73
N GLN A 241 -5.97 12.55 -12.87
CA GLN A 241 -6.30 12.76 -11.44
C GLN A 241 -5.36 13.81 -10.82
N SER A 242 -4.13 13.91 -11.28
CA SER A 242 -3.16 14.90 -10.79
C SER A 242 -3.19 16.20 -11.62
N GLY A 243 -4.16 16.34 -12.52
CA GLY A 243 -4.43 17.65 -13.13
C GLY A 243 -3.88 17.87 -14.51
N HIS A 244 -3.19 16.91 -15.13
CA HIS A 244 -2.73 17.06 -16.53
C HIS A 244 -3.60 16.20 -17.43
N GLY A 245 -3.94 16.70 -18.61
CA GLY A 245 -4.65 15.85 -19.58
C GLY A 245 -3.79 14.67 -19.97
N CYS A 246 -4.43 13.58 -20.35
CA CYS A 246 -3.78 12.45 -21.05
C CYS A 246 -3.04 12.99 -22.27
N LEU A 247 -1.78 12.59 -22.43
CA LEU A 247 -0.97 12.90 -23.61
C LEU A 247 -1.33 11.98 -24.76
N GLY A 248 -1.99 10.85 -24.51
CA GLY A 248 -2.28 9.89 -25.56
C GLY A 248 -1.22 8.81 -25.65
N CYS A 249 -0.43 8.58 -24.58
CA CYS A 249 0.89 7.91 -24.69
C CYS A 249 0.80 6.43 -25.02
N ALA A 250 -0.36 5.79 -24.94
CA ALA A 250 -0.53 4.38 -25.38
C ALA A 250 -0.82 4.26 -26.87
N GLU A 251 -1.04 5.35 -27.60
CA GLU A 251 -1.46 5.23 -29.01
C GLU A 251 -0.31 5.48 -29.97
N ASN A 252 -0.31 4.69 -31.04
CA ASN A 252 0.61 4.83 -32.18
C ASN A 252 0.63 6.31 -32.62
N GLY A 253 1.84 6.88 -32.70
CA GLY A 253 2.04 8.21 -33.28
C GLY A 253 1.58 9.35 -32.40
N PHE A 254 1.44 9.12 -31.09
CA PHE A 254 0.82 10.14 -30.24
C PHE A 254 1.66 11.39 -30.15
N TRP A 255 2.97 11.33 -30.32
CA TRP A 255 3.86 12.51 -30.30
C TRP A 255 3.54 13.47 -31.44
N ASP A 256 2.99 12.98 -32.51
CA ASP A 256 2.81 13.77 -33.75
C ASP A 256 1.35 14.06 -34.05
N ARG A 257 0.49 13.89 -33.05
CA ARG A 257 -0.93 14.28 -33.22
C ARG A 257 -1.18 15.70 -32.75
N GLY A 258 -0.23 16.60 -32.88
CA GLY A 258 -0.41 17.98 -32.47
C GLY A 258 0.01 18.19 -31.04
N SER A 259 -0.01 19.45 -30.65
CA SER A 259 0.37 19.89 -29.29
C SER A 259 -0.46 19.11 -28.29
N PHE A 260 0.17 18.72 -27.18
CA PHE A 260 -0.56 18.05 -26.09
C PHE A 260 -1.63 19.00 -25.55
N TYR A 261 -1.49 20.32 -25.77
CA TYR A 261 -2.43 21.32 -25.23
C TYR A 261 -3.47 21.73 -26.27
N SER A 262 -3.48 21.14 -27.46
CA SER A 262 -4.58 21.37 -28.45
CA SER A 262 -4.54 21.35 -28.48
C SER A 262 -5.68 20.34 -28.24
N ARG A 263 -6.93 20.78 -28.25
CA ARG A 263 -8.05 19.88 -27.96
C ARG A 263 -8.21 18.88 -29.10
N VAL A 264 -8.72 17.71 -28.77
CA VAL A 264 -9.06 16.65 -29.79
C VAL A 264 -9.95 17.26 -30.88
N SER B 2 51.11 0.57 -32.56
CA SER B 2 50.64 1.13 -31.27
C SER B 2 51.22 2.54 -31.08
N THR B 3 50.55 3.39 -30.31
CA THR B 3 51.03 4.76 -30.03
C THR B 3 50.92 5.04 -28.56
N GLN B 4 51.68 6.01 -28.10
CA GLN B 4 51.60 6.47 -26.70
C GLN B 4 51.64 7.99 -26.71
N TYR B 5 50.87 8.63 -25.84
CA TYR B 5 50.95 10.10 -25.61
C TYR B 5 50.60 10.41 -24.16
N GLU B 6 50.94 11.62 -23.71
CA GLU B 6 50.72 12.05 -22.33
C GLU B 6 49.58 13.06 -22.31
N THR B 7 48.67 12.89 -21.36
CA THR B 7 47.62 13.88 -21.09
C THR B 7 47.16 13.77 -19.64
N GLN B 8 46.98 14.91 -18.99
CA GLN B 8 46.40 15.00 -17.62
C GLN B 8 47.16 14.11 -16.63
N GLY B 9 48.47 13.88 -16.85
CA GLY B 9 49.32 13.11 -15.96
C GLY B 9 49.31 11.62 -16.28
N TYR B 10 48.56 11.23 -17.28
CA TYR B 10 48.43 9.82 -17.71
C TYR B 10 49.31 9.56 -18.93
N THR B 11 49.74 8.31 -19.04
CA THR B 11 50.42 7.82 -20.27
C THR B 11 49.42 6.92 -20.99
N ILE B 12 48.87 7.39 -22.08
CA ILE B 12 47.85 6.64 -22.86
C ILE B 12 48.61 5.79 -23.85
N ASN B 13 48.57 4.49 -23.65
CA ASN B 13 49.41 3.53 -24.40
C ASN B 13 48.54 2.39 -24.92
N ASN B 14 48.35 2.28 -26.24
CA ASN B 14 47.47 1.23 -26.80
C ASN B 14 48.29 0.01 -27.29
N ALA B 15 49.51 -0.16 -26.80
CA ALA B 15 50.24 -1.44 -26.90
C ALA B 15 49.58 -2.46 -25.99
N GLY B 16 49.89 -3.72 -26.21
CA GLY B 16 49.46 -4.79 -25.30
C GLY B 16 48.05 -5.29 -25.63
N ARG B 17 47.64 -6.25 -24.85
CA ARG B 17 46.36 -6.96 -25.04
CA ARG B 17 46.36 -6.97 -25.06
C ARG B 17 45.19 -5.96 -25.02
N ARG B 18 44.26 -6.13 -25.96
CA ARG B 18 43.02 -5.34 -26.05
C ARG B 18 41.88 -6.17 -25.47
N LEU B 19 41.17 -5.63 -24.50
CA LEU B 19 39.98 -6.26 -23.91
C LEU B 19 38.75 -5.43 -24.29
N VAL B 20 37.68 -6.15 -24.62
CA VAL B 20 36.37 -5.55 -25.00
C VAL B 20 35.31 -6.00 -24.03
N VAL B 21 34.54 -5.04 -23.53
CA VAL B 21 33.38 -5.31 -22.67
C VAL B 21 32.19 -4.68 -23.37
N ASP B 22 31.41 -5.50 -24.08
CA ASP B 22 30.24 -5.03 -24.87
C ASP B 22 29.26 -6.18 -24.94
N PRO B 23 28.11 -6.13 -24.24
CA PRO B 23 27.58 -4.94 -23.57
C PRO B 23 28.06 -4.72 -22.13
N ILE B 24 28.15 -3.47 -21.72
CA ILE B 24 28.20 -3.14 -20.28
C ILE B 24 26.78 -3.35 -19.76
N THR B 25 26.62 -4.10 -18.71
CA THR B 25 25.30 -4.41 -18.11
C THR B 25 25.23 -3.68 -16.78
N ARG B 26 24.05 -3.74 -16.18
CA ARG B 26 23.77 -3.04 -14.89
C ARG B 26 24.09 -1.56 -15.00
N ILE B 27 23.76 -1.02 -16.15
CA ILE B 27 23.73 0.43 -16.41
C ILE B 27 22.36 0.65 -17.05
N GLU B 28 22.01 1.91 -17.26
CA GLU B 28 20.93 2.23 -18.23
C GLU B 28 21.55 2.28 -19.64
N GLY B 29 20.88 1.67 -20.62
CA GLY B 29 21.20 1.82 -22.04
C GLY B 29 22.47 1.11 -22.46
N HIS B 30 23.03 1.60 -23.53
CA HIS B 30 24.04 0.88 -24.36
C HIS B 30 25.41 1.54 -24.23
N MET B 31 26.36 0.76 -23.76
CA MET B 31 27.77 1.19 -23.64
C MET B 31 28.68 0.03 -24.05
N ARG B 32 29.78 0.40 -24.70
CA ARG B 32 30.94 -0.49 -24.95
C ARG B 32 32.15 0.14 -24.28
N CYS B 33 33.00 -0.69 -23.73
CA CYS B 33 34.28 -0.22 -23.17
C CYS B 33 35.39 -1.09 -23.70
N GLU B 34 36.48 -0.49 -24.12
CA GLU B 34 37.69 -1.28 -24.46
C GLU B 34 38.85 -0.76 -23.63
N VAL B 35 39.79 -1.65 -23.30
CA VAL B 35 41.02 -1.21 -22.63
C VAL B 35 42.19 -1.90 -23.29
N ASN B 36 43.39 -1.38 -23.07
CA ASN B 36 44.63 -2.16 -23.25
C ASN B 36 45.25 -2.35 -21.89
N ILE B 37 45.81 -3.55 -21.71
CA ILE B 37 46.53 -3.88 -20.46
C ILE B 37 47.97 -4.22 -20.84
N ASN B 38 48.85 -3.87 -19.92
CA ASN B 38 50.29 -4.15 -20.08
C ASN B 38 50.59 -5.54 -19.49
N ASP B 39 51.90 -5.87 -19.47
CA ASP B 39 52.32 -7.22 -19.08
C ASP B 39 52.09 -7.46 -17.58
N GLN B 40 51.78 -6.43 -16.80
CA GLN B 40 51.41 -6.56 -15.36
C GLN B 40 49.88 -6.49 -15.21
N ASN B 41 49.14 -6.69 -16.31
CA ASN B 41 47.64 -6.69 -16.27
C ASN B 41 47.13 -5.36 -15.71
N VAL B 42 47.82 -4.25 -15.95
CA VAL B 42 47.38 -2.90 -15.56
C VAL B 42 46.92 -2.16 -16.80
N ILE B 43 45.78 -1.51 -16.67
CA ILE B 43 45.20 -0.73 -17.79
C ILE B 43 46.08 0.47 -18.16
N THR B 44 46.47 0.55 -19.42
CA THR B 44 47.29 1.65 -19.96
C THR B 44 46.52 2.44 -21.03
N ASN B 45 45.28 2.03 -21.29
CA ASN B 45 44.42 2.74 -22.25
C ASN B 45 42.99 2.34 -21.92
N ALA B 46 42.08 3.30 -21.99
CA ALA B 46 40.66 3.04 -21.75
C ALA B 46 39.84 3.87 -22.73
N VAL B 47 38.82 3.23 -23.32
CA VAL B 47 37.98 3.76 -24.40
C VAL B 47 36.51 3.62 -24.01
N SER B 48 35.86 4.75 -23.84
CA SER B 48 34.44 4.86 -23.44
C SER B 48 33.61 5.09 -24.70
N CYS B 49 32.62 4.24 -24.98
CA CYS B 49 31.82 4.32 -26.24
C CYS B 49 30.33 4.22 -25.91
N GLY B 50 29.56 5.23 -26.30
CA GLY B 50 28.11 5.16 -26.26
C GLY B 50 27.61 4.50 -27.52
N THR B 51 26.87 3.39 -27.36
CA THR B 51 26.44 2.53 -28.48
C THR B 51 24.96 2.73 -28.78
N MET B 52 24.42 3.92 -28.60
CA MET B 52 23.04 4.23 -28.99
C MET B 52 22.94 5.71 -29.29
N PHE B 53 21.91 6.06 -30.06
CA PHE B 53 21.52 7.44 -30.35
C PHE B 53 20.06 7.43 -30.78
N ARG B 54 19.33 8.47 -30.38
CA ARG B 54 17.92 8.62 -30.79
C ARG B 54 17.66 9.98 -31.45
N GLY B 55 18.31 11.04 -30.99
CA GLY B 55 18.15 12.33 -31.70
C GLY B 55 17.06 13.24 -31.16
N LEU B 56 16.84 13.30 -29.85
CA LEU B 56 15.82 14.18 -29.26
C LEU B 56 16.08 15.64 -29.66
N GLU B 57 17.33 16.10 -29.80
CA GLU B 57 17.59 17.52 -30.13
C GLU B 57 17.03 17.85 -31.52
N ILE B 58 16.96 16.86 -32.39
CA ILE B 58 16.46 17.01 -33.76
C ILE B 58 14.93 16.95 -33.71
N ILE B 59 14.38 16.01 -32.96
CA ILE B 59 12.91 15.80 -32.82
C ILE B 59 12.25 17.02 -32.18
N LEU B 60 12.95 17.70 -31.29
CA LEU B 60 12.39 18.85 -30.58
C LEU B 60 12.23 20.06 -31.50
N GLN B 61 12.95 20.10 -32.60
CA GLN B 61 12.79 21.27 -33.49
C GLN B 61 11.35 21.34 -33.98
N GLY B 62 10.80 22.55 -34.00
CA GLY B 62 9.43 22.74 -34.50
C GLY B 62 8.35 22.42 -33.48
N ARG B 63 8.71 21.93 -32.30
CA ARG B 63 7.67 21.64 -31.30
C ARG B 63 7.25 22.95 -30.64
N ASP B 64 6.06 22.94 -30.04
CA ASP B 64 5.65 24.03 -29.15
C ASP B 64 6.48 23.98 -27.88
N PRO B 65 7.09 25.10 -27.42
CA PRO B 65 7.89 25.07 -26.20
C PRO B 65 7.14 24.48 -25.00
N ARG B 66 5.84 24.63 -24.93
CA ARG B 66 5.04 24.10 -23.79
C ARG B 66 5.05 22.57 -23.79
N ASP B 67 5.22 21.95 -24.94
CA ASP B 67 5.22 20.47 -25.08
CA ASP B 67 5.22 20.48 -25.07
C ASP B 67 6.61 19.90 -24.81
N ALA B 68 7.66 20.73 -24.84
CA ALA B 68 9.03 20.20 -24.90
C ALA B 68 9.33 19.24 -23.73
N TRP B 69 8.85 19.58 -22.53
CA TRP B 69 9.18 18.80 -21.32
C TRP B 69 8.81 17.33 -21.53
N ALA B 70 7.68 17.09 -22.19
CA ALA B 70 7.11 15.73 -22.29
C ALA B 70 8.01 14.88 -23.19
N PHE B 71 8.52 15.50 -24.28
CA PHE B 71 9.46 14.83 -25.20
C PHE B 71 10.77 14.51 -24.51
N VAL B 72 11.38 15.54 -23.91
CA VAL B 72 12.74 15.38 -23.35
C VAL B 72 12.68 14.58 -22.06
N GLU B 73 11.54 14.47 -21.39
CA GLU B 73 11.46 13.56 -20.24
C GLU B 73 11.87 12.15 -20.68
N ARG B 74 11.49 11.78 -21.91
CA ARG B 74 11.80 10.43 -22.46
C ARG B 74 13.25 10.33 -22.92
N ILE B 75 14.12 11.29 -22.67
CA ILE B 75 15.58 11.02 -22.75
C ILE B 75 15.86 9.84 -21.82
N CYS B 76 15.18 9.71 -20.68
CA CYS B 76 15.57 8.68 -19.74
C CYS B 76 14.50 8.38 -18.69
N GLY B 77 14.21 7.09 -18.54
CA GLY B 77 13.20 6.63 -17.57
C GLY B 77 13.82 6.25 -16.23
N VAL B 78 15.12 6.26 -16.11
CA VAL B 78 15.84 6.00 -14.83
C VAL B 78 15.88 7.31 -14.06
N CSO B 79 16.50 8.34 -14.64
CA CSO B 79 16.40 9.68 -14.07
CB CSO B 79 17.67 10.48 -14.33
SG CSO B 79 18.10 10.74 -16.09
C CSO B 79 15.13 10.37 -14.56
O CSO B 79 15.12 11.52 -15.01
OD CSO B 79 17.58 9.36 -16.86
N THR B 80 14.00 9.70 -14.38
CA THR B 80 12.73 10.19 -14.88
C THR B 80 12.34 11.47 -14.14
N GLY B 81 11.97 12.46 -14.91
CA GLY B 81 11.53 13.75 -14.39
C GLY B 81 12.59 14.80 -14.51
N VAL B 82 13.86 14.46 -14.41
CA VAL B 82 14.91 15.50 -14.32
C VAL B 82 14.97 16.31 -15.62
N HIS B 83 14.76 15.67 -16.77
CA HIS B 83 14.81 16.38 -18.05
C HIS B 83 13.55 17.22 -18.22
N ALA B 84 12.42 16.81 -17.64
CA ALA B 84 11.21 17.65 -17.68
C ALA B 84 11.47 18.92 -16.87
N LEU B 85 12.07 18.79 -15.71
CA LEU B 85 12.41 19.94 -14.85
C LEU B 85 13.34 20.89 -15.58
N ALA B 86 14.42 20.35 -16.14
CA ALA B 86 15.37 21.21 -16.89
C ALA B 86 14.64 21.91 -18.04
N SER B 87 13.71 21.24 -18.67
CA SER B 87 12.98 21.80 -19.82
C SER B 87 12.09 22.95 -19.38
N VAL B 88 11.27 22.73 -18.37
CA VAL B 88 10.36 23.83 -17.97
C VAL B 88 11.23 24.98 -17.44
N TYR B 89 12.31 24.70 -16.74
CA TYR B 89 13.24 25.81 -16.37
C TYR B 89 13.74 26.54 -17.62
N ALA B 90 14.13 25.85 -18.68
CA ALA B 90 14.72 26.48 -19.88
C ALA B 90 13.67 27.31 -20.61
N ILE B 91 12.45 26.83 -20.75
CA ILE B 91 11.41 27.57 -21.48
C ILE B 91 11.02 28.78 -20.63
N GLU B 92 10.91 28.63 -19.32
CA GLU B 92 10.55 29.76 -18.44
C GLU B 92 11.65 30.82 -18.49
N ASP B 93 12.89 30.39 -18.53
CA ASP B 93 14.04 31.31 -18.66
C ASP B 93 13.95 32.04 -19.99
N ALA B 94 13.61 31.37 -21.05
CA ALA B 94 13.56 32.02 -22.40
C ALA B 94 12.43 33.05 -22.44
N ILE B 95 11.23 32.66 -22.05
CA ILE B 95 10.04 33.52 -22.21
C ILE B 95 10.04 34.62 -21.15
N GLY B 96 10.53 34.37 -19.95
CA GLY B 96 10.46 35.29 -18.81
C GLY B 96 9.26 34.97 -17.92
N ILE B 97 9.14 33.73 -17.49
CA ILE B 97 8.02 33.25 -16.65
C ILE B 97 8.54 33.02 -15.25
N LYS B 98 7.80 33.43 -14.27
CA LYS B 98 8.08 33.19 -12.85
C LYS B 98 6.95 32.33 -12.31
N VAL B 99 7.28 31.25 -11.64
CA VAL B 99 6.26 30.30 -11.13
C VAL B 99 5.97 30.63 -9.67
N PRO B 100 4.78 30.28 -9.17
CA PRO B 100 4.48 30.48 -7.77
C PRO B 100 5.33 29.61 -6.84
N ASP B 101 5.51 30.07 -5.61
CA ASP B 101 6.35 29.33 -4.66
C ASP B 101 5.95 27.85 -4.55
N ASN B 102 4.66 27.54 -4.41
CA ASN B 102 4.27 26.10 -4.25
C ASN B 102 4.71 25.28 -5.45
N ALA B 103 4.70 25.84 -6.67
CA ALA B 103 5.16 25.07 -7.82
C ALA B 103 6.65 24.80 -7.63
N ASN B 104 7.42 25.80 -7.24
CA ASN B 104 8.87 25.59 -7.06
C ASN B 104 9.15 24.56 -5.96
N ILE B 105 8.41 24.64 -4.86
CA ILE B 105 8.57 23.68 -3.75
C ILE B 105 8.25 22.26 -4.25
N ILE B 106 7.15 22.14 -4.98
CA ILE B 106 6.75 20.80 -5.48
C ILE B 106 7.76 20.28 -6.51
N ARG B 107 8.34 21.13 -7.33
CA ARG B 107 9.39 20.69 -8.26
C ARG B 107 10.58 20.20 -7.45
N ASN B 108 10.98 20.91 -6.39
CA ASN B 108 12.08 20.46 -5.52
C ASN B 108 11.74 19.11 -4.87
N ILE B 109 10.49 18.91 -4.46
CA ILE B 109 10.06 17.58 -3.97
C ILE B 109 10.19 16.51 -5.05
N MET B 110 9.82 16.84 -6.27
CA MET B 110 9.93 15.87 -7.38
C MET B 110 11.41 15.49 -7.58
N LEU B 111 12.31 16.47 -7.49
CA LEU B 111 13.75 16.21 -7.75
C LEU B 111 14.34 15.44 -6.57
N ALA B 112 14.00 15.80 -5.31
CA ALA B 112 14.55 15.10 -4.15
C ALA B 112 14.02 13.66 -4.10
N THR B 113 12.77 13.44 -4.50
CA THR B 113 12.17 12.10 -4.59
C THR B 113 12.97 11.28 -5.57
N LEU B 114 13.28 11.83 -6.72
CA LEU B 114 14.10 11.16 -7.74
C LEU B 114 15.48 10.83 -7.18
N TRP B 115 16.14 11.78 -6.54
CA TRP B 115 17.47 11.51 -5.97
C TRP B 115 17.37 10.30 -5.03
N CYS B 116 16.39 10.28 -4.15
CA CYS B 116 16.25 9.16 -3.19
C CYS B 116 16.05 7.83 -3.93
N HIS B 117 15.09 7.79 -4.82
CA HIS B 117 14.69 6.57 -5.54
C HIS B 117 15.87 6.07 -6.39
N ASP B 118 16.41 6.97 -7.20
CA ASP B 118 17.43 6.62 -8.20
C ASP B 118 18.69 6.14 -7.49
N HIS B 119 19.14 6.88 -6.48
CA HIS B 119 20.37 6.47 -5.75
C HIS B 119 20.16 5.14 -5.06
N LEU B 120 18.99 4.91 -4.48
CA LEU B 120 18.72 3.63 -3.78
C LEU B 120 18.80 2.46 -4.76
N VAL B 121 18.10 2.54 -5.89
CA VAL B 121 18.10 1.44 -6.90
C VAL B 121 19.51 1.30 -7.48
N HIS B 122 20.25 2.37 -7.69
CA HIS B 122 21.64 2.21 -8.20
C HIS B 122 22.47 1.39 -7.22
N PHE B 123 22.40 1.75 -5.94
CA PHE B 123 23.26 1.10 -4.91
C PHE B 123 23.05 -0.39 -4.94
N TYR B 124 21.77 -0.82 -4.90
CA TYR B 124 21.44 -2.25 -4.76
C TYR B 124 21.38 -2.95 -6.11
N GLN B 125 20.50 -2.55 -7.01
CA GLN B 125 20.22 -3.33 -8.21
C GLN B 125 21.30 -3.12 -9.28
N LEU B 126 22.01 -1.99 -9.33
CA LEU B 126 22.97 -1.73 -10.41
C LEU B 126 24.37 -2.03 -9.91
N ALA B 127 24.87 -1.34 -8.90
CA ALA B 127 26.25 -1.54 -8.43
C ALA B 127 26.39 -2.69 -7.46
N GLY B 128 25.36 -3.06 -6.72
CA GLY B 128 25.50 -3.93 -5.54
C GLY B 128 26.27 -5.22 -5.82
N MET B 129 25.94 -5.89 -6.90
CA MET B 129 26.53 -7.22 -7.20
C MET B 129 27.98 -7.11 -7.65
N ASP B 130 28.56 -5.92 -7.73
CA ASP B 130 30.02 -5.79 -7.89
C ASP B 130 30.72 -6.00 -6.55
N TRP B 131 29.98 -5.89 -5.45
CA TRP B 131 30.59 -5.81 -4.10
C TRP B 131 30.14 -6.97 -3.23
N ILE B 132 28.90 -7.41 -3.45
CA ILE B 132 28.25 -8.55 -2.76
CA ILE B 132 28.22 -8.55 -2.78
CA ILE B 132 28.37 -8.59 -2.72
C ILE B 132 28.40 -9.79 -3.65
N ASP B 133 29.00 -10.85 -3.13
CA ASP B 133 29.02 -12.14 -3.83
C ASP B 133 27.76 -12.90 -3.43
N VAL B 134 26.76 -12.84 -4.30
CA VAL B 134 25.42 -13.39 -3.96
C VAL B 134 25.53 -14.87 -3.71
N LEU B 135 26.29 -15.61 -4.52
CA LEU B 135 26.35 -17.08 -4.34
CA LEU B 135 26.30 -17.09 -4.32
C LEU B 135 27.03 -17.40 -3.02
N ASP B 136 27.99 -16.58 -2.60
CA ASP B 136 28.74 -16.82 -1.34
C ASP B 136 27.77 -16.71 -0.15
N ALA B 137 26.68 -15.97 -0.28
CA ALA B 137 25.64 -15.86 0.76
C ALA B 137 25.11 -17.23 1.16
N LEU B 138 25.16 -18.22 0.29
CA LEU B 138 24.65 -19.58 0.60
C LEU B 138 25.53 -20.26 1.67
N LYS B 139 26.70 -19.74 1.95
CA LYS B 139 27.63 -20.35 2.93
C LYS B 139 27.51 -19.64 4.28
N ALA B 140 26.70 -18.57 4.40
CA ALA B 140 26.61 -17.78 5.64
C ALA B 140 25.87 -18.56 6.75
N ASP B 141 26.28 -18.22 7.95
CA ASP B 141 25.60 -18.64 9.19
C ASP B 141 24.52 -17.59 9.47
N PRO B 142 23.22 -17.98 9.46
CA PRO B 142 22.17 -17.00 9.74
C PRO B 142 22.27 -16.26 11.07
N ARG B 143 22.71 -16.94 12.14
CA ARG B 143 22.89 -16.27 13.46
CA ARG B 143 22.89 -16.28 13.45
C ARG B 143 24.01 -15.23 13.36
N LYS B 144 25.16 -15.59 12.76
CA LYS B 144 26.26 -14.60 12.59
C LYS B 144 25.81 -13.44 11.68
N THR B 145 24.95 -13.71 10.71
CA THR B 145 24.36 -12.65 9.85
C THR B 145 23.51 -11.69 10.68
N SER B 146 22.64 -12.23 11.53
CA SER B 146 21.85 -11.43 12.46
C SER B 146 22.77 -10.59 13.35
N GLU B 147 23.81 -11.20 13.93
CA GLU B 147 24.74 -10.43 14.78
C GLU B 147 25.38 -9.29 14.02
N LEU B 148 25.83 -9.52 12.79
CA LEU B 148 26.47 -8.47 11.98
C LEU B 148 25.49 -7.31 11.75
N ALA B 149 24.31 -7.67 11.27
CA ALA B 149 23.28 -6.66 10.94
C ALA B 149 22.99 -5.81 12.17
N GLN B 150 22.76 -6.44 13.31
CA GLN B 150 22.42 -5.74 14.56
C GLN B 150 23.58 -4.90 15.07
N SER B 151 24.82 -5.27 14.75
CA SER B 151 25.99 -4.43 15.14
C SER B 151 26.05 -3.16 14.30
N LEU B 152 25.45 -3.18 13.10
CA LEU B 152 25.58 -2.04 12.16
C LEU B 152 24.39 -1.11 12.18
N SER B 153 23.23 -1.56 12.63
CA SER B 153 21.99 -0.80 12.40
C SER B 153 20.92 -1.14 13.41
N SER B 154 20.05 -0.17 13.67
CA SER B 154 18.79 -0.37 14.42
CA SER B 154 18.81 -0.44 14.44
C SER B 154 17.71 -1.02 13.56
N TRP B 155 17.94 -1.14 12.24
CA TRP B 155 16.87 -1.63 11.34
C TRP B 155 16.18 -2.83 11.99
N PRO B 156 14.84 -2.90 11.97
CA PRO B 156 14.19 -4.05 12.65
C PRO B 156 14.48 -5.43 12.09
N LYS B 157 14.58 -5.53 10.77
CA LYS B 157 14.54 -6.84 10.07
C LYS B 157 15.91 -7.48 10.12
N SER B 158 16.17 -8.22 11.17
CA SER B 158 17.52 -8.73 11.47
C SER B 158 17.47 -10.12 12.09
N SER B 159 16.33 -10.76 12.24
CA SER B 159 16.28 -12.04 12.99
C SER B 159 17.08 -13.12 12.27
N PRO B 160 17.69 -14.05 13.06
CA PRO B 160 18.33 -15.19 12.44
C PRO B 160 17.36 -15.94 11.51
N GLY B 161 16.09 -16.11 11.93
CA GLY B 161 15.10 -16.80 11.08
C GLY B 161 14.88 -16.09 9.75
N TYR B 162 14.80 -14.78 9.79
CA TYR B 162 14.69 -13.96 8.56
C TYR B 162 15.87 -14.25 7.63
N PHE B 163 17.10 -14.19 8.13
CA PHE B 163 18.26 -14.43 7.24
C PHE B 163 18.24 -15.88 6.75
N PHE B 164 17.83 -16.82 7.59
CA PHE B 164 17.73 -18.22 7.11
C PHE B 164 16.68 -18.32 6.01
N ASP B 165 15.56 -17.61 6.16
CA ASP B 165 14.46 -17.68 5.16
C ASP B 165 14.94 -17.05 3.84
N VAL B 166 15.67 -15.95 3.89
CA VAL B 166 16.26 -15.33 2.67
C VAL B 166 17.24 -16.32 2.05
N GLN B 167 18.11 -16.90 2.86
CA GLN B 167 19.14 -17.83 2.36
C GLN B 167 18.45 -19.03 1.70
N ASN B 168 17.40 -19.51 2.35
CA ASN B 168 16.71 -20.72 1.81
C ASN B 168 16.00 -20.40 0.51
N ARG B 169 15.44 -19.22 0.39
CA ARG B 169 14.79 -18.75 -0.86
C ARG B 169 15.86 -18.72 -1.97
N LEU B 170 17.06 -18.22 -1.67
CA LEU B 170 18.14 -18.14 -2.66
C LEU B 170 18.56 -19.57 -3.02
N LYS B 171 18.71 -20.43 -2.03
CA LYS B 171 19.10 -21.84 -2.25
C LYS B 171 18.10 -22.52 -3.19
N LYS B 172 16.82 -22.36 -2.96
CA LYS B 172 15.74 -22.99 -3.79
C LYS B 172 15.77 -22.38 -5.20
N PHE B 173 16.04 -21.09 -5.28
CA PHE B 173 16.07 -20.36 -6.57
C PHE B 173 17.18 -20.94 -7.46
N VAL B 174 18.35 -21.18 -6.90
CA VAL B 174 19.52 -21.62 -7.70
C VAL B 174 19.56 -23.13 -7.86
N GLU B 175 18.90 -23.89 -6.98
CA GLU B 175 19.04 -25.37 -6.96
C GLU B 175 18.70 -26.01 -8.31
N GLY B 176 17.66 -25.54 -8.98
CA GLY B 176 17.35 -26.11 -10.33
C GLY B 176 18.27 -25.70 -11.49
N GLY B 177 19.34 -24.92 -11.26
CA GLY B 177 20.21 -24.34 -12.30
C GLY B 177 19.65 -23.10 -12.98
N GLN B 178 18.48 -22.64 -12.62
CA GLN B 178 17.89 -21.44 -13.27
C GLN B 178 18.36 -20.21 -12.50
N LEU B 179 19.61 -19.79 -12.71
CA LEU B 179 20.19 -18.76 -11.84
C LEU B 179 19.75 -17.33 -12.25
N GLY B 180 19.03 -17.21 -13.36
CA GLY B 180 18.48 -15.92 -13.76
C GLY B 180 19.54 -14.84 -13.85
N ILE B 181 19.32 -13.72 -13.17
CA ILE B 181 20.26 -12.57 -13.19
C ILE B 181 21.63 -12.92 -12.59
N PHE B 182 21.77 -14.05 -11.92
CA PHE B 182 23.06 -14.46 -11.31
C PHE B 182 23.88 -15.37 -12.24
N ARG B 183 23.37 -15.76 -13.40
CA ARG B 183 24.01 -16.71 -14.36
CA ARG B 183 24.08 -16.75 -14.22
C ARG B 183 25.39 -16.17 -14.76
N ASN B 184 26.46 -16.96 -14.66
CA ASN B 184 27.74 -16.65 -15.33
C ASN B 184 28.29 -15.36 -14.75
N GLY B 185 27.99 -15.07 -13.50
CA GLY B 185 28.57 -13.95 -12.78
C GLY B 185 30.03 -14.16 -12.42
N TYR B 186 30.57 -13.21 -11.67
CA TYR B 186 32.01 -13.13 -11.32
C TYR B 186 32.24 -13.76 -9.95
N TRP B 187 31.25 -14.42 -9.38
CA TRP B 187 31.28 -15.02 -8.03
C TRP B 187 32.60 -15.76 -7.83
N GLY B 188 33.20 -15.52 -6.68
CA GLY B 188 34.46 -16.18 -6.31
C GLY B 188 35.67 -15.40 -6.79
N HIS B 189 35.50 -14.33 -7.57
CA HIS B 189 36.65 -13.48 -7.97
C HIS B 189 37.37 -13.02 -6.71
N PRO B 190 38.72 -12.96 -6.71
CA PRO B 190 39.43 -12.61 -5.48
C PRO B 190 39.11 -11.22 -4.95
N GLN B 191 38.58 -10.30 -5.79
CA GLN B 191 38.24 -8.96 -5.31
C GLN B 191 36.92 -8.95 -4.51
N TYR B 192 36.16 -10.04 -4.49
CA TYR B 192 35.01 -10.16 -3.55
C TYR B 192 35.61 -10.39 -2.16
N LYS B 193 35.52 -9.40 -1.29
CA LYS B 193 36.20 -9.41 0.04
C LYS B 193 35.19 -9.52 1.19
N LEU B 194 33.90 -9.48 0.94
CA LEU B 194 32.97 -9.57 2.09
C LEU B 194 33.01 -10.98 2.67
N PRO B 195 32.83 -11.13 4.01
CA PRO B 195 32.60 -12.46 4.54
C PRO B 195 31.19 -12.93 4.20
N PRO B 196 30.90 -14.24 4.31
CA PRO B 196 29.62 -14.77 3.87
C PRO B 196 28.42 -14.07 4.54
N GLU B 197 28.52 -13.75 5.81
CA GLU B 197 27.45 -13.09 6.60
CA GLU B 197 27.43 -13.11 6.59
C GLU B 197 27.16 -11.72 5.99
N ALA B 198 28.18 -11.01 5.53
CA ALA B 198 27.97 -9.68 4.95
C ALA B 198 27.29 -9.86 3.59
N ASN B 199 27.66 -10.87 2.85
CA ASN B 199 26.99 -11.16 1.57
C ASN B 199 25.50 -11.49 1.80
N LEU B 200 25.15 -12.30 2.80
CA LEU B 200 23.73 -12.61 3.05
C LEU B 200 23.00 -11.36 3.53
N MET B 201 23.54 -10.55 4.41
CA MET B 201 22.93 -9.28 4.85
C MET B 201 22.72 -8.42 3.60
N GLY B 202 23.72 -8.27 2.75
CA GLY B 202 23.57 -7.37 1.59
C GLY B 202 22.55 -7.90 0.61
N PHE B 203 22.49 -9.19 0.40
CA PHE B 203 21.51 -9.81 -0.51
C PHE B 203 20.11 -9.58 0.05
N ALA B 204 19.91 -9.80 1.34
CA ALA B 204 18.61 -9.57 1.94
C ALA B 204 18.21 -8.11 1.67
N HIS B 205 19.15 -7.20 1.83
CA HIS B 205 18.83 -5.77 1.64
C HIS B 205 18.58 -5.47 0.15
N TYR B 206 19.26 -6.12 -0.75
CA TYR B 206 18.96 -6.00 -2.20
C TYR B 206 17.47 -6.26 -2.41
N LEU B 207 16.97 -7.34 -1.84
CA LEU B 207 15.54 -7.70 -2.00
C LEU B 207 14.64 -6.69 -1.31
N GLU B 208 14.98 -6.28 -0.11
CA GLU B 208 14.19 -5.25 0.57
C GLU B 208 14.15 -3.94 -0.22
N ALA B 209 15.25 -3.55 -0.82
CA ALA B 209 15.28 -2.31 -1.60
C ALA B 209 14.48 -2.48 -2.87
N LEU B 210 14.56 -3.60 -3.55
CA LEU B 210 13.75 -3.86 -4.76
C LEU B 210 12.29 -3.70 -4.41
N ASP B 211 11.88 -4.21 -3.26
CA ASP B 211 10.47 -4.00 -2.87
C ASP B 211 10.20 -2.53 -2.54
N PHE B 212 11.02 -1.94 -1.68
CA PHE B 212 10.67 -0.63 -1.11
C PHE B 212 10.73 0.49 -2.14
N GLN B 213 11.61 0.40 -3.11
CA GLN B 213 11.79 1.50 -4.07
C GLN B 213 10.46 1.86 -4.72
N ARG B 214 9.55 0.91 -4.89
CA ARG B 214 8.27 1.20 -5.56
C ARG B 214 7.47 2.24 -4.77
N GLU B 215 7.66 2.29 -3.46
CA GLU B 215 6.84 3.18 -2.61
C GLU B 215 7.29 4.65 -2.75
N ILE B 216 8.58 4.88 -2.96
CA ILE B 216 9.17 6.25 -2.94
C ILE B 216 8.47 7.08 -4.02
N VAL B 217 8.22 6.45 -5.18
CA VAL B 217 7.69 7.22 -6.33
C VAL B 217 6.21 7.51 -6.19
N LYS B 218 5.52 6.99 -5.18
CA LYS B 218 4.15 7.44 -4.93
C LYS B 218 4.07 8.97 -4.78
N ILE B 219 5.16 9.61 -4.33
CA ILE B 219 5.19 11.10 -4.25
C ILE B 219 5.09 11.68 -5.67
N HIS B 220 5.79 11.10 -6.62
CA HIS B 220 5.67 11.52 -8.04
C HIS B 220 4.24 11.26 -8.53
N ALA B 221 3.59 10.16 -8.14
CA ALA B 221 2.20 9.88 -8.60
C ALA B 221 1.25 10.94 -8.06
N VAL B 222 1.43 11.37 -6.79
CA VAL B 222 0.50 12.39 -6.25
C VAL B 222 0.65 13.70 -7.04
N PHE B 223 1.86 14.23 -7.15
CA PHE B 223 2.03 15.59 -7.75
C PHE B 223 2.09 15.54 -9.27
N GLY B 224 2.51 14.43 -9.85
CA GLY B 224 2.85 14.27 -11.29
C GLY B 224 2.04 13.22 -12.00
N GLY B 225 1.07 12.57 -11.35
CA GLY B 225 0.17 11.61 -12.00
C GLY B 225 0.67 10.19 -12.08
N LYS B 226 1.98 10.01 -12.29
CA LYS B 226 2.49 8.64 -12.54
CA LYS B 226 2.49 8.64 -12.58
C LYS B 226 4.00 8.64 -12.46
N ASN B 227 4.54 7.48 -12.20
CA ASN B 227 5.98 7.23 -12.32
C ASN B 227 6.19 5.81 -12.83
N PRO B 228 7.01 5.58 -13.85
CA PRO B 228 7.83 6.59 -14.52
C PRO B 228 7.12 7.69 -15.31
N HIS B 229 7.86 8.78 -15.57
CA HIS B 229 7.45 9.86 -16.50
C HIS B 229 6.23 10.62 -16.00
N PRO B 230 6.38 11.36 -14.91
CA PRO B 230 5.30 12.22 -14.44
C PRO B 230 5.12 13.44 -15.35
N ASN B 231 4.03 14.15 -15.12
CA ASN B 231 3.65 15.36 -15.87
C ASN B 231 4.02 16.62 -15.11
N TRP B 232 4.19 17.66 -15.94
CA TRP B 232 4.70 18.98 -15.54
C TRP B 232 4.00 20.04 -16.41
N ILE B 233 4.12 21.34 -16.07
CA ILE B 233 3.75 22.40 -17.05
C ILE B 233 4.79 23.51 -16.99
N VAL B 234 4.93 24.17 -18.12
CA VAL B 234 5.53 25.52 -18.18
C VAL B 234 4.61 26.45 -17.41
N GLY B 235 5.14 27.11 -16.39
CA GLY B 235 4.38 28.03 -15.51
C GLY B 235 4.15 27.43 -14.13
N GLY B 236 4.51 26.15 -13.90
CA GLY B 236 4.48 25.60 -12.54
C GLY B 236 4.24 24.11 -12.54
N MET B 237 3.14 23.69 -11.94
CA MET B 237 2.72 22.28 -11.95
C MET B 237 1.22 22.22 -12.15
N PRO B 238 0.69 21.13 -12.71
CA PRO B 238 -0.75 21.04 -12.95
C PRO B 238 -1.57 20.52 -11.77
N CYS B 239 -0.91 20.13 -10.69
CA CYS B 239 -1.54 19.52 -9.52
C CYS B 239 -2.11 20.61 -8.62
N ALA B 240 -3.19 21.23 -9.08
CA ALA B 240 -3.93 22.25 -8.33
C ALA B 240 -4.24 21.74 -6.92
N ILE B 241 -4.17 22.66 -5.97
CA ILE B 241 -4.36 22.39 -4.53
C ILE B 241 -5.72 22.90 -4.11
N ASN B 242 -6.42 22.12 -3.30
CA ASN B 242 -7.68 22.55 -2.64
C ASN B 242 -7.75 21.79 -1.33
N ILE B 243 -7.61 22.48 -0.20
CA ILE B 243 -7.60 21.87 1.16
CA ILE B 243 -7.60 21.81 1.13
C ILE B 243 -8.98 21.94 1.79
N ASP B 244 -9.68 23.04 1.67
CA ASP B 244 -10.84 23.33 2.57
C ASP B 244 -12.05 23.86 1.81
N GLU B 245 -12.14 23.63 0.51
CA GLU B 245 -13.24 24.10 -0.33
C GLU B 245 -13.94 22.94 -0.98
N SER B 246 -15.17 23.18 -1.42
CA SER B 246 -15.93 22.19 -2.19
C SER B 246 -15.08 21.67 -3.35
N GLY B 247 -15.14 20.38 -3.61
CA GLY B 247 -14.41 19.84 -4.74
C GLY B 247 -12.95 19.52 -4.42
N ALA B 248 -12.52 19.55 -3.16
CA ALA B 248 -11.14 19.17 -2.81
C ALA B 248 -10.89 17.73 -3.22
N VAL B 249 -11.93 16.91 -3.38
CA VAL B 249 -11.81 15.52 -3.92
C VAL B 249 -11.17 15.53 -5.30
N GLY B 250 -11.24 16.65 -6.01
CA GLY B 250 -10.70 16.75 -7.37
C GLY B 250 -9.32 17.36 -7.39
N ALA B 251 -8.59 17.47 -6.28
CA ALA B 251 -7.34 18.25 -6.23
C ALA B 251 -6.39 17.66 -5.21
N VAL B 252 -5.23 18.27 -5.05
CA VAL B 252 -4.31 17.89 -3.96
C VAL B 252 -4.88 18.44 -2.67
N ASN B 253 -5.36 17.53 -1.84
CA ASN B 253 -6.11 17.82 -0.61
C ASN B 253 -5.33 17.26 0.58
N MET B 254 -5.90 17.36 1.77
CA MET B 254 -5.18 16.92 2.99
CA MET B 254 -5.16 16.93 2.99
C MET B 254 -4.87 15.42 2.94
N GLU B 255 -5.77 14.61 2.38
CA GLU B 255 -5.51 13.15 2.29
C GLU B 255 -4.33 12.87 1.36
N ARG B 256 -4.25 13.57 0.24
CA ARG B 256 -3.12 13.42 -0.71
C ARG B 256 -1.83 13.84 0.00
N LEU B 257 -1.84 14.94 0.71
CA LEU B 257 -0.63 15.39 1.41
C LEU B 257 -0.23 14.44 2.54
N ASN B 258 -1.21 13.90 3.23
CA ASN B 258 -0.93 12.85 4.23
C ASN B 258 -0.22 11.67 3.59
N LEU B 259 -0.69 11.21 2.42
CA LEU B 259 0.03 10.11 1.72
CA LEU B 259 0.00 10.14 1.65
C LEU B 259 1.48 10.54 1.48
N VAL B 260 1.72 11.73 0.96
CA VAL B 260 3.11 12.18 0.71
C VAL B 260 3.93 12.13 2.00
N GLN B 261 3.39 12.66 3.09
CA GLN B 261 4.15 12.65 4.36
C GLN B 261 4.52 11.23 4.73
N SER B 262 3.58 10.27 4.63
CA SER B 262 3.87 8.89 5.04
CA SER B 262 3.86 8.88 5.02
C SER B 262 5.03 8.32 4.21
N ILE B 263 5.07 8.62 2.92
CA ILE B 263 6.17 8.11 2.05
C ILE B 263 7.48 8.75 2.45
N ILE B 264 7.50 10.05 2.75
CA ILE B 264 8.75 10.73 3.12
C ILE B 264 9.35 10.04 4.34
N THR B 265 8.55 9.78 5.36
CA THR B 265 9.06 9.21 6.61
C THR B 265 9.66 7.83 6.31
N ARG B 266 8.94 7.02 5.58
CA ARG B 266 9.38 5.63 5.32
C ARG B 266 10.68 5.67 4.47
N THR B 267 10.77 6.61 3.55
CA THR B 267 11.92 6.75 2.63
C THR B 267 13.15 7.12 3.45
N ALA B 268 13.06 8.11 4.32
CA ALA B 268 14.20 8.47 5.20
C ALA B 268 14.60 7.25 6.03
N ASP B 269 13.64 6.53 6.62
CA ASP B 269 13.97 5.44 7.55
CA ASP B 269 13.91 5.40 7.54
C ASP B 269 14.72 4.35 6.77
N PHE B 270 14.29 4.06 5.55
CA PHE B 270 14.93 2.98 4.75
C PHE B 270 16.37 3.37 4.40
N ILE B 271 16.54 4.58 3.90
CA ILE B 271 17.87 5.07 3.45
C ILE B 271 18.81 5.15 4.66
N ASN B 272 18.32 5.67 5.79
CA ASN B 272 19.21 5.95 6.95
C ASN B 272 19.59 4.64 7.63
N ASN B 273 18.69 3.64 7.62
CA ASN B 273 18.97 2.42 8.44
C ASN B 273 19.32 1.21 7.60
N VAL B 274 19.21 1.23 6.29
CA VAL B 274 19.57 0.09 5.42
C VAL B 274 20.70 0.54 4.52
N MET B 275 20.46 1.53 3.65
N MET B 275 20.45 1.52 3.64
CA MET B 275 21.50 1.83 2.64
CA MET B 275 21.43 1.93 2.61
C MET B 275 22.73 2.48 3.29
C MET B 275 22.70 2.49 3.27
N ILE B 276 22.57 3.45 4.20
CA ILE B 276 23.75 4.13 4.80
C ILE B 276 24.63 3.10 5.48
N PRO B 277 24.15 2.23 6.39
CA PRO B 277 25.05 1.25 7.02
C PRO B 277 25.67 0.30 6.00
N ASP B 278 24.93 -0.10 4.96
CA ASP B 278 25.49 -0.99 3.92
C ASP B 278 26.63 -0.29 3.18
N ALA B 279 26.48 0.98 2.83
CA ALA B 279 27.54 1.72 2.13
C ALA B 279 28.79 1.82 2.99
N LEU B 280 28.60 2.14 4.25
CA LEU B 280 29.76 2.23 5.18
C LEU B 280 30.41 0.85 5.32
N ALA B 281 29.66 -0.23 5.37
CA ALA B 281 30.21 -1.60 5.46
C ALA B 281 30.99 -1.92 4.18
N ILE B 282 30.46 -1.59 3.01
CA ILE B 282 31.28 -1.79 1.78
C ILE B 282 32.60 -1.06 1.99
N GLY B 283 32.57 0.18 2.43
CA GLY B 283 33.84 0.92 2.69
C GLY B 283 34.74 0.17 3.67
N GLN B 284 34.20 -0.35 4.76
CA GLN B 284 35.06 -1.01 5.80
C GLN B 284 35.76 -2.24 5.22
N PHE B 285 35.11 -3.00 4.36
CA PHE B 285 35.61 -4.30 3.86
C PHE B 285 36.37 -4.12 2.55
N ASN B 286 36.39 -2.93 1.95
CA ASN B 286 37.01 -2.65 0.61
C ASN B 286 37.82 -1.36 0.61
N LYS B 287 38.58 -1.12 1.68
CA LYS B 287 39.36 0.11 1.82
C LYS B 287 40.34 0.30 0.67
N PRO B 288 40.96 -0.74 0.08
CA PRO B 288 41.88 -0.47 -1.03
C PRO B 288 41.24 0.29 -2.19
N TRP B 289 39.92 0.18 -2.32
CA TRP B 289 39.16 0.87 -3.38
C TRP B 289 39.02 2.37 -3.12
N SER B 290 39.51 2.86 -1.96
CA SER B 290 39.71 4.31 -1.72
C SER B 290 40.91 4.85 -2.48
N GLU B 291 41.67 3.98 -3.17
CA GLU B 291 42.91 4.38 -3.87
C GLU B 291 42.83 3.96 -5.34
N ILE B 292 41.66 3.48 -5.80
CA ILE B 292 41.49 2.97 -7.19
C ILE B 292 40.42 3.86 -7.83
N GLY B 293 40.58 4.17 -9.09
CA GLY B 293 39.55 4.90 -9.86
C GLY B 293 39.46 6.37 -9.49
N THR B 294 40.51 6.99 -8.98
CA THR B 294 40.51 8.45 -8.72
C THR B 294 40.12 9.19 -9.99
N GLY B 295 40.76 8.90 -11.11
CA GLY B 295 40.51 9.63 -12.37
C GLY B 295 40.62 11.12 -12.22
N LEU B 296 39.65 11.86 -12.73
CA LEU B 296 39.68 13.33 -12.70
C LEU B 296 39.19 13.88 -11.36
N SER B 297 38.80 13.06 -10.39
CA SER B 297 38.19 13.54 -9.13
C SER B 297 39.16 14.31 -8.26
N ASP B 298 40.47 14.21 -8.52
CA ASP B 298 41.46 15.05 -7.78
C ASP B 298 42.01 16.11 -8.74
N LYS B 299 41.38 16.33 -9.88
CA LYS B 299 41.86 17.29 -10.91
C LYS B 299 40.75 18.33 -11.22
N CYS B 300 39.63 17.84 -11.75
CA CYS B 300 38.63 18.73 -12.38
C CYS B 300 37.23 18.18 -12.06
N VAL B 301 36.46 18.95 -11.32
CA VAL B 301 35.08 18.55 -10.91
C VAL B 301 34.14 19.73 -11.13
N LEU B 302 32.88 19.42 -11.46
CA LEU B 302 31.89 20.41 -11.93
C LEU B 302 30.53 20.11 -11.31
N SER B 303 29.89 21.17 -10.84
CA SER B 303 28.47 21.20 -10.40
C SER B 303 27.85 22.48 -10.92
N TYR B 304 26.65 22.41 -11.45
CA TYR B 304 25.87 23.62 -11.76
C TYR B 304 25.10 24.11 -10.54
N GLY B 305 24.81 23.23 -9.60
CA GLY B 305 23.97 23.54 -8.45
C GLY B 305 22.51 23.24 -8.75
N ALA B 306 21.71 23.17 -7.69
CA ALA B 306 20.33 22.70 -7.82
C ALA B 306 19.52 23.07 -6.59
N PHE B 307 18.20 22.86 -6.70
CA PHE B 307 17.24 23.05 -5.60
C PHE B 307 17.16 24.53 -5.20
N PRO B 308 16.75 25.40 -6.11
CA PRO B 308 16.55 26.80 -5.73
C PRO B 308 15.48 26.88 -4.61
N ASP B 309 15.85 27.44 -3.48
CA ASP B 309 14.90 27.53 -2.34
C ASP B 309 14.09 28.82 -2.41
N ILE B 310 14.62 29.82 -3.11
CA ILE B 310 13.90 31.10 -3.38
C ILE B 310 13.34 30.94 -4.78
N ALA B 311 12.04 30.91 -4.89
CA ALA B 311 11.40 30.64 -6.18
C ALA B 311 11.93 31.61 -7.23
N ASN B 312 12.31 31.04 -8.38
CA ASN B 312 12.71 31.74 -9.61
C ASN B 312 14.07 32.44 -9.39
N ASP B 313 14.81 32.13 -8.32
CA ASP B 313 16.17 32.63 -8.08
C ASP B 313 17.12 31.45 -8.19
N PHE B 314 17.94 31.44 -9.24
CA PHE B 314 18.93 30.37 -9.50
C PHE B 314 20.35 30.78 -9.08
N GLY B 315 20.44 31.80 -8.24
CA GLY B 315 21.72 32.31 -7.72
C GLY B 315 22.25 31.49 -6.55
N GLU B 316 23.49 31.77 -6.15
CA GLU B 316 24.18 31.06 -5.07
C GLU B 316 23.43 31.12 -3.74
N LYS B 317 22.76 32.23 -3.42
CA LYS B 317 22.08 32.33 -2.11
C LYS B 317 20.82 31.47 -2.11
N SER B 318 20.34 31.06 -3.26
CA SER B 318 19.07 30.31 -3.35
C SER B 318 19.33 28.79 -3.44
N LEU B 319 20.28 28.38 -4.26
CA LEU B 319 20.52 26.95 -4.55
C LEU B 319 20.93 26.21 -3.27
N LEU B 320 20.19 25.20 -2.86
CA LEU B 320 20.56 24.41 -1.66
C LEU B 320 21.69 23.43 -1.95
N MET B 321 21.87 23.05 -3.20
CA MET B 321 22.98 22.19 -3.62
C MET B 321 23.94 23.05 -4.41
N PRO B 322 25.17 23.27 -3.86
CA PRO B 322 26.09 24.24 -4.43
C PRO B 322 26.59 23.91 -5.84
N GLY B 323 26.78 24.97 -6.63
CA GLY B 323 27.47 24.92 -7.91
C GLY B 323 28.87 25.52 -7.86
N GLY B 324 29.69 25.12 -8.81
CA GLY B 324 31.08 25.59 -8.93
C GLY B 324 31.91 24.59 -9.71
N ALA B 325 33.10 25.02 -10.11
CA ALA B 325 34.08 24.20 -10.83
C ALA B 325 35.44 24.29 -10.15
N VAL B 326 36.14 23.17 -10.13
CA VAL B 326 37.58 23.11 -9.76
C VAL B 326 38.34 22.58 -10.96
N ILE B 327 39.47 23.20 -11.29
CA ILE B 327 40.38 22.67 -12.34
C ILE B 327 41.80 22.62 -11.78
N ASN B 328 42.63 21.84 -12.50
CA ASN B 328 44.08 21.69 -12.20
C ASN B 328 44.31 21.27 -10.74
N GLY B 329 43.38 20.58 -10.09
CA GLY B 329 43.57 20.08 -8.72
C GLY B 329 43.55 21.18 -7.69
N ASP B 330 43.12 22.39 -8.07
CA ASP B 330 43.13 23.55 -7.15
C ASP B 330 41.77 23.69 -6.45
N PHE B 331 41.59 22.93 -5.39
CA PHE B 331 40.33 22.90 -4.62
C PHE B 331 40.22 24.15 -3.75
N ASN B 332 41.30 24.94 -3.64
CA ASN B 332 41.25 26.21 -2.88
C ASN B 332 40.58 27.29 -3.70
N ASN B 333 40.28 27.05 -4.97
CA ASN B 333 39.63 28.10 -5.81
CA ASN B 333 39.69 28.07 -5.87
C ASN B 333 38.44 27.48 -6.54
N VAL B 334 37.30 27.52 -5.87
CA VAL B 334 36.06 27.04 -6.53
C VAL B 334 35.54 28.16 -7.43
N LEU B 335 35.46 27.90 -8.74
CA LEU B 335 35.19 28.91 -9.75
C LEU B 335 33.71 28.94 -10.07
N PRO B 336 33.15 30.11 -10.40
CA PRO B 336 31.75 30.21 -10.75
C PRO B 336 31.50 29.74 -12.18
N VAL B 337 30.34 29.13 -12.38
CA VAL B 337 29.94 28.58 -13.71
C VAL B 337 28.86 29.48 -14.30
N ASP B 338 28.98 29.82 -15.57
CA ASP B 338 27.98 30.61 -16.34
CA ASP B 338 28.00 30.61 -16.34
C ASP B 338 27.64 29.82 -17.60
N LEU B 339 26.41 29.39 -17.71
CA LEU B 339 25.99 28.49 -18.82
C LEU B 339 25.67 29.28 -20.07
N VAL B 340 25.75 30.63 -20.07
CA VAL B 340 25.57 31.45 -21.28
C VAL B 340 26.95 31.76 -21.89
N ASP B 341 27.99 31.76 -21.10
CA ASP B 341 29.36 32.16 -21.52
C ASP B 341 29.82 31.17 -22.59
N PRO B 342 30.06 31.62 -23.85
CA PRO B 342 30.46 30.69 -24.90
C PRO B 342 31.86 30.09 -24.68
N GLN B 343 32.67 30.64 -23.77
CA GLN B 343 34.01 30.10 -23.50
C GLN B 343 34.00 29.04 -22.40
N GLN B 344 32.85 28.80 -21.77
CA GLN B 344 32.76 27.83 -20.65
C GLN B 344 32.34 26.47 -21.22
N VAL B 345 31.05 26.15 -21.25
CA VAL B 345 30.63 24.81 -21.76
C VAL B 345 30.70 24.77 -23.27
N GLN B 346 31.50 23.84 -23.77
CA GLN B 346 31.59 23.57 -25.22
CA GLN B 346 31.60 23.57 -25.21
C GLN B 346 31.60 22.05 -25.45
N GLU B 347 31.08 21.63 -26.59
CA GLU B 347 31.15 20.20 -26.93
C GLU B 347 31.94 20.01 -28.23
N PHE B 348 32.83 19.04 -28.17
CA PHE B 348 33.66 18.62 -29.33
C PHE B 348 33.09 17.36 -29.95
N VAL B 349 33.33 17.16 -31.23
CA VAL B 349 32.89 15.91 -31.91
C VAL B 349 34.02 15.29 -32.76
N ASP B 350 35.28 15.72 -32.64
CA ASP B 350 36.35 15.11 -33.45
C ASP B 350 36.49 13.61 -33.18
N HIS B 351 36.07 13.13 -32.01
CA HIS B 351 36.12 11.68 -31.67
C HIS B 351 34.71 11.09 -31.52
N ALA B 352 33.69 11.73 -32.11
CA ALA B 352 32.28 11.28 -31.95
C ALA B 352 31.63 11.24 -33.34
N TRP B 353 30.53 10.51 -33.44
CA TRP B 353 29.86 10.22 -34.72
C TRP B 353 28.89 11.35 -35.09
N TYR B 354 29.45 12.55 -35.29
CA TYR B 354 28.68 13.77 -35.61
C TYR B 354 29.49 14.59 -36.60
N ARG B 355 28.80 15.45 -37.34
CA ARG B 355 29.53 16.38 -38.22
CA ARG B 355 29.45 16.41 -38.30
C ARG B 355 29.45 17.81 -37.69
N TYR B 356 30.62 18.46 -37.65
CA TYR B 356 30.68 19.92 -37.49
C TYR B 356 31.37 20.49 -38.71
N PRO B 357 31.16 21.77 -39.05
CA PRO B 357 31.94 22.40 -40.13
C PRO B 357 33.44 22.40 -39.82
N ASN B 358 33.81 22.54 -38.56
CA ASN B 358 35.21 22.43 -38.12
C ASN B 358 35.24 21.57 -36.86
N ASP B 359 35.67 20.31 -36.98
CA ASP B 359 35.68 19.38 -35.81
C ASP B 359 36.86 19.66 -34.87
N GLN B 360 37.67 20.68 -35.14
CA GLN B 360 38.79 21.00 -34.23
C GLN B 360 38.35 22.03 -33.20
N VAL B 361 37.10 22.51 -33.26
CA VAL B 361 36.66 23.52 -32.28
C VAL B 361 35.42 22.99 -31.55
N GLY B 362 35.25 23.49 -30.38
CA GLY B 362 34.14 23.13 -29.50
C GLY B 362 33.04 24.14 -29.62
N ARG B 363 31.79 23.67 -29.61
CA ARG B 363 30.60 24.55 -29.76
CA ARG B 363 30.60 24.55 -29.77
C ARG B 363 29.82 24.64 -28.46
N HIS B 364 29.61 25.85 -28.00
CA HIS B 364 28.67 26.13 -26.89
C HIS B 364 27.31 25.64 -27.34
N PRO B 365 26.44 25.15 -26.42
CA PRO B 365 25.17 24.59 -26.89
C PRO B 365 24.21 25.54 -27.63
N PHE B 366 24.28 26.87 -27.43
CA PHE B 366 23.44 27.77 -28.26
C PHE B 366 23.95 27.79 -29.70
N ASP B 367 25.16 27.28 -29.94
CA ASP B 367 25.74 27.12 -31.28
C ASP B 367 25.83 25.64 -31.62
N GLY B 368 25.11 24.79 -30.91
CA GLY B 368 25.26 23.34 -31.03
C GLY B 368 24.69 22.80 -32.32
N ILE B 369 25.25 21.69 -32.77
CA ILE B 369 24.86 21.02 -34.03
C ILE B 369 24.75 19.55 -33.70
N THR B 370 23.63 18.92 -34.07
CA THR B 370 23.44 17.46 -33.92
C THR B 370 23.13 16.88 -35.29
N ASP B 371 24.20 16.59 -36.03
CA ASP B 371 24.15 16.07 -37.42
C ASP B 371 24.87 14.74 -37.36
N PRO B 372 24.11 13.64 -37.18
CA PRO B 372 24.70 12.34 -36.95
C PRO B 372 25.54 11.88 -38.14
N TRP B 373 26.67 11.28 -37.84
CA TRP B 373 27.60 10.79 -38.89
C TRP B 373 28.29 9.53 -38.40
N TYR B 374 27.72 8.38 -38.75
CA TYR B 374 28.32 7.10 -38.31
C TYR B 374 29.52 6.81 -39.20
N ASN B 375 30.70 6.99 -38.65
CA ASN B 375 31.98 6.93 -39.37
C ASN B 375 33.02 6.37 -38.43
N PRO B 376 33.07 5.04 -38.30
CA PRO B 376 33.99 4.42 -37.35
C PRO B 376 35.42 4.19 -37.85
N GLY B 377 35.63 4.42 -39.14
CA GLY B 377 36.97 4.13 -39.73
C GLY B 377 37.33 2.67 -39.65
N ASP B 378 38.63 2.36 -39.57
CA ASP B 378 39.06 0.93 -39.52
C ASP B 378 38.82 0.46 -38.08
N VAL B 379 37.94 -0.51 -37.90
CA VAL B 379 37.59 -1.13 -36.60
C VAL B 379 37.92 -2.64 -36.62
N LYS B 380 38.80 -3.03 -37.55
CA LYS B 380 39.29 -4.44 -37.63
C LYS B 380 38.13 -5.39 -37.91
N GLY B 381 37.14 -4.95 -38.64
CA GLY B 381 35.98 -5.77 -39.02
C GLY B 381 35.28 -5.09 -40.15
N SER B 382 34.19 -4.38 -39.87
CA SER B 382 33.44 -3.63 -40.89
C SER B 382 32.62 -2.56 -40.16
N ASP B 383 32.00 -1.69 -40.92
CA ASP B 383 31.06 -0.69 -40.33
C ASP B 383 29.98 -1.38 -39.49
N THR B 384 29.59 -2.64 -39.76
CA THR B 384 28.54 -3.36 -39.01
C THR B 384 29.15 -4.45 -38.14
N ASN B 385 30.45 -4.39 -37.91
CA ASN B 385 31.13 -5.41 -37.10
C ASN B 385 32.34 -4.77 -36.43
N ILE B 386 32.13 -4.03 -35.37
CA ILE B 386 33.25 -3.37 -34.65
C ILE B 386 33.96 -4.41 -33.79
N GLN B 387 35.15 -4.82 -34.22
CA GLN B 387 35.99 -5.70 -33.39
C GLN B 387 36.87 -4.89 -32.44
N GLN B 388 37.37 -3.76 -32.90
CA GLN B 388 38.17 -2.83 -32.07
C GLN B 388 37.87 -1.41 -32.52
N LEU B 389 37.27 -0.63 -31.62
CA LEU B 389 37.06 0.80 -31.91
C LEU B 389 38.39 1.45 -32.27
N ASN B 390 38.32 2.47 -33.09
CA ASN B 390 39.49 3.28 -33.46
C ASN B 390 39.49 4.58 -32.67
N GLU B 391 40.08 4.57 -31.49
CA GLU B 391 40.03 5.74 -30.60
C GLU B 391 40.95 6.85 -31.11
N GLN B 392 41.75 6.62 -32.18
CA GLN B 392 42.42 7.77 -32.85
C GLN B 392 41.44 8.57 -33.70
N GLU B 393 40.27 8.01 -34.02
CA GLU B 393 39.28 8.78 -34.78
C GLU B 393 37.94 8.68 -34.06
N ARG B 394 36.84 8.55 -34.77
CA ARG B 394 35.53 8.73 -34.11
C ARG B 394 35.10 7.40 -33.53
N TYR B 395 34.67 7.40 -32.26
CA TYR B 395 34.45 6.11 -31.59
C TYR B 395 33.23 6.08 -30.67
N SER B 396 32.31 7.04 -30.79
CA SER B 396 31.19 7.12 -29.82
C SER B 396 30.04 7.93 -30.36
N TRP B 397 28.83 7.63 -29.88
CA TRP B 397 27.65 8.48 -30.08
C TRP B 397 27.60 9.58 -29.01
N ILE B 398 28.53 9.65 -28.09
CA ILE B 398 28.52 10.69 -27.03
C ILE B 398 29.41 11.83 -27.48
N LYS B 399 28.89 13.06 -27.45
CA LYS B 399 29.75 14.25 -27.68
C LYS B 399 30.70 14.45 -26.51
N ALA B 400 31.73 15.28 -26.70
CA ALA B 400 32.77 15.53 -25.69
C ALA B 400 32.61 16.92 -25.10
N PRO B 401 31.91 17.08 -23.97
CA PRO B 401 31.84 18.37 -23.31
C PRO B 401 33.11 18.70 -22.52
N ARG B 402 33.47 19.98 -22.56
CA ARG B 402 34.59 20.49 -21.76
C ARG B 402 34.14 21.79 -21.12
N TRP B 403 34.82 22.19 -20.05
CA TRP B 403 34.52 23.44 -19.33
C TRP B 403 35.79 24.29 -19.40
N ARG B 404 35.73 25.40 -20.10
CA ARG B 404 36.95 26.24 -20.37
C ARG B 404 38.07 25.37 -20.95
N GLY B 405 37.68 24.37 -21.72
CA GLY B 405 38.62 23.45 -22.37
C GLY B 405 39.10 22.33 -21.48
N ASN B 406 38.65 22.25 -20.23
CA ASN B 406 39.06 21.21 -19.27
C ASN B 406 38.06 20.05 -19.32
N ALA B 407 38.59 18.83 -19.21
CA ALA B 407 37.79 17.60 -19.02
C ALA B 407 37.42 17.51 -17.55
N MET B 408 36.12 17.39 -17.26
CA MET B 408 35.56 17.45 -15.90
C MET B 408 34.86 16.13 -15.51
N GLU B 409 34.85 15.83 -14.21
CA GLU B 409 33.95 14.82 -13.61
C GLU B 409 32.75 15.53 -12.99
N VAL B 410 31.59 14.94 -13.20
CA VAL B 410 30.33 15.41 -12.59
C VAL B 410 29.72 14.27 -11.76
N GLY B 411 28.75 14.59 -10.88
CA GLY B 411 28.00 13.59 -10.12
C GLY B 411 28.22 13.76 -8.62
N PRO B 412 27.77 12.76 -7.85
CA PRO B 412 27.73 12.88 -6.40
C PRO B 412 29.10 13.24 -5.82
N LEU B 413 30.18 12.57 -6.23
CA LEU B 413 31.52 12.88 -5.67
C LEU B 413 31.92 14.30 -6.07
N ALA B 414 31.72 14.69 -7.32
CA ALA B 414 32.00 16.07 -7.76
C ALA B 414 31.26 17.08 -6.89
N ARG B 415 29.96 16.90 -6.71
CA ARG B 415 29.15 17.80 -5.89
C ARG B 415 29.65 17.85 -4.45
N THR B 416 29.97 16.71 -3.87
CA THR B 416 30.45 16.66 -2.48
C THR B 416 31.75 17.48 -2.40
N LEU B 417 32.66 17.30 -3.33
CA LEU B 417 33.94 18.05 -3.28
C LEU B 417 33.69 19.53 -3.46
N ILE B 418 32.80 19.96 -4.36
CA ILE B 418 32.49 21.39 -4.53
C ILE B 418 31.90 21.94 -3.23
N ALA B 419 30.93 21.30 -2.62
CA ALA B 419 30.27 21.82 -1.41
C ALA B 419 31.30 21.84 -0.26
N TYR B 420 32.09 20.77 -0.13
CA TYR B 420 33.12 20.68 0.94
C TYR B 420 34.03 21.90 0.81
N HIS B 421 34.57 22.16 -0.37
CA HIS B 421 35.63 23.18 -0.57
C HIS B 421 35.02 24.57 -0.63
N LYS B 422 33.70 24.69 -0.82
CA LYS B 422 33.04 26.01 -0.65
C LYS B 422 32.77 26.27 0.83
N GLY B 423 33.05 25.32 1.69
CA GLY B 423 32.84 25.47 3.16
C GLY B 423 31.41 25.27 3.59
N ASP B 424 30.60 24.51 2.87
CA ASP B 424 29.27 24.13 3.37
C ASP B 424 29.45 23.34 4.67
N ALA B 425 28.90 23.82 5.78
CA ALA B 425 29.15 23.25 7.13
C ALA B 425 28.65 21.81 7.23
N ALA B 426 27.42 21.52 6.78
CA ALA B 426 26.81 20.17 6.89
C ALA B 426 27.71 19.21 6.10
N THR B 427 28.16 19.62 4.92
CA THR B 427 28.98 18.73 4.07
C THR B 427 30.32 18.47 4.74
N VAL B 428 31.02 19.53 5.13
CA VAL B 428 32.36 19.37 5.79
C VAL B 428 32.20 18.39 6.95
N GLU B 429 31.22 18.63 7.82
CA GLU B 429 31.08 17.78 9.03
C GLU B 429 30.78 16.33 8.65
N SER B 430 29.85 16.10 7.71
CA SER B 430 29.42 14.76 7.26
C SER B 430 30.61 14.00 6.63
N VAL B 431 31.33 14.64 5.72
CA VAL B 431 32.48 14.02 5.01
C VAL B 431 33.54 13.67 6.06
N ASP B 432 33.90 14.62 6.91
CA ASP B 432 35.01 14.40 7.86
C ASP B 432 34.63 13.23 8.79
N ARG B 433 33.40 13.17 9.26
CA ARG B 433 32.94 12.09 10.19
C ARG B 433 32.94 10.74 9.45
N MET B 434 32.56 10.74 8.19
CA MET B 434 32.49 9.49 7.41
C MET B 434 33.90 8.93 7.20
N MET B 435 34.85 9.78 6.80
CA MET B 435 36.23 9.34 6.50
C MET B 435 36.93 8.97 7.83
N SER B 436 36.62 9.68 8.90
CA SER B 436 37.12 9.33 10.27
CA SER B 436 37.15 9.32 10.24
C SER B 436 36.66 7.92 10.64
N ALA B 437 35.38 7.61 10.48
CA ALA B 437 34.80 6.28 10.83
C ALA B 437 35.48 5.15 10.04
N LEU B 438 35.92 5.41 8.81
CA LEU B 438 36.62 4.44 7.94
C LEU B 438 38.13 4.44 8.20
N ASN B 439 38.61 5.40 9.02
CA ASN B 439 40.06 5.54 9.31
CA ASN B 439 40.07 5.56 9.31
C ASN B 439 40.80 5.72 7.99
N LEU B 440 40.27 6.59 7.13
CA LEU B 440 40.89 6.94 5.83
C LEU B 440 41.08 8.45 5.78
N PRO B 441 42.09 8.90 5.03
CA PRO B 441 42.27 10.34 4.81
C PRO B 441 41.18 10.88 3.87
N LEU B 442 40.96 12.20 3.90
CA LEU B 442 39.99 12.87 3.00
C LEU B 442 40.24 12.41 1.54
N SER B 443 41.48 12.27 1.08
CA SER B 443 41.81 11.95 -0.33
C SER B 443 41.18 10.60 -0.72
N GLY B 444 40.85 9.77 0.27
CA GLY B 444 40.22 8.48 0.00
C GLY B 444 38.85 8.65 -0.60
N ILE B 445 38.24 9.82 -0.48
CA ILE B 445 36.90 10.03 -1.10
C ILE B 445 37.06 10.16 -2.62
N GLN B 446 38.25 10.51 -3.09
CA GLN B 446 38.50 10.78 -4.54
C GLN B 446 38.87 9.44 -5.15
N SER B 447 37.87 8.61 -5.39
CA SER B 447 38.07 7.18 -5.71
C SER B 447 36.75 6.56 -6.13
N THR B 448 36.81 5.36 -6.65
CA THR B 448 35.62 4.52 -6.93
C THR B 448 34.86 4.31 -5.65
N LEU B 449 35.51 3.94 -4.53
CA LEU B 449 34.75 3.76 -3.27
C LEU B 449 34.09 5.09 -2.91
N GLY B 450 34.78 6.21 -3.04
CA GLY B 450 34.25 7.54 -2.69
C GLY B 450 32.97 7.86 -3.48
N ARG B 451 32.90 7.45 -4.73
CA ARG B 451 31.70 7.75 -5.54
C ARG B 451 30.49 7.08 -4.90
N ILE B 452 30.68 5.85 -4.45
CA ILE B 452 29.60 5.05 -3.83
C ILE B 452 29.23 5.68 -2.48
N LEU B 453 30.21 6.04 -1.66
CA LEU B 453 29.93 6.65 -0.33
C LEU B 453 29.16 7.97 -0.53
N CYS B 454 29.58 8.81 -1.46
CA CYS B 454 28.95 10.11 -1.69
C CYS B 454 27.51 9.90 -2.17
N ARG B 455 27.31 8.93 -3.04
CA ARG B 455 25.94 8.69 -3.55
C ARG B 455 25.02 8.33 -2.40
N ALA B 456 25.47 7.46 -1.52
CA ALA B 456 24.62 7.06 -0.39
C ALA B 456 24.37 8.26 0.50
N HIS B 457 25.37 9.05 0.83
CA HIS B 457 25.26 10.30 1.62
CA HIS B 457 25.14 10.20 1.71
C HIS B 457 24.23 11.24 1.01
N GLU B 458 24.25 11.34 -0.32
CA GLU B 458 23.28 12.20 -1.01
C GLU B 458 21.85 11.68 -0.88
N ALA B 459 21.65 10.38 -0.89
CA ALA B 459 20.29 9.83 -0.68
C ALA B 459 19.78 10.28 0.69
N GLN B 460 20.64 10.22 1.70
CA GLN B 460 20.30 10.68 3.05
C GLN B 460 19.97 12.18 3.04
N TRP B 461 20.82 12.99 2.39
CA TRP B 461 20.62 14.46 2.32
C TRP B 461 19.27 14.74 1.66
N ALA B 462 18.97 14.05 0.56
CA ALA B 462 17.74 14.31 -0.21
C ALA B 462 16.51 13.90 0.61
N ALA B 463 16.58 12.80 1.35
CA ALA B 463 15.45 12.36 2.21
C ALA B 463 15.16 13.41 3.28
N GLY B 464 16.20 14.03 3.84
CA GLY B 464 16.04 15.14 4.77
C GLY B 464 15.39 16.32 4.08
N LYS B 465 15.84 16.67 2.88
CA LYS B 465 15.30 17.84 2.18
C LYS B 465 13.85 17.58 1.79
N LEU B 466 13.42 16.36 1.50
CA LEU B 466 11.98 16.10 1.25
C LEU B 466 11.14 16.64 2.40
N GLN B 467 11.49 16.36 3.65
CA GLN B 467 10.72 16.83 4.79
C GLN B 467 10.77 18.37 4.82
N TYR B 468 11.97 18.95 4.62
CA TYR B 468 12.09 20.42 4.64
C TYR B 468 11.12 21.05 3.62
N PHE B 469 11.10 20.49 2.40
CA PHE B 469 10.26 21.04 1.33
C PHE B 469 8.77 20.83 1.63
N PHE B 470 8.44 19.64 2.11
CA PHE B 470 7.05 19.36 2.51
C PHE B 470 6.56 20.36 3.54
N ASP B 471 7.39 20.61 4.54
CA ASP B 471 7.05 21.57 5.63
C ASP B 471 6.87 22.96 5.07
N LYS B 472 7.70 23.33 4.09
CA LYS B 472 7.59 24.66 3.44
CA LYS B 472 7.57 24.68 3.48
C LYS B 472 6.26 24.76 2.70
N LEU B 473 5.86 23.69 1.99
CA LEU B 473 4.58 23.68 1.29
C LEU B 473 3.46 23.83 2.30
N MET B 474 3.50 23.06 3.40
CA MET B 474 2.39 23.14 4.38
C MET B 474 2.33 24.53 5.03
N THR B 475 3.47 25.15 5.29
CA THR B 475 3.48 26.54 5.82
C THR B 475 2.73 27.45 4.86
N ASN B 476 3.00 27.34 3.57
CA ASN B 476 2.27 28.20 2.62
C ASN B 476 0.77 27.92 2.69
N LEU B 477 0.35 26.65 2.74
CA LEU B 477 -1.07 26.29 2.74
C LEU B 477 -1.73 26.85 4.02
N LYS B 478 -1.03 26.76 5.13
CA LYS B 478 -1.59 27.31 6.40
C LYS B 478 -1.77 28.84 6.26
N ASN B 479 -0.95 29.50 5.45
CA ASN B 479 -1.02 30.97 5.25
C ASN B 479 -1.94 31.32 4.09
N GLY B 480 -2.68 30.35 3.54
CA GLY B 480 -3.67 30.56 2.47
C GLY B 480 -3.03 30.77 1.11
N ASN B 481 -1.78 30.37 0.93
CA ASN B 481 -1.05 30.52 -0.36
C ASN B 481 -1.16 29.17 -1.07
N LEU B 482 -2.09 29.06 -2.01
CA LEU B 482 -2.38 27.77 -2.69
C LEU B 482 -1.83 27.75 -4.12
N ALA B 483 -1.39 28.84 -4.70
CA ALA B 483 -1.10 28.94 -6.17
C ALA B 483 -0.07 27.89 -6.59
N THR B 484 -0.34 27.24 -7.70
CA THR B 484 0.57 26.24 -8.31
C THR B 484 0.93 26.57 -9.76
N ALA B 485 0.29 27.55 -10.39
CA ALA B 485 0.64 27.90 -11.79
C ALA B 485 0.54 29.39 -12.01
N SER B 486 1.44 29.88 -12.81
CA SER B 486 1.39 31.21 -13.44
CA SER B 486 1.45 31.21 -13.45
C SER B 486 1.00 31.03 -14.90
N THR B 487 -0.06 31.67 -15.35
CA THR B 487 -0.51 31.54 -16.74
C THR B 487 -0.48 32.87 -17.52
N GLU B 488 0.07 33.92 -16.92
CA GLU B 488 0.15 35.23 -17.63
C GLU B 488 0.79 35.04 -19.02
N LYS B 489 1.79 34.20 -19.15
CA LYS B 489 2.52 34.01 -20.43
C LYS B 489 2.31 32.57 -20.96
N TRP B 490 1.19 31.95 -20.68
CA TRP B 490 0.87 30.63 -21.27
C TRP B 490 0.66 30.77 -22.78
N GLU B 491 -0.03 31.82 -23.22
CA GLU B 491 -0.45 31.94 -24.64
C GLU B 491 0.74 32.41 -25.48
N PRO B 492 1.00 31.78 -26.64
CA PRO B 492 2.14 32.18 -27.47
C PRO B 492 2.13 33.64 -27.92
N ALA B 493 0.94 34.25 -28.00
CA ALA B 493 0.86 35.67 -28.41
C ALA B 493 1.58 36.55 -27.40
N THR B 494 1.83 36.07 -26.17
CA THR B 494 2.48 36.86 -25.11
C THR B 494 4.00 36.72 -25.11
N TRP B 495 4.54 35.85 -25.93
CA TRP B 495 5.99 35.53 -25.88
C TRP B 495 6.79 36.50 -26.72
N PRO B 496 8.08 36.66 -26.42
CA PRO B 496 8.98 37.33 -27.36
C PRO B 496 8.99 36.58 -28.69
N THR B 497 9.10 37.28 -29.79
CA THR B 497 9.19 36.66 -31.13
C THR B 497 10.46 35.79 -31.22
N GLU B 498 11.54 36.22 -30.59
CA GLU B 498 12.80 35.46 -30.53
C GLU B 498 13.30 35.54 -29.10
N CYS B 499 13.64 34.43 -28.48
CA CYS B 499 14.22 34.42 -27.14
C CYS B 499 14.94 33.10 -26.95
N ARG B 500 15.78 33.08 -25.96
CA ARG B 500 16.54 31.85 -25.64
C ARG B 500 16.69 31.75 -24.15
N GLY B 501 16.86 30.53 -23.68
CA GLY B 501 16.96 30.30 -22.23
C GLY B 501 17.78 29.06 -21.90
N VAL B 502 18.21 28.98 -20.65
CA VAL B 502 18.92 27.81 -20.14
C VAL B 502 18.17 27.31 -18.93
N GLY B 503 17.99 26.00 -18.90
CA GLY B 503 17.47 25.31 -17.72
C GLY B 503 18.54 24.39 -17.18
N PHE B 504 18.86 24.48 -15.89
CA PHE B 504 19.96 23.66 -15.34
C PHE B 504 19.57 23.08 -14.00
N THR B 505 20.14 21.93 -13.70
CA THR B 505 19.95 21.32 -12.39
C THR B 505 21.06 20.29 -12.17
N GLU B 506 20.98 19.65 -11.01
CA GLU B 506 21.85 18.52 -10.64
C GLU B 506 20.98 17.28 -10.65
N ALA B 507 21.08 16.51 -11.70
CA ALA B 507 20.43 15.20 -11.81
C ALA B 507 21.16 14.24 -10.91
N PRO B 508 20.60 13.06 -10.62
CA PRO B 508 21.30 12.09 -9.78
C PRO B 508 22.75 11.83 -10.19
N ARG B 509 23.06 11.92 -11.48
CA ARG B 509 24.42 11.59 -12.02
C ARG B 509 25.31 12.82 -12.24
N GLY B 510 24.77 14.03 -12.08
CA GLY B 510 25.58 15.26 -12.19
C GLY B 510 24.93 16.40 -12.91
N ALA B 511 25.73 17.31 -13.41
CA ALA B 511 25.32 18.60 -13.96
C ALA B 511 24.54 18.39 -15.27
N LEU B 512 23.31 18.92 -15.33
CA LEU B 512 22.42 18.83 -16.48
C LEU B 512 22.08 20.23 -16.98
N GLY B 513 22.15 20.44 -18.31
CA GLY B 513 21.66 21.71 -18.87
C GLY B 513 20.88 21.43 -20.14
N HIS B 514 19.80 22.16 -20.33
CA HIS B 514 19.04 22.27 -21.59
C HIS B 514 19.12 23.70 -22.07
N TRP B 515 19.55 23.88 -23.30
CA TRP B 515 19.62 25.22 -23.96
C TRP B 515 18.57 25.28 -25.05
N ALA B 516 17.65 26.23 -24.96
CA ALA B 516 16.51 26.30 -25.90
C ALA B 516 16.47 27.67 -26.57
N ALA B 517 16.26 27.70 -27.88
CA ALA B 517 16.00 28.96 -28.59
C ALA B 517 14.60 28.83 -29.19
N ILE B 518 13.76 29.82 -28.89
CA ILE B 518 12.39 29.93 -29.38
C ILE B 518 12.34 31.00 -30.48
N ARG B 519 11.64 30.71 -31.56
CA ARG B 519 11.38 31.73 -32.59
C ARG B 519 9.98 31.49 -33.11
N ASP B 520 9.17 32.55 -33.20
CA ASP B 520 7.85 32.46 -33.85
C ASP B 520 7.04 31.34 -33.21
N GLY B 521 7.11 31.22 -31.88
CA GLY B 521 6.24 30.30 -31.13
C GLY B 521 6.68 28.86 -31.17
N LYS B 522 7.81 28.56 -31.77
CA LYS B 522 8.29 27.15 -31.89
C LYS B 522 9.75 27.04 -31.49
N ILE B 523 10.16 25.81 -31.16
CA ILE B 523 11.58 25.53 -30.84
C ILE B 523 12.43 25.63 -32.10
N ASP B 524 13.36 26.53 -32.11
CA ASP B 524 14.31 26.70 -33.22
C ASP B 524 15.55 25.85 -32.97
N LEU B 525 15.95 25.68 -31.70
CA LEU B 525 17.15 24.91 -31.28
C LEU B 525 16.91 24.38 -29.88
N TYR B 526 17.30 23.13 -29.67
CA TYR B 526 17.16 22.50 -28.34
C TYR B 526 18.38 21.62 -28.17
N GLN B 527 19.33 22.04 -27.36
CA GLN B 527 20.56 21.27 -27.17
C GLN B 527 20.69 20.90 -25.69
N CYS B 528 21.00 19.63 -25.47
CA CYS B 528 21.14 19.04 -24.16
C CYS B 528 22.58 18.62 -23.93
N VAL B 529 23.11 18.96 -22.78
CA VAL B 529 24.39 18.36 -22.31
C VAL B 529 24.09 17.71 -20.97
N VAL B 530 24.30 16.41 -20.87
CA VAL B 530 23.71 15.60 -19.78
C VAL B 530 24.87 15.04 -18.94
N PRO B 531 24.68 14.73 -17.65
CA PRO B 531 25.83 14.37 -16.81
C PRO B 531 26.67 13.22 -17.39
N THR B 532 26.06 12.17 -17.89
CA THR B 532 26.84 11.03 -18.44
C THR B 532 27.52 11.47 -19.74
N THR B 533 27.01 12.48 -20.44
CA THR B 533 27.76 13.02 -21.59
C THR B 533 29.14 13.49 -21.11
N TRP B 534 29.16 14.25 -20.01
CA TRP B 534 30.46 14.64 -19.39
C TRP B 534 31.26 13.42 -19.04
N ASN B 535 30.72 12.53 -18.23
CA ASN B 535 31.58 11.50 -17.61
C ASN B 535 32.07 10.50 -18.66
N ALA B 536 31.19 10.09 -19.57
CA ALA B 536 31.47 9.02 -20.55
C ALA B 536 32.10 9.59 -21.83
N SER B 537 32.36 10.88 -21.85
CA SER B 537 32.92 11.64 -22.99
C SER B 537 34.06 10.90 -23.67
N PRO B 538 34.12 11.00 -25.01
CA PRO B 538 35.35 10.63 -25.72
C PRO B 538 36.36 11.78 -25.68
N ARG B 539 37.47 11.59 -26.41
CA ARG B 539 38.58 12.52 -26.38
C ARG B 539 38.23 13.78 -27.20
N ASP B 540 39.11 14.78 -27.05
CA ASP B 540 38.96 16.09 -27.73
C ASP B 540 40.19 16.29 -28.64
N PRO B 541 40.30 17.45 -29.31
CA PRO B 541 41.41 17.65 -30.26
C PRO B 541 42.78 17.66 -29.59
N LYS B 542 42.84 17.93 -28.31
CA LYS B 542 44.11 17.88 -27.55
C LYS B 542 44.39 16.47 -27.04
N GLY B 543 43.51 15.50 -27.31
CA GLY B 543 43.70 14.14 -26.79
C GLY B 543 43.29 13.99 -25.32
N GLN B 544 42.70 15.01 -24.72
CA GLN B 544 42.30 14.94 -23.30
C GLN B 544 41.18 13.89 -23.15
N ILE B 545 41.32 13.10 -22.11
CA ILE B 545 40.41 11.97 -21.78
C ILE B 545 39.37 12.47 -20.78
N GLY B 546 38.19 11.86 -20.87
CA GLY B 546 37.08 12.16 -19.96
C GLY B 546 37.15 11.32 -18.71
N ALA B 547 36.12 11.48 -17.86
CA ALA B 547 36.15 10.98 -16.50
C ALA B 547 36.21 9.47 -16.43
N TYR B 548 35.43 8.76 -17.22
CA TYR B 548 35.48 7.27 -17.24
C TYR B 548 36.86 6.79 -17.66
N GLU B 549 37.35 7.29 -18.78
CA GLU B 549 38.65 6.82 -19.33
C GLU B 549 39.74 7.10 -18.29
N ALA B 550 39.72 8.26 -17.64
CA ALA B 550 40.75 8.59 -16.63
C ALA B 550 40.64 7.67 -15.42
N ALA B 551 39.43 7.39 -14.94
CA ALA B 551 39.24 6.59 -13.74
C ALA B 551 39.66 5.15 -14.01
N LEU B 552 39.49 4.65 -15.23
CA LEU B 552 39.96 3.29 -15.55
C LEU B 552 41.48 3.20 -15.73
N MET B 553 42.13 4.28 -16.15
CA MET B 553 43.59 4.26 -16.33
C MET B 553 44.24 3.79 -15.04
N ASN B 554 45.29 2.98 -15.20
CA ASN B 554 46.26 2.61 -14.15
C ASN B 554 45.67 1.52 -13.25
N THR B 555 44.52 0.94 -13.60
CA THR B 555 43.84 -0.04 -12.76
C THR B 555 44.39 -1.47 -12.98
N LYS B 556 44.73 -2.13 -11.91
CA LYS B 556 45.12 -3.55 -11.91
C LYS B 556 43.90 -4.44 -12.16
N MET B 557 44.04 -5.46 -13.00
CA MET B 557 43.00 -6.49 -13.19
C MET B 557 43.56 -7.83 -12.69
N ALA B 558 42.85 -8.48 -11.79
CA ALA B 558 43.28 -9.80 -11.26
C ALA B 558 43.19 -10.85 -12.36
N ILE B 559 42.14 -10.82 -13.17
CA ILE B 559 41.81 -11.86 -14.15
C ILE B 559 41.33 -11.11 -15.38
N PRO B 560 42.18 -10.89 -16.38
CA PRO B 560 41.82 -10.01 -17.50
C PRO B 560 40.49 -10.35 -18.18
N GLU B 561 40.16 -11.63 -18.30
CA GLU B 561 38.91 -12.09 -19.00
C GLU B 561 37.66 -11.78 -18.17
N GLN B 562 37.81 -11.43 -16.89
CA GLN B 562 36.65 -11.14 -16.00
C GLN B 562 36.72 -9.68 -15.59
N PRO B 563 35.98 -8.76 -16.23
CA PRO B 563 36.21 -7.31 -16.07
C PRO B 563 35.65 -6.73 -14.76
N LEU B 564 35.79 -7.42 -13.62
CA LEU B 564 35.09 -6.96 -12.40
C LEU B 564 35.59 -5.56 -12.02
N GLU B 565 36.91 -5.29 -12.09
CA GLU B 565 37.45 -3.97 -11.71
C GLU B 565 36.92 -2.89 -12.61
N ILE B 566 36.83 -3.18 -13.90
CA ILE B 566 36.27 -2.21 -14.88
C ILE B 566 34.80 -1.91 -14.49
N LEU B 567 34.04 -2.94 -14.27
CA LEU B 567 32.61 -2.78 -13.88
C LEU B 567 32.51 -2.00 -12.60
N ARG B 568 33.34 -2.28 -11.61
CA ARG B 568 33.22 -1.59 -10.31
C ARG B 568 33.35 -0.09 -10.57
N THR B 569 34.40 0.32 -11.27
CA THR B 569 34.67 1.75 -11.46
C THR B 569 33.58 2.37 -12.36
N LEU B 570 33.25 1.73 -13.49
CA LEU B 570 32.21 2.34 -14.34
C LEU B 570 30.91 2.43 -13.55
N HIS B 571 30.48 1.36 -12.88
CA HIS B 571 29.22 1.42 -12.13
C HIS B 571 29.27 2.51 -11.05
N SER B 572 30.43 2.81 -10.48
CA SER B 572 30.52 3.81 -9.42
C SER B 572 30.09 5.18 -9.93
N PHE B 573 30.17 5.44 -11.21
CA PHE B 573 29.70 6.70 -11.82
C PHE B 573 28.22 6.65 -12.16
N ASP B 574 27.58 5.47 -12.06
CA ASP B 574 26.13 5.33 -12.35
C ASP B 574 25.85 5.75 -13.79
N PRO B 575 26.42 5.04 -14.80
CA PRO B 575 26.25 5.47 -16.19
C PRO B 575 24.79 5.36 -16.63
N CYS B 576 24.34 6.38 -17.36
CA CYS B 576 23.05 6.37 -18.05
C CYS B 576 23.32 6.72 -19.51
N LEU B 577 23.29 5.74 -20.39
CA LEU B 577 23.77 5.97 -21.75
C LEU B 577 22.70 6.63 -22.61
N ALA B 578 21.42 6.40 -22.32
CA ALA B 578 20.33 7.10 -23.03
C ALA B 578 20.45 8.59 -22.71
N CYS B 579 20.69 8.92 -21.44
CA CYS B 579 20.96 10.31 -21.03
C CYS B 579 22.14 10.83 -21.85
N SER B 580 23.22 10.09 -21.93
CA SER B 580 24.48 10.62 -22.46
C SER B 580 24.32 11.02 -23.92
N THR B 581 23.51 10.29 -24.66
CA THR B 581 23.38 10.38 -26.14
C THR B 581 22.12 11.13 -26.60
N HIS B 582 21.01 10.90 -25.91
CA HIS B 582 19.72 11.56 -26.20
C HIS B 582 19.47 11.59 -27.70
N LYS C 1 5.59 18.68 22.91
CA LYS C 1 4.45 19.58 23.29
C LYS C 1 3.26 18.69 23.66
N PRO C 2 2.35 19.16 24.53
CA PRO C 2 1.15 18.41 24.86
C PRO C 2 0.30 18.25 23.59
N ARG C 3 -0.44 17.16 23.50
CA ARG C 3 -1.34 16.89 22.36
C ARG C 3 -2.77 17.28 22.77
N ILE C 4 -3.61 17.59 21.79
CA ILE C 4 -5.00 18.01 22.04
C ILE C 4 -5.80 16.87 22.64
N PRO C 5 -6.46 17.08 23.77
CA PRO C 5 -7.29 16.05 24.38
C PRO C 5 -8.53 15.74 23.53
N VAL C 6 -8.77 14.44 23.39
CA VAL C 6 -9.99 13.98 22.67
C VAL C 6 -10.72 12.95 23.54
N VAL C 7 -12.01 13.13 23.67
CA VAL C 7 -12.90 12.18 24.37
C VAL C 7 -13.76 11.54 23.30
N TRP C 8 -13.76 10.21 23.17
CA TRP C 8 -14.57 9.52 22.13
C TRP C 8 -15.63 8.69 22.84
N ILE C 9 -16.90 9.04 22.72
CA ILE C 9 -18.00 8.32 23.38
C ILE C 9 -18.80 7.57 22.32
N HIS C 10 -19.60 6.62 22.79
CA HIS C 10 -20.32 5.64 21.97
C HIS C 10 -21.74 5.53 22.50
N GLY C 11 -22.73 5.87 21.69
CA GLY C 11 -24.13 5.64 22.01
C GLY C 11 -24.63 4.35 21.38
N LEU C 12 -25.86 4.34 20.88
CA LEU C 12 -26.33 3.21 20.05
C LEU C 12 -25.54 3.25 18.75
N GLU C 13 -24.90 2.13 18.41
CA GLU C 13 -23.95 2.08 17.30
C GLU C 13 -23.70 0.63 16.93
N CYS C 14 -22.94 0.44 15.85
CA CYS C 14 -22.38 -0.89 15.49
C CYS C 14 -20.87 -0.89 15.58
N THR C 15 -20.21 0.25 15.86
CA THR C 15 -18.76 0.38 16.01
C THR C 15 -18.05 0.38 14.63
N CYS C 16 -18.79 0.54 13.55
CA CYS C 16 -18.19 0.66 12.21
C CYS C 16 -17.32 1.90 12.09
N CYS C 17 -17.61 2.97 12.82
CA CYS C 17 -16.86 4.24 12.66
C CYS C 17 -15.49 4.13 13.36
N THR C 18 -15.44 3.50 14.53
CA THR C 18 -14.14 3.16 15.19
C THR C 18 -13.34 2.24 14.28
N GLU C 19 -13.98 1.24 13.73
CA GLU C 19 -13.25 0.28 12.85
C GLU C 19 -12.72 1.02 11.63
N SER C 20 -13.53 1.91 11.05
CA SER C 20 -13.03 2.68 9.89
C SER C 20 -11.82 3.50 10.29
N PHE C 21 -11.90 4.17 11.41
CA PHE C 21 -10.78 5.02 11.86
C PHE C 21 -9.48 4.22 11.91
N ILE C 22 -9.52 3.03 12.49
CA ILE C 22 -8.24 2.29 12.66
C ILE C 22 -7.73 1.75 11.32
N ARG C 23 -8.53 1.77 10.25
CA ARG C 23 -8.03 1.40 8.91
C ARG C 23 -7.13 2.47 8.32
N SER C 24 -7.07 3.68 8.85
CA SER C 24 -6.37 4.80 8.21
C SER C 24 -5.00 4.35 7.70
N ALA C 25 -4.66 4.68 6.49
CA ALA C 25 -3.40 4.33 5.84
C ALA C 25 -2.37 5.44 6.01
N HIS C 26 -2.83 6.68 6.14
CA HIS C 26 -1.92 7.84 6.18
C HIS C 26 -2.66 9.01 6.74
N PRO C 27 -2.38 9.45 7.98
CA PRO C 27 -1.46 8.78 8.91
C PRO C 27 -2.05 7.48 9.45
N LEU C 28 -1.19 6.56 9.82
CA LEU C 28 -1.67 5.34 10.51
C LEU C 28 -2.40 5.75 11.78
N ALA C 29 -3.44 5.05 12.17
CA ALA C 29 -4.15 5.31 13.43
C ALA C 29 -3.18 5.23 14.63
N LYS C 30 -2.22 4.33 14.58
CA LYS C 30 -1.13 4.26 15.59
C LYS C 30 -0.52 5.64 15.74
N ASP C 31 -0.10 6.27 14.66
CA ASP C 31 0.58 7.57 14.75
C ASP C 31 -0.40 8.67 15.16
N VAL C 32 -1.68 8.60 14.76
CA VAL C 32 -2.67 9.59 15.25
C VAL C 32 -2.71 9.55 16.79
N ILE C 33 -2.79 8.34 17.35
CA ILE C 33 -2.94 8.12 18.81
C ILE C 33 -1.63 8.48 19.50
N LEU C 34 -0.48 8.07 18.99
CA LEU C 34 0.78 8.28 19.75
C LEU C 34 1.27 9.71 19.59
N SER C 35 1.06 10.35 18.45
CA SER C 35 1.77 11.60 18.12
C SER C 35 0.86 12.79 17.81
N LEU C 36 -0.35 12.62 17.29
CA LEU C 36 -1.16 13.73 16.76
CA LEU C 36 -1.12 13.79 16.78
C LEU C 36 -2.14 14.28 17.79
N ILE C 37 -2.83 13.39 18.51
CA ILE C 37 -3.88 13.73 19.49
C ILE C 37 -3.54 13.04 20.81
N SER C 38 -4.31 13.35 21.85
CA SER C 38 -4.30 12.55 23.08
C SER C 38 -5.69 11.91 23.20
N LEU C 39 -5.79 10.64 22.83
CA LEU C 39 -7.09 9.94 22.85
C LEU C 39 -7.33 9.50 24.27
N ASP C 40 -8.05 10.32 25.02
CA ASP C 40 -8.02 10.29 26.51
C ASP C 40 -9.16 9.43 27.07
N TYR C 41 -10.16 9.10 26.26
CA TYR C 41 -11.28 8.24 26.68
C TYR C 41 -11.84 7.59 25.42
N ASP C 42 -11.99 6.27 25.43
CA ASP C 42 -12.53 5.54 24.27
C ASP C 42 -12.83 4.13 24.78
N ASP C 43 -14.11 3.81 24.97
CA ASP C 43 -14.50 2.51 25.56
C ASP C 43 -13.92 1.35 24.74
N THR C 44 -13.80 1.44 23.43
CA THR C 44 -13.38 0.29 22.59
C THR C 44 -11.94 -0.11 22.88
N LEU C 45 -11.09 0.86 23.23
CA LEU C 45 -9.61 0.65 23.21
C LEU C 45 -8.96 0.81 24.58
N MET C 46 -9.61 1.43 25.54
CA MET C 46 -8.92 1.85 26.78
C MET C 46 -8.67 0.63 27.71
N ALA C 47 -7.58 0.69 28.47
CA ALA C 47 -7.26 -0.35 29.46
C ALA C 47 -8.30 -0.40 30.60
N ALA C 48 -8.58 0.76 31.19
CA ALA C 48 -9.47 0.86 32.37
C ALA C 48 -10.91 0.45 31.96
N ALA C 49 -11.63 -0.14 32.91
CA ALA C 49 -13.07 -0.44 32.81
C ALA C 49 -13.79 0.05 34.06
N GLY C 50 -15.11 0.06 34.01
CA GLY C 50 -15.88 0.24 35.25
C GLY C 50 -15.50 1.51 35.97
N THR C 51 -15.30 1.41 37.30
CA THR C 51 -15.01 2.62 38.11
C THR C 51 -13.72 3.30 37.65
N GLN C 52 -12.74 2.55 37.18
CA GLN C 52 -11.46 3.13 36.69
C GLN C 52 -11.73 3.93 35.40
N ALA C 53 -12.60 3.44 34.52
CA ALA C 53 -12.96 4.16 33.29
C ALA C 53 -13.79 5.40 33.64
N GLU C 54 -14.66 5.31 34.66
CA GLU C 54 -15.47 6.46 35.06
C GLU C 54 -14.53 7.57 35.62
N GLU C 55 -13.51 7.16 36.33
CA GLU C 55 -12.52 8.12 36.90
C GLU C 55 -11.77 8.79 35.75
N VAL C 56 -11.38 8.04 34.73
CA VAL C 56 -10.74 8.67 33.54
C VAL C 56 -11.66 9.73 32.96
N PHE C 57 -12.90 9.35 32.67
CA PHE C 57 -13.88 10.24 32.03
C PHE C 57 -13.98 11.55 32.85
N GLU C 58 -14.23 11.41 34.15
CA GLU C 58 -14.39 12.59 35.03
C GLU C 58 -13.11 13.41 35.09
N ASP C 59 -11.97 12.77 35.24
CA ASP C 59 -10.68 13.50 35.38
C ASP C 59 -10.44 14.29 34.08
N ILE C 60 -10.62 13.68 32.93
CA ILE C 60 -10.28 14.37 31.66
C ILE C 60 -11.25 15.52 31.43
N ILE C 61 -12.55 15.30 31.60
CA ILE C 61 -13.50 16.39 31.23
C ILE C 61 -13.36 17.54 32.24
N THR C 62 -12.91 17.25 33.46
CA THR C 62 -12.68 18.31 34.48
C THR C 62 -11.36 19.05 34.17
N GLN C 63 -10.25 18.32 34.11
CA GLN C 63 -8.91 18.95 33.99
CA GLN C 63 -8.89 18.94 34.00
C GLN C 63 -8.80 19.69 32.66
N TYR C 64 -9.49 19.21 31.61
CA TYR C 64 -9.41 19.79 30.26
C TYR C 64 -10.75 20.41 29.86
N ASN C 65 -11.58 20.78 30.83
CA ASN C 65 -12.83 21.52 30.56
C ASN C 65 -12.59 22.68 29.58
N GLY C 66 -13.43 22.74 28.54
CA GLY C 66 -13.34 23.77 27.49
C GLY C 66 -12.28 23.50 26.44
N LYS C 67 -11.44 22.48 26.59
CA LYS C 67 -10.22 22.33 25.77
C LYS C 67 -10.17 21.01 24.99
N TYR C 68 -11.11 20.11 25.22
CA TYR C 68 -11.09 18.81 24.54
C TYR C 68 -12.07 18.85 23.38
N ILE C 69 -11.77 18.03 22.40
CA ILE C 69 -12.70 17.71 21.31
C ILE C 69 -13.46 16.48 21.72
N LEU C 70 -14.76 16.52 21.54
CA LEU C 70 -15.63 15.35 21.77
C LEU C 70 -15.92 14.68 20.44
N ALA C 71 -15.51 13.42 20.29
CA ALA C 71 -15.93 12.61 19.12
C ALA C 71 -17.11 11.78 19.60
N VAL C 72 -18.17 11.75 18.81
CA VAL C 72 -19.38 10.93 19.10
C VAL C 72 -19.60 9.93 17.99
N GLU C 73 -19.63 8.66 18.39
CA GLU C 73 -20.04 7.54 17.51
C GLU C 73 -21.39 7.09 18.04
N GLY C 74 -22.30 6.73 17.16
CA GLY C 74 -23.64 6.31 17.59
C GLY C 74 -24.49 7.46 18.03
N ASN C 75 -25.63 7.14 18.63
CA ASN C 75 -26.62 8.19 18.97
C ASN C 75 -27.43 7.80 20.21
N PRO C 76 -28.07 8.81 20.83
CA PRO C 76 -28.91 8.52 21.99
C PRO C 76 -30.32 8.15 21.62
N PRO C 77 -30.90 7.10 22.30
CA PRO C 77 -32.31 6.80 22.13
C PRO C 77 -33.15 7.57 23.14
N LEU C 78 -34.27 8.15 22.72
CA LEU C 78 -35.15 8.88 23.67
C LEU C 78 -36.20 7.91 24.25
N GLY C 79 -36.45 6.77 23.65
CA GLY C 79 -37.42 5.82 24.18
C GLY C 79 -37.00 5.24 25.52
N GLU C 80 -38.01 4.75 26.25
CA GLU C 80 -37.79 4.07 27.57
C GLU C 80 -36.90 4.94 28.46
N GLN C 81 -37.19 6.25 28.51
CA GLN C 81 -36.45 7.20 29.37
C GLN C 81 -34.95 7.15 29.08
N GLY C 82 -34.57 6.78 27.84
CA GLY C 82 -33.16 6.73 27.48
C GLY C 82 -32.48 5.41 27.81
N MET C 83 -33.16 4.44 28.42
CA MET C 83 -32.54 3.21 28.92
C MET C 83 -32.49 2.13 27.85
N PHE C 84 -32.75 2.47 26.60
CA PHE C 84 -32.28 1.66 25.45
C PHE C 84 -30.77 1.74 25.30
N CYS C 85 -30.08 2.67 25.97
CA CYS C 85 -28.61 2.73 25.94
C CYS C 85 -28.15 3.20 27.31
N ILE C 86 -27.56 2.31 28.07
CA ILE C 86 -27.28 2.52 29.52
C ILE C 86 -25.76 2.60 29.67
N SER C 87 -25.28 3.62 30.38
CA SER C 87 -23.86 3.74 30.71
C SER C 87 -23.74 4.07 32.20
N SER C 88 -23.04 3.23 32.92
CA SER C 88 -22.85 3.40 34.38
C SER C 88 -24.23 3.51 35.03
N GLY C 89 -25.17 2.69 34.59
CA GLY C 89 -26.51 2.54 35.18
C GLY C 89 -27.46 3.70 34.89
N ARG C 90 -27.06 4.62 34.03
N ARG C 90 -27.06 4.64 34.04
CA ARG C 90 -27.84 5.83 33.72
CA ARG C 90 -27.91 5.80 33.71
C ARG C 90 -28.03 5.95 32.21
C ARG C 90 -28.09 5.88 32.20
N PRO C 91 -29.03 6.70 31.72
CA PRO C 91 -29.20 6.87 30.28
C PRO C 91 -27.91 7.40 29.64
N PHE C 92 -27.51 6.85 28.51
CA PHE C 92 -26.34 7.38 27.74
C PHE C 92 -26.45 8.89 27.55
N ILE C 93 -27.65 9.37 27.30
CA ILE C 93 -27.83 10.82 26.95
C ILE C 93 -27.21 11.68 28.06
N GLU C 94 -27.19 11.21 29.32
CA GLU C 94 -26.62 12.07 30.39
C GLU C 94 -25.10 12.17 30.20
N LYS C 95 -24.44 11.09 29.81
CA LYS C 95 -23.00 11.11 29.49
C LYS C 95 -22.74 12.02 28.28
N LEU C 96 -23.55 11.91 27.21
CA LEU C 96 -23.43 12.79 26.02
C LEU C 96 -23.52 14.25 26.46
N LYS C 97 -24.51 14.57 27.28
CA LYS C 97 -24.69 16.00 27.66
C LYS C 97 -23.52 16.46 28.53
N ARG C 98 -23.06 15.63 29.47
CA ARG C 98 -21.92 16.04 30.32
CA ARG C 98 -21.91 16.01 30.33
C ARG C 98 -20.67 16.19 29.43
N ALA C 99 -20.41 15.26 28.52
CA ALA C 99 -19.21 15.36 27.66
C ALA C 99 -19.34 16.59 26.76
N ALA C 100 -20.50 16.86 26.22
CA ALA C 100 -20.71 17.96 25.24
C ALA C 100 -20.45 19.29 25.97
N ALA C 101 -20.87 19.41 27.22
CA ALA C 101 -20.84 20.71 27.92
C ALA C 101 -19.41 21.20 28.04
N GLY C 102 -18.43 20.31 28.26
CA GLY C 102 -17.02 20.72 28.39
C GLY C 102 -16.24 20.81 27.09
N ALA C 103 -16.82 20.36 25.98
CA ALA C 103 -16.11 20.25 24.70
C ALA C 103 -15.92 21.62 24.05
N SER C 104 -14.83 21.79 23.34
CA SER C 104 -14.67 22.98 22.48
C SER C 104 -15.47 22.80 21.19
N ALA C 105 -15.49 21.57 20.68
CA ALA C 105 -16.22 21.24 19.45
C ALA C 105 -16.52 19.75 19.46
N ILE C 106 -17.46 19.35 18.63
CA ILE C 106 -17.95 17.95 18.56
C ILE C 106 -17.81 17.48 17.12
N ILE C 107 -17.22 16.32 16.96
CA ILE C 107 -17.19 15.58 15.68
C ILE C 107 -18.26 14.51 15.77
N ALA C 108 -19.29 14.57 14.94
CA ALA C 108 -20.32 13.53 14.83
C ALA C 108 -19.84 12.54 13.76
N TRP C 109 -19.20 11.46 14.18
CA TRP C 109 -18.73 10.47 13.21
C TRP C 109 -19.92 9.66 12.68
N GLY C 110 -19.96 9.46 11.37
CA GLY C 110 -20.87 8.48 10.79
C GLY C 110 -22.29 8.98 10.64
N THR C 111 -23.04 8.24 9.86
CA THR C 111 -24.48 8.49 9.72
C THR C 111 -25.19 8.38 11.07
N CYS C 112 -24.76 7.50 11.97
CA CYS C 112 -25.46 7.41 13.28
C CYS C 112 -25.45 8.77 13.98
N ALA C 113 -24.27 9.32 14.25
CA ALA C 113 -24.19 10.56 15.04
C ALA C 113 -24.74 11.74 14.24
N SER C 114 -24.56 11.70 12.92
CA SER C 114 -25.00 12.82 12.06
C SER C 114 -26.50 12.85 11.90
N TRP C 115 -27.12 11.70 11.63
CA TRP C 115 -28.51 11.63 11.13
C TRP C 115 -29.41 10.65 11.88
N GLY C 116 -28.88 9.48 12.26
CA GLY C 116 -29.68 8.43 12.92
C GLY C 116 -29.26 7.04 12.51
N CYS C 117 -29.01 6.85 11.21
CA CYS C 117 -28.59 5.58 10.58
C CYS C 117 -29.58 4.46 10.92
N VAL C 118 -29.12 3.21 10.97
CA VAL C 118 -30.04 2.06 10.76
C VAL C 118 -31.07 2.00 11.90
N GLN C 119 -30.68 2.32 13.13
CA GLN C 119 -31.63 2.22 14.27
C GLN C 119 -32.73 3.27 14.13
N ALA C 120 -32.53 4.34 13.37
CA ALA C 120 -33.53 5.38 13.18
C ALA C 120 -34.43 5.06 11.98
N ALA C 121 -34.14 4.04 11.21
CA ALA C 121 -34.98 3.64 10.06
C ALA C 121 -36.34 3.21 10.61
N ARG C 122 -37.37 3.33 9.78
N ARG C 122 -37.37 3.38 9.79
CA ARG C 122 -38.76 3.05 10.22
CA ARG C 122 -38.76 3.06 10.23
C ARG C 122 -38.82 1.65 10.81
C ARG C 122 -38.79 1.66 10.83
N PRO C 123 -39.49 1.44 11.96
CA PRO C 123 -40.25 2.47 12.68
C PRO C 123 -39.52 3.12 13.86
N ASN C 124 -38.20 3.11 13.83
CA ASN C 124 -37.34 3.69 14.90
C ASN C 124 -37.83 3.27 16.28
N PRO C 125 -37.68 1.97 16.63
CA PRO C 125 -38.19 1.44 17.90
C PRO C 125 -37.70 2.21 19.11
N THR C 126 -36.49 2.71 19.10
CA THR C 126 -35.86 3.28 20.30
C THR C 126 -35.94 4.82 20.31
N GLN C 127 -36.51 5.42 19.27
CA GLN C 127 -36.47 6.89 19.10
C GLN C 127 -35.01 7.33 19.17
N ALA C 128 -34.17 6.67 18.37
CA ALA C 128 -32.76 7.09 18.17
C ALA C 128 -32.72 8.44 17.44
N THR C 129 -31.92 9.35 17.94
CA THR C 129 -31.96 10.79 17.61
C THR C 129 -30.53 11.25 17.35
N PRO C 130 -30.27 11.95 16.24
CA PRO C 130 -28.92 12.43 15.96
C PRO C 130 -28.48 13.51 16.96
N ILE C 131 -27.17 13.67 17.11
CA ILE C 131 -26.51 14.48 18.18
CA ILE C 131 -26.70 14.44 18.29
C ILE C 131 -27.03 15.93 18.11
N ASP C 132 -27.12 16.47 16.89
CA ASP C 132 -27.46 17.92 16.76
C ASP C 132 -28.90 18.20 17.16
N LYS C 133 -29.75 17.21 17.33
CA LYS C 133 -31.10 17.45 17.86
C LYS C 133 -31.11 17.38 19.39
N VAL C 134 -30.04 16.98 20.04
CA VAL C 134 -29.93 16.95 21.51
C VAL C 134 -29.00 18.05 21.98
N ILE C 135 -27.85 18.20 21.34
CA ILE C 135 -26.83 19.23 21.67
C ILE C 135 -27.03 20.37 20.69
N THR C 136 -27.46 21.53 21.19
CA THR C 136 -27.82 22.69 20.32
C THR C 136 -26.93 23.89 20.60
N ASP C 137 -25.93 23.79 21.46
CA ASP C 137 -25.08 24.95 21.84
C ASP C 137 -23.60 24.72 21.60
N LYS C 138 -23.22 23.79 20.71
CA LYS C 138 -21.79 23.49 20.41
C LYS C 138 -21.63 23.35 18.92
N PRO C 139 -20.44 23.72 18.38
CA PRO C 139 -20.12 23.40 17.00
C PRO C 139 -20.12 21.87 16.86
N ILE C 140 -20.82 21.41 15.82
CA ILE C 140 -20.88 19.97 15.45
C ILE C 140 -20.47 19.85 14.00
N ILE C 141 -19.45 19.07 13.79
CA ILE C 141 -19.00 18.75 12.41
C ILE C 141 -19.55 17.37 12.06
N LYS C 142 -20.43 17.25 11.08
CA LYS C 142 -20.98 15.94 10.69
CA LYS C 142 -21.00 15.95 10.66
C LYS C 142 -20.04 15.30 9.68
N VAL C 143 -19.67 14.05 9.94
CA VAL C 143 -18.79 13.28 9.03
C VAL C 143 -19.54 12.04 8.64
N PRO C 144 -20.53 12.14 7.73
CA PRO C 144 -21.45 11.03 7.56
C PRO C 144 -20.90 9.94 6.62
N GLY C 145 -21.68 8.88 6.50
CA GLY C 145 -21.22 7.64 5.89
C GLY C 145 -21.38 6.52 6.88
N CYS C 146 -21.53 5.30 6.39
CA CYS C 146 -21.80 4.13 7.24
C CYS C 146 -20.80 3.04 6.88
N PRO C 147 -19.55 3.17 7.34
CA PRO C 147 -19.01 4.34 8.02
C PRO C 147 -18.41 5.31 7.00
N PRO C 148 -17.88 6.45 7.48
CA PRO C 148 -17.09 7.31 6.60
C PRO C 148 -15.80 6.60 6.14
N ILE C 149 -15.20 7.13 5.09
CA ILE C 149 -13.95 6.60 4.53
C ILE C 149 -12.83 6.72 5.55
N PRO C 150 -12.03 5.66 5.83
CA PRO C 150 -10.96 5.79 6.80
C PRO C 150 -10.04 7.01 6.61
N ASP C 151 -9.54 7.21 5.38
CA ASP C 151 -8.54 8.28 5.17
C ASP C 151 -9.24 9.64 5.09
N VAL C 152 -10.57 9.69 4.94
CA VAL C 152 -11.32 10.95 5.16
C VAL C 152 -11.31 11.26 6.66
N MET C 153 -11.62 10.29 7.49
CA MET C 153 -11.65 10.54 8.94
C MET C 153 -10.28 11.06 9.33
N SER C 154 -9.18 10.40 8.94
CA SER C 154 -7.85 10.83 9.38
C SER C 154 -7.45 12.16 8.70
N ALA C 155 -7.87 12.44 7.49
CA ALA C 155 -7.55 13.73 6.86
C ALA C 155 -8.28 14.84 7.62
N ILE C 156 -9.53 14.63 8.03
CA ILE C 156 -10.23 15.67 8.81
C ILE C 156 -9.48 15.92 10.11
N ILE C 157 -9.06 14.85 10.79
CA ILE C 157 -8.27 15.00 12.04
C ILE C 157 -6.98 15.78 11.77
N THR C 158 -6.21 15.37 10.78
CA THR C 158 -4.95 16.07 10.48
C THR C 158 -5.21 17.51 10.10
N TYR C 159 -6.24 17.81 9.35
CA TYR C 159 -6.58 19.21 9.00
C TYR C 159 -6.76 19.97 10.29
N MET C 160 -7.55 19.45 11.20
CA MET C 160 -7.86 20.22 12.42
C MET C 160 -6.58 20.45 13.21
N VAL C 161 -5.74 19.45 13.39
CA VAL C 161 -4.49 19.57 14.18
C VAL C 161 -3.53 20.54 13.50
N THR C 162 -3.29 20.35 12.22
CA THR C 162 -2.29 21.12 11.45
C THR C 162 -2.71 22.58 11.33
N PHE C 163 -3.96 22.83 10.98
CA PHE C 163 -4.43 24.17 10.66
C PHE C 163 -5.05 24.83 11.90
N ASP C 164 -5.25 24.06 12.95
CA ASP C 164 -5.78 24.60 14.24
C ASP C 164 -7.13 25.28 14.01
N ARG C 165 -8.03 24.64 13.25
CA ARG C 165 -9.38 25.18 13.01
C ARG C 165 -10.29 24.07 12.52
N LEU C 166 -11.58 24.26 12.70
CA LEU C 166 -12.56 23.32 12.14
C LEU C 166 -12.53 23.45 10.62
N PRO C 167 -12.82 22.35 9.93
CA PRO C 167 -13.00 22.45 8.48
C PRO C 167 -14.19 23.33 8.17
N ASP C 168 -14.15 24.01 7.03
CA ASP C 168 -15.32 24.75 6.53
C ASP C 168 -16.38 23.72 6.12
N VAL C 169 -17.63 24.01 6.40
CA VAL C 169 -18.77 23.07 6.22
C VAL C 169 -19.82 23.65 5.29
N ASP C 170 -20.60 22.75 4.73
CA ASP C 170 -21.82 23.07 3.97
C ASP C 170 -22.94 23.42 4.97
N ARG C 171 -24.13 23.67 4.44
CA ARG C 171 -25.28 24.12 5.27
C ARG C 171 -25.76 22.97 6.17
N MET C 172 -25.28 21.74 5.98
CA MET C 172 -25.62 20.58 6.81
CA MET C 172 -25.63 20.58 6.81
C MET C 172 -24.52 20.26 7.82
N GLY C 173 -23.44 21.04 7.87
CA GLY C 173 -22.35 20.82 8.83
C GLY C 173 -21.32 19.78 8.34
N ARG C 174 -21.36 19.40 7.06
CA ARG C 174 -20.38 18.43 6.52
C ARG C 174 -19.17 19.15 5.97
N PRO C 175 -17.94 18.66 6.20
CA PRO C 175 -16.76 19.29 5.61
C PRO C 175 -16.80 19.38 4.10
N LEU C 176 -16.70 20.59 3.56
CA LEU C 176 -16.75 20.85 2.12
C LEU C 176 -15.67 20.04 1.41
N MET C 177 -14.51 19.87 2.03
CA MET C 177 -13.38 19.19 1.36
C MET C 177 -13.84 17.83 0.82
N PHE C 178 -14.56 17.02 1.60
CA PHE C 178 -14.90 15.65 1.17
C PHE C 178 -16.37 15.48 0.84
N TYR C 179 -17.24 16.41 1.21
CA TYR C 179 -18.71 16.25 1.02
C TYR C 179 -19.28 17.32 0.10
N GLY C 180 -18.43 18.06 -0.57
CA GLY C 180 -18.92 19.16 -1.44
C GLY C 180 -19.50 18.67 -2.76
N GLN C 181 -19.12 17.48 -3.23
CA GLN C 181 -19.59 16.95 -4.53
C GLN C 181 -20.28 15.60 -4.35
N ARG C 182 -21.12 15.26 -5.31
CA ARG C 182 -21.84 13.97 -5.27
C ARG C 182 -20.96 12.83 -5.77
N ILE C 183 -21.24 11.62 -5.33
CA ILE C 183 -20.59 10.41 -5.88
C ILE C 183 -20.65 10.43 -7.41
N HIS C 184 -21.82 10.69 -7.95
CA HIS C 184 -22.10 10.64 -9.41
C HIS C 184 -21.38 11.74 -10.17
N ASP C 185 -20.90 12.81 -9.51
N ASP C 185 -20.95 12.82 -9.46
CA ASP C 185 -20.21 13.88 -10.27
CA ASP C 185 -20.18 13.97 -10.01
C ASP C 185 -18.70 13.58 -10.30
C ASP C 185 -18.73 13.55 -10.31
N LYS C 186 -18.26 12.46 -9.71
CA LYS C 186 -16.84 12.00 -9.83
C LYS C 186 -16.77 10.49 -10.09
N CYS C 187 -17.81 9.91 -10.66
CA CYS C 187 -17.90 8.45 -10.85
C CYS C 187 -17.24 8.06 -12.17
N TYR C 188 -16.33 7.10 -12.11
CA TYR C 188 -15.63 6.60 -13.33
C TYR C 188 -16.58 5.86 -14.26
N ARG C 189 -17.80 5.52 -13.87
CA ARG C 189 -18.76 4.88 -14.79
C ARG C 189 -19.69 5.91 -15.43
N ARG C 190 -19.45 7.18 -15.20
CA ARG C 190 -20.36 8.21 -15.73
C ARG C 190 -20.39 8.15 -17.26
N ALA C 191 -19.31 7.81 -17.95
CA ALA C 191 -19.36 7.68 -19.44
C ALA C 191 -20.51 6.75 -19.81
N HIS C 192 -20.64 5.65 -19.12
CA HIS C 192 -21.68 4.62 -19.42
C HIS C 192 -23.04 5.24 -19.13
N PHE C 193 -23.22 5.91 -18.00
CA PHE C 193 -24.51 6.58 -17.69
C PHE C 193 -24.88 7.50 -18.86
N ASP C 194 -23.91 8.28 -19.35
CA ASP C 194 -24.21 9.34 -20.37
C ASP C 194 -24.59 8.63 -21.68
N ALA C 195 -24.06 7.45 -21.96
CA ALA C 195 -24.27 6.68 -23.20
C ALA C 195 -25.47 5.77 -23.09
N GLY C 196 -26.13 5.70 -21.93
CA GLY C 196 -27.24 4.74 -21.77
C GLY C 196 -26.80 3.28 -21.68
N GLU C 197 -25.60 3.04 -21.16
CA GLU C 197 -24.93 1.75 -21.03
C GLU C 197 -25.04 1.29 -19.58
N PHE C 198 -26.01 0.42 -19.34
CA PHE C 198 -26.43 0.05 -17.98
C PHE C 198 -26.37 -1.45 -17.78
N VAL C 199 -25.95 -1.87 -16.59
CA VAL C 199 -26.26 -3.23 -16.06
C VAL C 199 -27.78 -3.35 -15.92
N GLN C 200 -28.34 -4.47 -16.40
CA GLN C 200 -29.82 -4.69 -16.28
C GLN C 200 -30.12 -5.85 -15.36
N SER C 201 -29.24 -6.83 -15.29
N SER C 201 -29.20 -6.81 -15.29
CA SER C 201 -29.33 -7.91 -14.29
CA SER C 201 -29.29 -8.00 -14.41
C SER C 201 -27.90 -8.25 -13.84
C SER C 201 -27.89 -8.30 -13.88
N TRP C 202 -27.76 -8.78 -12.65
CA TRP C 202 -26.43 -9.06 -12.11
C TRP C 202 -25.67 -10.02 -13.04
N ASP C 203 -24.40 -9.71 -13.25
CA ASP C 203 -23.46 -10.56 -13.98
C ASP C 203 -23.88 -10.69 -15.44
N ASP C 204 -24.62 -9.72 -15.98
CA ASP C 204 -24.86 -9.65 -17.43
C ASP C 204 -23.59 -9.16 -18.12
N ASP C 205 -23.61 -9.09 -19.43
CA ASP C 205 -22.39 -8.68 -20.15
C ASP C 205 -22.03 -7.24 -19.79
N ALA C 206 -23.00 -6.38 -19.57
CA ALA C 206 -22.78 -4.99 -19.13
C ALA C 206 -22.03 -4.97 -17.80
N ALA C 207 -22.45 -5.81 -16.88
CA ALA C 207 -21.79 -5.88 -15.55
C ALA C 207 -20.31 -6.26 -15.71
N ARG C 208 -20.02 -7.19 -16.60
CA ARG C 208 -18.66 -7.70 -16.81
C ARG C 208 -17.79 -6.65 -17.48
N LYS C 209 -18.35 -5.57 -18.02
CA LYS C 209 -17.60 -4.50 -18.67
C LYS C 209 -17.59 -3.23 -17.80
N GLY C 210 -18.16 -3.28 -16.60
CA GLY C 210 -18.18 -2.12 -15.68
C GLY C 210 -19.16 -1.04 -16.12
N TYR C 211 -20.32 -1.42 -16.68
CA TYR C 211 -21.32 -0.41 -17.07
C TYR C 211 -21.99 0.18 -15.83
N CYS C 212 -22.69 1.30 -16.03
CA CYS C 212 -23.35 2.06 -14.98
C CYS C 212 -24.41 1.23 -14.26
N LEU C 213 -24.50 1.47 -12.95
CA LEU C 213 -25.39 0.73 -12.01
C LEU C 213 -26.70 1.46 -11.72
N TYR C 214 -27.01 2.51 -12.45
CA TYR C 214 -28.25 3.32 -12.25
C TYR C 214 -29.51 2.43 -12.23
N LYS C 215 -29.68 1.55 -13.21
CA LYS C 215 -30.88 0.65 -13.28
C LYS C 215 -30.88 -0.42 -12.22
N MET C 216 -29.75 -0.66 -11.56
CA MET C 216 -29.67 -1.58 -10.40
C MET C 216 -29.86 -0.81 -9.08
N GLY C 217 -30.22 0.47 -9.12
CA GLY C 217 -30.59 1.20 -7.88
C GLY C 217 -29.56 2.14 -7.35
N CYS C 218 -28.46 2.35 -8.09
CA CYS C 218 -27.37 3.20 -7.59
C CYS C 218 -27.88 4.56 -7.14
N LYS C 219 -27.57 4.96 -5.91
CA LYS C 219 -28.00 6.25 -5.33
C LYS C 219 -26.88 7.28 -5.38
N GLY C 220 -25.86 7.02 -6.18
CA GLY C 220 -24.76 8.00 -6.38
C GLY C 220 -25.26 9.38 -6.81
N PRO C 221 -26.30 9.48 -7.68
CA PRO C 221 -26.80 10.79 -8.10
C PRO C 221 -27.30 11.68 -6.98
N CYS C 222 -27.64 11.14 -5.82
CA CYS C 222 -28.20 12.02 -4.75
CA CYS C 222 -28.28 11.90 -4.70
C CYS C 222 -27.38 11.93 -3.47
N THR C 223 -26.11 11.51 -3.57
CA THR C 223 -25.30 11.21 -2.39
C THR C 223 -24.00 12.02 -2.43
N TYR C 224 -23.70 12.76 -1.38
CA TYR C 224 -22.45 13.53 -1.25
C TYR C 224 -21.46 12.76 -0.38
N ASN C 225 -20.28 12.50 -0.94
CA ASN C 225 -19.18 11.76 -0.28
C ASN C 225 -17.98 11.78 -1.21
N ALA C 226 -16.89 11.16 -0.79
CA ALA C 226 -15.63 11.17 -1.53
C ALA C 226 -15.31 9.78 -2.10
N CYS C 227 -16.27 8.87 -2.13
CA CYS C 227 -15.94 7.44 -2.42
C CYS C 227 -15.43 7.27 -3.85
N SER C 228 -15.96 8.03 -4.80
CA SER C 228 -15.60 7.87 -6.23
C SER C 228 -14.31 8.58 -6.58
N SER C 229 -13.70 9.30 -5.64
CA SER C 229 -12.42 10.06 -5.84
CA SER C 229 -12.41 10.02 -5.87
C SER C 229 -11.33 9.51 -4.91
N THR C 230 -11.52 9.66 -3.64
CA THR C 230 -10.60 9.18 -2.62
C THR C 230 -10.62 7.65 -2.56
N ARG C 231 -11.83 7.07 -2.73
CA ARG C 231 -12.02 5.61 -2.66
C ARG C 231 -11.73 5.11 -1.25
N TRP C 232 -11.75 3.80 -1.10
CA TRP C 232 -11.76 3.07 0.19
C TRP C 232 -10.53 2.20 0.36
N ASN C 233 -10.06 2.10 1.60
CA ASN C 233 -9.07 1.09 2.01
C ASN C 233 -7.78 1.33 1.21
N ASP C 234 -7.22 2.53 1.35
CA ASP C 234 -5.96 2.92 0.68
C ASP C 234 -6.19 2.91 -0.83
N GLY C 235 -7.36 3.43 -1.23
CA GLY C 235 -7.64 3.64 -2.65
C GLY C 235 -7.99 2.38 -3.42
N VAL C 236 -8.15 1.25 -2.74
CA VAL C 236 -8.36 -0.06 -3.43
C VAL C 236 -9.68 -0.11 -4.17
N SER C 237 -10.79 0.34 -3.60
CA SER C 237 -12.06 0.18 -4.33
C SER C 237 -13.10 1.16 -3.80
N PHE C 238 -14.32 1.07 -4.27
CA PHE C 238 -15.49 1.66 -3.61
C PHE C 238 -16.67 0.85 -4.06
N PRO C 239 -17.87 1.05 -3.45
CA PRO C 239 -19.01 0.19 -3.76
C PRO C 239 -19.20 -0.04 -5.28
N ILE C 240 -19.31 1.05 -6.04
CA ILE C 240 -19.59 0.99 -7.50
C ILE C 240 -18.47 0.24 -8.22
N GLN C 241 -17.22 0.47 -7.84
CA GLN C 241 -16.09 -0.16 -8.57
C GLN C 241 -16.19 -1.66 -8.44
N SER C 242 -16.68 -2.16 -7.31
CA SER C 242 -16.84 -3.62 -7.05
C SER C 242 -18.24 -4.11 -7.46
N GLY C 243 -19.03 -3.28 -8.16
CA GLY C 243 -20.21 -3.78 -8.89
C GLY C 243 -21.54 -3.58 -8.19
N HIS C 244 -21.56 -2.97 -7.01
CA HIS C 244 -22.84 -2.66 -6.31
C HIS C 244 -23.14 -1.18 -6.43
N GLY C 245 -24.40 -0.80 -6.70
CA GLY C 245 -24.74 0.62 -6.67
C GLY C 245 -24.50 1.21 -5.31
N CYS C 246 -24.21 2.52 -5.28
CA CYS C 246 -24.25 3.28 -4.01
C CYS C 246 -25.58 3.06 -3.31
N LEU C 247 -25.57 2.80 -1.98
CA LEU C 247 -26.80 2.68 -1.16
C LEU C 247 -27.28 4.07 -0.77
N GLY C 248 -26.46 5.10 -0.86
CA GLY C 248 -26.76 6.45 -0.37
C GLY C 248 -26.34 6.67 1.07
N CYS C 249 -25.36 5.92 1.56
CA CYS C 249 -25.17 5.73 3.02
C CYS C 249 -24.68 6.99 3.75
N ALA C 250 -24.21 7.99 3.06
CA ALA C 250 -23.80 9.28 3.66
C ALA C 250 -24.98 10.25 3.81
N GLU C 251 -26.18 9.92 3.33
CA GLU C 251 -27.33 10.85 3.35
C GLU C 251 -28.34 10.54 4.45
N ASN C 252 -28.84 11.63 5.02
CA ASN C 252 -29.93 11.57 6.03
C ASN C 252 -31.07 10.70 5.47
N GLY C 253 -31.52 9.70 6.24
CA GLY C 253 -32.72 8.92 5.90
C GLY C 253 -32.54 7.94 4.75
N PHE C 254 -31.30 7.57 4.43
CA PHE C 254 -31.05 6.76 3.21
C PHE C 254 -31.67 5.38 3.33
N TRP C 255 -31.91 4.87 4.52
CA TRP C 255 -32.52 3.54 4.72
C TRP C 255 -33.98 3.55 4.26
N ASP C 256 -34.64 4.71 4.28
CA ASP C 256 -36.10 4.84 4.04
C ASP C 256 -36.38 5.54 2.73
N ARG C 257 -35.43 5.62 1.82
CA ARG C 257 -35.69 6.16 0.45
C ARG C 257 -36.07 5.04 -0.50
N GLY C 258 -36.59 3.93 -0.03
CA GLY C 258 -37.01 2.87 -0.92
C GLY C 258 -35.92 1.81 -1.02
N SER C 259 -36.26 0.79 -1.76
CA SER C 259 -35.34 -0.33 -1.97
C SER C 259 -34.04 0.22 -2.54
N PHE C 260 -32.95 -0.43 -2.12
CA PHE C 260 -31.63 -0.11 -2.69
C PHE C 260 -31.61 -0.43 -4.17
N TYR C 261 -32.50 -1.31 -4.64
CA TYR C 261 -32.53 -1.76 -6.03
C TYR C 261 -33.57 -1.02 -6.86
N SER C 262 -34.25 -0.03 -6.26
CA SER C 262 -35.18 0.82 -7.05
C SER C 262 -34.38 2.00 -7.54
N ARG C 263 -34.55 2.34 -8.83
CA ARG C 263 -33.75 3.40 -9.46
C ARG C 263 -34.23 4.72 -8.85
N VAL C 264 -33.37 5.82 -8.75
CA VAL C 264 -33.70 7.24 -8.36
C VAL C 264 -34.88 7.75 -9.20
N SER D 2 -31.05 -12.04 50.58
CA SER D 2 -30.15 -12.80 49.67
C SER D 2 -30.74 -14.20 49.40
N THR D 3 -30.39 -14.81 48.28
CA THR D 3 -30.85 -16.18 47.95
C THR D 3 -29.66 -17.00 47.45
N GLN D 4 -29.79 -18.30 47.60
CA GLN D 4 -28.83 -19.27 47.10
C GLN D 4 -29.59 -20.38 46.40
N TYR D 5 -29.15 -20.78 45.21
CA TYR D 5 -29.69 -21.97 44.54
C TYR D 5 -28.58 -22.66 43.77
N GLU D 6 -28.81 -23.89 43.36
CA GLU D 6 -27.85 -24.75 42.64
C GLU D 6 -28.25 -24.84 41.18
N THR D 7 -27.31 -24.72 40.26
CA THR D 7 -27.58 -24.97 38.83
C THR D 7 -26.27 -25.34 38.14
N GLN D 8 -26.26 -26.37 37.32
CA GLN D 8 -25.12 -26.74 36.46
C GLN D 8 -23.84 -26.96 37.26
N GLY D 9 -23.97 -27.42 38.52
CA GLY D 9 -22.83 -27.69 39.38
C GLY D 9 -22.33 -26.46 40.12
N TYR D 10 -22.98 -25.30 39.96
CA TYR D 10 -22.60 -24.06 40.65
C TYR D 10 -23.58 -23.78 41.80
N THR D 11 -23.08 -23.11 42.82
CA THR D 11 -23.89 -22.53 43.91
C THR D 11 -24.01 -21.02 43.71
N ILE D 12 -25.16 -20.57 43.26
CA ILE D 12 -25.41 -19.15 42.95
C ILE D 12 -25.84 -18.47 44.23
N ASN D 13 -24.99 -17.62 44.79
CA ASN D 13 -25.23 -17.01 46.11
C ASN D 13 -25.03 -15.50 46.01
N ASN D 14 -26.10 -14.73 46.19
CA ASN D 14 -25.99 -13.26 46.03
C ASN D 14 -25.92 -12.54 47.38
N ALA D 15 -25.55 -13.26 48.43
CA ALA D 15 -25.17 -12.65 49.72
C ALA D 15 -23.82 -11.96 49.54
N GLY D 16 -23.48 -11.09 50.48
CA GLY D 16 -22.11 -10.55 50.48
C GLY D 16 -21.92 -9.43 49.47
N ARG D 17 -20.69 -8.99 49.37
CA ARG D 17 -20.35 -7.74 48.68
C ARG D 17 -20.70 -7.83 47.19
N ARG D 18 -21.30 -6.77 46.69
CA ARG D 18 -21.61 -6.67 45.24
C ARG D 18 -20.57 -5.78 44.56
N LEU D 19 -20.04 -6.21 43.42
CA LEU D 19 -19.11 -5.39 42.60
C LEU D 19 -19.80 -5.13 41.27
N VAL D 20 -19.67 -3.91 40.78
CA VAL D 20 -20.25 -3.50 39.49
C VAL D 20 -19.14 -3.09 38.54
N VAL D 21 -19.18 -3.57 37.32
CA VAL D 21 -18.26 -3.13 36.24
C VAL D 21 -19.14 -2.63 35.09
N ASP D 22 -19.26 -1.33 35.00
CA ASP D 22 -20.12 -0.65 34.01
C ASP D 22 -19.53 0.73 33.79
N PRO D 23 -18.85 0.99 32.65
CA PRO D 23 -18.88 0.15 31.46
C PRO D 23 -17.83 -0.93 31.41
N ILE D 24 -18.14 -2.04 30.78
CA ILE D 24 -17.10 -2.98 30.30
CA ILE D 24 -17.07 -2.95 30.32
C ILE D 24 -16.46 -2.33 29.07
N THR D 25 -15.16 -2.19 29.06
CA THR D 25 -14.40 -1.59 27.95
C THR D 25 -13.66 -2.70 27.21
N ARG D 26 -13.05 -2.31 26.11
CA ARG D 26 -12.30 -3.25 25.21
C ARG D 26 -13.23 -4.43 24.86
N ILE D 27 -14.46 -4.07 24.59
CA ILE D 27 -15.44 -4.89 23.85
C ILE D 27 -16.08 -4.03 22.80
N GLU D 28 -16.88 -4.67 21.95
CA GLU D 28 -17.80 -3.90 21.12
C GLU D 28 -19.06 -3.61 21.93
N GLY D 29 -19.53 -2.39 21.92
CA GLY D 29 -20.88 -2.08 22.43
C GLY D 29 -20.90 -1.95 23.95
N HIS D 30 -22.10 -2.09 24.49
CA HIS D 30 -22.47 -1.71 25.88
C HIS D 30 -22.79 -2.96 26.69
N MET D 31 -21.99 -3.20 27.69
CA MET D 31 -22.19 -4.28 28.66
C MET D 31 -21.95 -3.76 30.08
N ARG D 32 -22.77 -4.31 30.99
CA ARG D 32 -22.64 -4.18 32.45
C ARG D 32 -22.48 -5.57 33.03
N CYS D 33 -21.59 -5.69 34.00
CA CYS D 33 -21.39 -6.96 34.70
C CYS D 33 -21.48 -6.68 36.21
N GLU D 34 -22.23 -7.47 36.95
CA GLU D 34 -22.18 -7.39 38.43
C GLU D 34 -21.79 -8.77 38.94
N VAL D 35 -21.12 -8.80 40.10
CA VAL D 35 -20.81 -10.07 40.77
C VAL D 35 -21.07 -9.86 42.27
N ASN D 36 -21.24 -10.99 42.98
CA ASN D 36 -21.05 -11.01 44.44
C ASN D 36 -19.80 -11.82 44.75
N ILE D 37 -19.06 -11.33 45.74
CA ILE D 37 -17.84 -12.03 46.22
CA ILE D 37 -17.80 -11.94 46.22
C ILE D 37 -17.99 -12.31 47.71
N ASN D 38 -17.49 -13.45 48.08
CA ASN D 38 -17.50 -13.85 49.52
C ASN D 38 -16.29 -13.22 50.21
N ASP D 39 -16.13 -13.56 51.50
CA ASP D 39 -15.04 -13.06 52.37
C ASP D 39 -13.68 -13.46 51.83
N GLN D 40 -13.63 -14.52 51.02
CA GLN D 40 -12.37 -15.07 50.47
C GLN D 40 -12.08 -14.48 49.08
N ASN D 41 -12.81 -13.44 48.68
CA ASN D 41 -12.62 -12.70 47.40
C ASN D 41 -12.89 -13.65 46.22
N VAL D 42 -13.81 -14.59 46.41
CA VAL D 42 -14.21 -15.53 45.35
C VAL D 42 -15.62 -15.17 44.90
N ILE D 43 -15.80 -15.11 43.57
CA ILE D 43 -17.11 -14.81 42.96
C ILE D 43 -18.07 -15.98 43.22
N THR D 44 -19.18 -15.64 43.84
CA THR D 44 -20.28 -16.59 44.13
C THR D 44 -21.53 -16.29 43.31
N ASN D 45 -21.53 -15.24 42.51
CA ASN D 45 -22.70 -14.85 41.69
C ASN D 45 -22.16 -13.98 40.57
N ALA D 46 -22.68 -14.16 39.37
CA ALA D 46 -22.25 -13.30 38.25
C ALA D 46 -23.47 -12.98 37.41
N VAL D 47 -23.54 -11.73 36.94
CA VAL D 47 -24.71 -11.15 36.27
C VAL D 47 -24.20 -10.49 34.99
N SER D 48 -24.68 -10.97 33.83
CA SER D 48 -24.32 -10.46 32.50
C SER D 48 -25.48 -9.61 31.98
N CYS D 49 -25.22 -8.34 31.65
CA CYS D 49 -26.27 -7.40 31.23
C CYS D 49 -25.89 -6.70 29.93
N GLY D 50 -26.67 -6.88 28.88
CA GLY D 50 -26.49 -6.05 27.69
C GLY D 50 -27.21 -4.72 27.85
N THR D 51 -26.47 -3.63 27.80
CA THR D 51 -26.98 -2.28 28.08
C THR D 51 -27.27 -1.48 26.80
N MET D 52 -27.69 -2.15 25.71
CA MET D 52 -28.08 -1.44 24.49
C MET D 52 -29.10 -2.26 23.74
N PHE D 53 -29.90 -1.60 22.92
CA PHE D 53 -30.85 -2.26 22.00
C PHE D 53 -31.16 -1.29 20.88
N ARG D 54 -31.32 -1.83 19.65
CA ARG D 54 -31.68 -1.00 18.48
C ARG D 54 -32.95 -1.52 17.78
N GLY D 55 -33.16 -2.83 17.70
CA GLY D 55 -34.40 -3.36 17.14
C GLY D 55 -34.39 -3.62 15.65
N LEU D 56 -33.29 -4.16 15.13
CA LEU D 56 -33.22 -4.52 13.68
C LEU D 56 -34.34 -5.49 13.31
N GLU D 57 -34.74 -6.40 14.17
CA GLU D 57 -35.80 -7.37 13.79
C GLU D 57 -37.13 -6.65 13.57
N ILE D 58 -37.37 -5.54 14.22
CA ILE D 58 -38.59 -4.75 14.03
C ILE D 58 -38.45 -3.91 12.76
N ILE D 59 -37.30 -3.27 12.59
CA ILE D 59 -36.99 -2.43 11.40
C ILE D 59 -37.08 -3.22 10.11
N LEU D 60 -36.70 -4.47 10.10
CA LEU D 60 -36.72 -5.31 8.88
CA LEU D 60 -36.74 -5.28 8.85
C LEU D 60 -38.17 -5.59 8.42
N GLN D 61 -39.15 -5.54 9.30
CA GLN D 61 -40.51 -5.93 8.85
C GLN D 61 -40.95 -5.04 7.69
N GLY D 62 -41.54 -5.64 6.68
CA GLY D 62 -42.09 -4.85 5.56
C GLY D 62 -41.06 -4.47 4.52
N ARG D 63 -39.80 -4.78 4.75
CA ARG D 63 -38.75 -4.45 3.74
C ARG D 63 -38.71 -5.52 2.65
N ASP D 64 -38.04 -5.19 1.56
CA ASP D 64 -37.79 -6.16 0.46
C ASP D 64 -36.71 -7.10 0.92
N PRO D 65 -36.93 -8.41 0.81
CA PRO D 65 -35.89 -9.37 1.22
C PRO D 65 -34.51 -9.17 0.59
N ARG D 66 -34.48 -8.60 -0.61
CA ARG D 66 -33.19 -8.35 -1.28
C ARG D 66 -32.42 -7.28 -0.54
N ASP D 67 -33.07 -6.38 0.17
CA ASP D 67 -32.39 -5.29 0.90
CA ASP D 67 -32.38 -5.29 0.90
C ASP D 67 -31.92 -5.74 2.29
N ALA D 68 -32.38 -6.88 2.76
CA ALA D 68 -32.23 -7.17 4.21
C ALA D 68 -30.75 -7.24 4.62
N TRP D 69 -29.89 -7.74 3.74
CA TRP D 69 -28.45 -7.94 4.09
C TRP D 69 -27.83 -6.62 4.48
N ALA D 70 -28.25 -5.52 3.82
CA ALA D 70 -27.58 -4.21 4.05
C ALA D 70 -27.95 -3.69 5.42
N PHE D 71 -29.20 -3.86 5.82
CA PHE D 71 -29.69 -3.46 7.14
C PHE D 71 -28.99 -4.27 8.22
N VAL D 72 -29.06 -5.60 8.12
CA VAL D 72 -28.55 -6.45 9.21
C VAL D 72 -27.03 -6.43 9.22
N GLU D 73 -26.37 -6.12 8.11
CA GLU D 73 -24.90 -5.95 8.20
C GLU D 73 -24.55 -4.97 9.32
N ARG D 74 -25.37 -3.92 9.46
CA ARG D 74 -25.19 -2.87 10.49
C ARG D 74 -25.62 -3.32 11.88
N ILE D 75 -25.91 -4.59 12.09
CA ILE D 75 -25.93 -5.12 13.47
C ILE D 75 -24.55 -4.86 14.07
N CYS D 76 -23.47 -5.00 13.29
CA CYS D 76 -22.13 -4.93 13.87
C CYS D 76 -21.06 -4.62 12.83
N GLY D 77 -20.22 -3.67 13.22
CA GLY D 77 -19.11 -3.23 12.36
C GLY D 77 -17.83 -3.92 12.70
N VAL D 78 -17.76 -4.66 13.80
CA VAL D 78 -16.59 -5.47 14.20
C VAL D 78 -16.61 -6.78 13.42
N CSO D 79 -17.67 -7.56 13.59
CA CSO D 79 -17.88 -8.74 12.77
CB CSO D 79 -18.65 -9.85 13.50
SG CSO D 79 -20.26 -9.40 14.16
C CSO D 79 -18.55 -8.32 11.45
O CSO D 79 -19.54 -8.92 11.03
OD CSO D 79 -20.05 -7.84 14.59
N THR D 80 -18.01 -7.29 10.80
CA THR D 80 -18.66 -6.76 9.62
C THR D 80 -18.67 -7.77 8.47
N GLY D 81 -19.84 -7.94 7.89
CA GLY D 81 -20.05 -8.85 6.76
C GLY D 81 -20.74 -10.11 7.18
N VAL D 82 -20.56 -10.61 8.40
CA VAL D 82 -21.10 -11.94 8.72
C VAL D 82 -22.63 -11.91 8.74
N HIS D 83 -23.25 -10.82 9.15
CA HIS D 83 -24.72 -10.75 9.16
C HIS D 83 -25.25 -10.61 7.74
N ALA D 84 -24.48 -9.96 6.84
CA ALA D 84 -24.85 -9.89 5.42
C ALA D 84 -24.83 -11.30 4.85
N LEU D 85 -23.80 -12.08 5.15
CA LEU D 85 -23.69 -13.49 4.66
C LEU D 85 -24.88 -14.29 5.20
N ALA D 86 -25.15 -14.21 6.48
CA ALA D 86 -26.27 -15.00 7.07
C ALA D 86 -27.59 -14.59 6.40
N SER D 87 -27.71 -13.31 6.07
CA SER D 87 -28.93 -12.78 5.46
C SER D 87 -29.13 -13.32 4.06
N VAL D 88 -28.12 -13.22 3.22
CA VAL D 88 -28.30 -13.70 1.82
C VAL D 88 -28.54 -15.22 1.88
N TYR D 89 -27.86 -15.93 2.78
CA TYR D 89 -28.14 -17.37 2.97
C TYR D 89 -29.63 -17.58 3.30
N ALA D 90 -30.16 -16.79 4.23
CA ALA D 90 -31.54 -16.98 4.72
C ALA D 90 -32.52 -16.72 3.59
N ILE D 91 -32.33 -15.64 2.87
CA ILE D 91 -33.28 -15.27 1.80
C ILE D 91 -33.19 -16.28 0.66
N GLU D 92 -32.00 -16.71 0.30
CA GLU D 92 -31.81 -17.77 -0.72
C GLU D 92 -32.46 -19.08 -0.27
N ASP D 93 -32.37 -19.42 1.00
CA ASP D 93 -32.99 -20.63 1.55
C ASP D 93 -34.50 -20.52 1.46
N ALA D 94 -35.06 -19.37 1.75
CA ALA D 94 -36.52 -19.17 1.73
C ALA D 94 -37.04 -19.27 0.31
N ILE D 95 -36.40 -18.59 -0.64
CA ILE D 95 -36.91 -18.45 -2.04
C ILE D 95 -36.55 -19.70 -2.84
N GLY D 96 -35.45 -20.38 -2.54
CA GLY D 96 -34.98 -21.53 -3.34
C GLY D 96 -34.01 -21.03 -4.42
N ILE D 97 -33.00 -20.29 -4.00
CA ILE D 97 -31.96 -19.77 -4.93
C ILE D 97 -30.69 -20.54 -4.67
N LYS D 98 -30.03 -20.95 -5.74
CA LYS D 98 -28.72 -21.61 -5.70
C LYS D 98 -27.72 -20.68 -6.41
N VAL D 99 -26.65 -20.30 -5.73
CA VAL D 99 -25.68 -19.34 -6.30
C VAL D 99 -24.64 -20.08 -7.10
N PRO D 100 -23.96 -19.41 -8.05
CA PRO D 100 -22.87 -20.05 -8.75
C PRO D 100 -21.65 -20.31 -7.84
N ASP D 101 -20.87 -21.30 -8.19
CA ASP D 101 -19.72 -21.73 -7.37
C ASP D 101 -18.82 -20.52 -7.04
N ASN D 102 -18.52 -19.67 -8.03
CA ASN D 102 -17.59 -18.56 -7.72
C ASN D 102 -18.18 -17.63 -6.66
N ALA D 103 -19.49 -17.44 -6.65
CA ALA D 103 -20.09 -16.60 -5.59
C ALA D 103 -19.91 -17.26 -4.22
N ASN D 104 -20.06 -18.57 -4.13
CA ASN D 104 -19.88 -19.27 -2.86
C ASN D 104 -18.42 -19.19 -2.41
N ILE D 105 -17.48 -19.33 -3.36
CA ILE D 105 -16.04 -19.29 -3.04
C ILE D 105 -15.71 -17.89 -2.52
N ILE D 106 -16.20 -16.86 -3.21
CA ILE D 106 -15.91 -15.47 -2.79
C ILE D 106 -16.57 -15.20 -1.42
N ARG D 107 -17.77 -15.70 -1.16
CA ARG D 107 -18.34 -15.53 0.18
C ARG D 107 -17.48 -16.23 1.23
N ASN D 108 -16.95 -17.41 0.94
CA ASN D 108 -16.06 -18.11 1.87
C ASN D 108 -14.79 -17.25 2.09
N ILE D 109 -14.28 -16.63 1.01
CA ILE D 109 -13.13 -15.69 1.16
C ILE D 109 -13.52 -14.52 2.05
N MET D 110 -14.68 -13.94 1.90
CA MET D 110 -15.11 -12.80 2.73
C MET D 110 -15.15 -13.23 4.20
N LEU D 111 -15.65 -14.43 4.46
CA LEU D 111 -15.79 -14.89 5.86
C LEU D 111 -14.41 -15.21 6.45
N ALA D 112 -13.55 -15.88 5.70
CA ALA D 112 -12.20 -16.23 6.20
C ALA D 112 -11.40 -14.95 6.43
N THR D 113 -11.55 -13.96 5.53
CA THR D 113 -10.89 -12.65 5.69
C THR D 113 -11.32 -12.03 7.01
N LEU D 114 -12.62 -12.03 7.27
CA LEU D 114 -13.15 -11.49 8.54
C LEU D 114 -12.61 -12.27 9.74
N TRP D 115 -12.58 -13.58 9.68
CA TRP D 115 -12.00 -14.36 10.81
C TRP D 115 -10.58 -13.89 11.11
N CYS D 116 -9.74 -13.80 10.08
CA CYS D 116 -8.35 -13.38 10.25
C CYS D 116 -8.31 -12.00 10.89
N HIS D 117 -8.99 -11.03 10.29
CA HIS D 117 -8.93 -9.62 10.73
C HIS D 117 -9.45 -9.49 12.17
N ASP D 118 -10.61 -10.02 12.40
CA ASP D 118 -11.34 -9.84 13.66
C ASP D 118 -10.55 -10.51 14.76
N HIS D 119 -10.15 -11.75 14.55
CA HIS D 119 -9.36 -12.46 15.58
C HIS D 119 -8.06 -11.72 15.90
N LEU D 120 -7.36 -11.19 14.88
CA LEU D 120 -6.08 -10.50 15.12
C LEU D 120 -6.32 -9.25 15.98
N VAL D 121 -7.26 -8.41 15.62
CA VAL D 121 -7.54 -7.17 16.38
C VAL D 121 -8.00 -7.55 17.79
N HIS D 122 -8.81 -8.59 17.93
CA HIS D 122 -9.27 -8.92 19.30
C HIS D 122 -8.05 -9.27 20.16
N PHE D 123 -7.17 -10.09 19.65
CA PHE D 123 -6.02 -10.58 20.41
C PHE D 123 -5.19 -9.42 20.95
N TYR D 124 -4.87 -8.45 20.07
CA TYR D 124 -3.98 -7.34 20.44
C TYR D 124 -4.78 -6.20 21.07
N GLN D 125 -5.69 -5.59 20.34
CA GLN D 125 -6.32 -4.32 20.79
C GLN D 125 -7.38 -4.55 21.87
N LEU D 126 -8.05 -5.69 21.90
CA LEU D 126 -9.14 -5.86 22.87
C LEU D 126 -8.67 -6.66 24.09
N ALA D 127 -8.17 -7.87 23.94
CA ALA D 127 -7.76 -8.71 25.09
C ALA D 127 -6.34 -8.43 25.54
N GLY D 128 -5.45 -7.95 24.66
CA GLY D 128 -4.01 -7.98 24.90
C GLY D 128 -3.58 -7.33 26.20
N MET D 129 -4.14 -6.18 26.51
CA MET D 129 -3.70 -5.42 27.72
C MET D 129 -4.19 -6.07 29.01
N ASP D 130 -4.93 -7.16 28.97
CA ASP D 130 -5.25 -7.96 30.16
C ASP D 130 -4.04 -8.82 30.54
N TRP D 131 -3.12 -9.05 29.60
CA TRP D 131 -2.05 -10.05 29.73
C TRP D 131 -0.68 -9.39 29.70
N ILE D 132 -0.57 -8.33 28.92
CA ILE D 132 0.64 -7.52 28.69
C ILE D 132 0.53 -6.31 29.60
N ASP D 133 1.51 -6.16 30.48
CA ASP D 133 1.64 -4.96 31.31
C ASP D 133 2.43 -3.90 30.52
N VAL D 134 1.70 -2.98 29.89
CA VAL D 134 2.31 -1.99 28.96
C VAL D 134 3.34 -1.15 29.72
N LEU D 135 3.04 -0.69 30.91
CA LEU D 135 4.03 0.19 31.60
C LEU D 135 5.24 -0.64 32.00
N ASP D 136 5.09 -1.91 32.31
CA ASP D 136 6.25 -2.75 32.68
C ASP D 136 7.20 -2.89 31.47
N ALA D 137 6.73 -2.72 30.23
CA ALA D 137 7.61 -2.76 29.05
C ALA D 137 8.70 -1.68 29.15
N LEU D 138 8.49 -0.58 29.87
CA LEU D 138 9.53 0.46 30.02
C LEU D 138 10.72 -0.09 30.79
N LYS D 139 10.61 -1.18 31.53
CA LYS D 139 11.73 -1.73 32.35
C LYS D 139 12.52 -2.76 31.57
N ALA D 140 12.08 -3.14 30.36
CA ALA D 140 12.74 -4.26 29.67
C ALA D 140 14.12 -3.84 29.17
N ASP D 141 14.94 -4.83 28.96
CA ASP D 141 16.23 -4.69 28.28
C ASP D 141 15.95 -4.97 26.80
N PRO D 142 16.26 -4.01 25.91
CA PRO D 142 16.02 -4.25 24.48
C PRO D 142 16.71 -5.49 23.89
N ARG D 143 17.95 -5.79 24.31
CA ARG D 143 18.72 -6.95 23.79
CA ARG D 143 18.71 -6.95 23.80
C ARG D 143 18.04 -8.24 24.30
N LYS D 144 17.61 -8.27 25.58
CA LYS D 144 16.95 -9.48 26.11
C LYS D 144 15.58 -9.66 25.41
N THR D 145 14.98 -8.56 25.01
CA THR D 145 13.69 -8.58 24.27
C THR D 145 13.92 -9.18 22.89
N SER D 146 14.95 -8.72 22.20
CA SER D 146 15.39 -9.29 20.90
C SER D 146 15.63 -10.78 21.05
N GLU D 147 16.40 -11.18 22.07
CA GLU D 147 16.75 -12.60 22.25
C GLU D 147 15.47 -13.42 22.51
N LEU D 148 14.57 -12.88 23.32
CA LEU D 148 13.29 -13.60 23.54
C LEU D 148 12.53 -13.78 22.22
N ALA D 149 12.31 -12.69 21.51
CA ALA D 149 11.52 -12.74 20.26
C ALA D 149 12.13 -13.74 19.29
N GLN D 150 13.45 -13.69 19.16
CA GLN D 150 14.14 -14.56 18.19
C GLN D 150 14.08 -16.02 18.62
N SER D 151 14.00 -16.30 19.93
CA SER D 151 13.85 -17.69 20.41
C SER D 151 12.46 -18.24 20.07
N LEU D 152 11.45 -17.37 19.86
CA LEU D 152 10.05 -17.79 19.66
C LEU D 152 9.62 -17.76 18.21
N SER D 153 10.32 -17.02 17.36
CA SER D 153 9.78 -16.79 16.01
C SER D 153 10.88 -16.47 15.02
N SER D 154 10.64 -16.79 13.76
CA SER D 154 11.45 -16.31 12.61
CA SER D 154 11.46 -16.31 12.62
C SER D 154 11.09 -14.89 12.20
N TRP D 155 10.08 -14.28 12.79
CA TRP D 155 9.57 -12.96 12.33
C TRP D 155 10.76 -12.02 12.18
N PRO D 156 10.88 -11.27 11.07
CA PRO D 156 12.11 -10.51 10.89
C PRO D 156 12.30 -9.40 11.91
N LYS D 157 11.22 -8.73 12.36
CA LYS D 157 11.32 -7.44 13.08
C LYS D 157 11.61 -7.72 14.55
N SER D 158 12.89 -7.87 14.89
CA SER D 158 13.32 -8.34 16.22
C SER D 158 14.61 -7.68 16.68
N SER D 159 15.17 -6.69 16.00
CA SER D 159 16.50 -6.16 16.38
C SER D 159 16.43 -5.50 17.75
N PRO D 160 17.56 -5.50 18.50
CA PRO D 160 17.60 -4.76 19.75
C PRO D 160 17.26 -3.28 19.51
N GLY D 161 17.70 -2.72 18.38
CA GLY D 161 17.43 -1.31 18.07
C GLY D 161 15.94 -1.05 17.87
N TYR D 162 15.25 -2.00 17.25
CA TYR D 162 13.79 -1.91 17.09
C TYR D 162 13.11 -1.86 18.46
N PHE D 163 13.43 -2.80 19.32
CA PHE D 163 12.76 -2.85 20.64
C PHE D 163 13.13 -1.60 21.42
N PHE D 164 14.36 -1.11 21.28
CA PHE D 164 14.74 0.16 21.94
C PHE D 164 13.87 1.30 21.41
N ASP D 165 13.72 1.38 20.10
CA ASP D 165 12.93 2.46 19.44
C ASP D 165 11.47 2.38 19.91
N VAL D 166 10.89 1.18 19.97
CA VAL D 166 9.49 1.04 20.44
C VAL D 166 9.40 1.48 21.90
N GLN D 167 10.35 1.02 22.73
CA GLN D 167 10.38 1.38 24.15
C GLN D 167 10.50 2.90 24.29
N ASN D 168 11.32 3.56 23.50
CA ASN D 168 11.49 5.04 23.58
C ASN D 168 10.23 5.76 23.11
N ARG D 169 9.52 5.19 22.14
CA ARG D 169 8.24 5.80 21.71
C ARG D 169 7.26 5.77 22.90
N LEU D 170 7.19 4.65 23.59
CA LEU D 170 6.30 4.51 24.78
C LEU D 170 6.76 5.46 25.90
N LYS D 171 8.06 5.53 26.13
CA LYS D 171 8.61 6.45 27.14
C LYS D 171 8.22 7.89 26.82
N LYS D 172 8.35 8.34 25.58
CA LYS D 172 7.96 9.71 25.15
C LYS D 172 6.45 9.90 25.30
N PHE D 173 5.69 8.89 24.98
CA PHE D 173 4.22 8.99 24.98
C PHE D 173 3.75 9.32 26.40
N VAL D 174 4.33 8.66 27.39
CA VAL D 174 3.84 8.81 28.79
C VAL D 174 4.59 9.96 29.48
N GLU D 175 5.63 10.51 28.85
CA GLU D 175 6.50 11.52 29.53
C GLU D 175 5.71 12.79 29.85
N GLY D 176 4.75 13.24 29.02
CA GLY D 176 3.93 14.46 29.27
C GLY D 176 2.74 14.22 30.19
N GLY D 177 2.61 13.00 30.72
CA GLY D 177 1.53 12.67 31.63
C GLY D 177 0.21 12.46 30.92
N GLN D 178 0.20 12.34 29.57
CA GLN D 178 -1.05 12.07 28.81
C GLN D 178 -1.05 10.59 28.43
N LEU D 179 -1.46 9.72 29.37
CA LEU D 179 -1.32 8.26 29.18
C LEU D 179 -2.42 7.69 28.25
N GLY D 180 -3.38 8.52 27.86
CA GLY D 180 -4.38 8.11 26.86
C GLY D 180 -5.04 6.78 27.26
N ILE D 181 -5.01 5.82 26.34
CA ILE D 181 -5.72 4.53 26.57
C ILE D 181 -5.06 3.78 27.71
N PHE D 182 -3.85 4.13 28.16
CA PHE D 182 -3.18 3.43 29.29
C PHE D 182 -3.53 4.05 30.65
N ARG D 183 -4.24 5.17 30.67
CA ARG D 183 -4.48 5.91 31.91
C ARG D 183 -5.29 5.05 32.87
N ASN D 184 -4.90 5.04 34.15
CA ASN D 184 -5.69 4.40 35.22
C ASN D 184 -5.92 2.92 34.88
N GLY D 185 -4.98 2.27 34.22
CA GLY D 185 -5.07 0.85 33.97
C GLY D 185 -4.71 0.07 35.23
N TYR D 186 -4.57 -1.22 35.05
CA TYR D 186 -4.36 -2.20 36.16
C TYR D 186 -2.89 -2.59 36.32
N TRP D 187 -2.02 -1.83 35.69
CA TRP D 187 -0.57 -2.08 35.61
C TRP D 187 -0.02 -2.35 37.01
N GLY D 188 0.82 -3.38 37.13
CA GLY D 188 1.44 -3.80 38.40
C GLY D 188 0.54 -4.72 39.21
N HIS D 189 -0.70 -4.97 38.78
CA HIS D 189 -1.55 -5.98 39.44
C HIS D 189 -0.76 -7.28 39.55
N PRO D 190 -0.87 -8.05 40.65
CA PRO D 190 -0.09 -9.27 40.80
C PRO D 190 -0.37 -10.34 39.75
N GLN D 191 -1.51 -10.26 39.07
CA GLN D 191 -1.83 -11.25 38.01
C GLN D 191 -1.09 -10.98 36.69
N TYR D 192 -0.45 -9.85 36.53
CA TYR D 192 0.46 -9.62 35.39
C TYR D 192 1.72 -10.44 35.65
N LYS D 193 1.99 -11.45 34.83
CA LYS D 193 3.06 -12.43 35.06
C LYS D 193 4.15 -12.42 33.99
N LEU D 194 3.96 -11.70 32.89
CA LEU D 194 5.03 -11.68 31.88
C LEU D 194 6.24 -10.98 32.48
N PRO D 195 7.46 -11.42 32.09
CA PRO D 195 8.64 -10.63 32.38
C PRO D 195 8.70 -9.37 31.54
N PRO D 196 9.48 -8.33 31.92
CA PRO D 196 9.49 -7.07 31.19
C PRO D 196 9.74 -7.28 29.68
N GLU D 197 10.64 -8.18 29.30
CA GLU D 197 11.04 -8.42 27.89
CA GLU D 197 11.02 -8.37 27.89
C GLU D 197 9.82 -8.95 27.12
N ALA D 198 8.99 -9.78 27.75
CA ALA D 198 7.79 -10.29 27.06
C ALA D 198 6.77 -9.15 26.94
N ASN D 199 6.66 -8.27 27.92
CA ASN D 199 5.73 -7.12 27.81
C ASN D 199 6.17 -6.25 26.64
N LEU D 200 7.47 -5.99 26.51
CA LEU D 200 7.94 -5.09 25.41
C LEU D 200 7.72 -5.79 24.08
N MET D 201 8.00 -7.08 23.97
CA MET D 201 7.73 -7.86 22.75
C MET D 201 6.23 -7.74 22.42
N GLY D 202 5.34 -8.01 23.38
CA GLY D 202 3.90 -7.95 23.15
C GLY D 202 3.46 -6.56 22.75
N PHE D 203 3.97 -5.51 23.37
CA PHE D 203 3.58 -4.14 23.06
C PHE D 203 4.04 -3.79 21.63
N ALA D 204 5.26 -4.10 21.24
CA ALA D 204 5.72 -3.89 19.87
C ALA D 204 4.72 -4.56 18.91
N HIS D 205 4.30 -5.77 19.24
CA HIS D 205 3.37 -6.54 18.38
C HIS D 205 2.00 -5.91 18.39
N TYR D 206 1.55 -5.35 19.48
CA TYR D 206 0.28 -4.60 19.55
C TYR D 206 0.31 -3.54 18.46
N LEU D 207 1.41 -2.81 18.37
CA LEU D 207 1.54 -1.71 17.40
C LEU D 207 1.62 -2.28 15.98
N GLU D 208 2.41 -3.32 15.76
CA GLU D 208 2.53 -3.94 14.42
CA GLU D 208 2.54 -3.96 14.43
C GLU D 208 1.15 -4.43 13.97
N ALA D 209 0.38 -5.00 14.89
CA ALA D 209 -0.95 -5.56 14.52
C ALA D 209 -1.91 -4.39 14.21
N LEU D 210 -1.85 -3.30 14.98
CA LEU D 210 -2.71 -2.15 14.72
C LEU D 210 -2.45 -1.67 13.29
N ASP D 211 -1.19 -1.59 12.92
CA ASP D 211 -0.86 -1.20 11.53
C ASP D 211 -1.36 -2.26 10.53
N PHE D 212 -1.00 -3.52 10.76
CA PHE D 212 -1.17 -4.55 9.72
C PHE D 212 -2.64 -4.87 9.48
N GLN D 213 -3.48 -4.79 10.50
CA GLN D 213 -4.88 -5.23 10.31
C GLN D 213 -5.53 -4.46 9.16
N ARG D 214 -5.14 -3.22 8.90
CA ARG D 214 -5.80 -2.44 7.83
C ARG D 214 -5.57 -3.09 6.46
N GLU D 215 -4.52 -3.87 6.27
CA GLU D 215 -4.24 -4.47 4.97
C GLU D 215 -5.19 -5.63 4.72
N ILE D 216 -5.51 -6.40 5.75
CA ILE D 216 -6.25 -7.67 5.58
C ILE D 216 -7.56 -7.38 4.82
N VAL D 217 -8.23 -6.31 5.20
CA VAL D 217 -9.57 -6.01 4.71
C VAL D 217 -9.52 -5.47 3.28
N LYS D 218 -8.35 -5.28 2.68
CA LYS D 218 -8.31 -4.97 1.25
C LYS D 218 -8.98 -6.06 0.44
N ILE D 219 -9.00 -7.30 0.94
CA ILE D 219 -9.71 -8.41 0.23
C ILE D 219 -11.21 -8.06 0.20
N HIS D 220 -11.76 -7.63 1.33
CA HIS D 220 -13.16 -7.15 1.35
C HIS D 220 -13.39 -6.01 0.36
N ALA D 221 -12.43 -5.08 0.23
CA ALA D 221 -12.61 -3.95 -0.68
C ALA D 221 -12.65 -4.47 -2.12
N VAL D 222 -11.81 -5.40 -2.51
CA VAL D 222 -11.84 -5.92 -3.90
C VAL D 222 -13.22 -6.53 -4.20
N PHE D 223 -13.65 -7.50 -3.42
CA PHE D 223 -14.88 -8.27 -3.74
C PHE D 223 -16.16 -7.55 -3.28
N GLY D 224 -16.06 -6.71 -2.27
CA GLY D 224 -17.23 -6.11 -1.58
C GLY D 224 -17.22 -4.60 -1.56
N GLY D 225 -16.29 -3.93 -2.24
CA GLY D 225 -16.30 -2.48 -2.39
C GLY D 225 -15.62 -1.70 -1.29
N LYS D 226 -15.78 -2.12 -0.06
CA LYS D 226 -15.33 -1.33 1.11
CA LYS D 226 -15.33 -1.33 1.11
C LYS D 226 -15.32 -2.20 2.35
N ASN D 227 -14.50 -1.80 3.30
CA ASN D 227 -14.57 -2.30 4.68
C ASN D 227 -14.30 -1.13 5.62
N PRO D 228 -15.07 -0.96 6.70
CA PRO D 228 -16.20 -1.82 7.06
C PRO D 228 -17.42 -1.79 6.13
N HIS D 229 -18.26 -2.83 6.28
CA HIS D 229 -19.60 -2.95 5.69
C HIS D 229 -19.53 -3.10 4.18
N PRO D 230 -18.96 -4.20 3.66
CA PRO D 230 -18.95 -4.47 2.22
C PRO D 230 -20.38 -4.79 1.70
N ASN D 231 -20.49 -4.86 0.38
CA ASN D 231 -21.76 -5.15 -0.31
C ASN D 231 -21.81 -6.59 -0.79
N TRP D 232 -23.05 -7.04 -0.92
CA TRP D 232 -23.44 -8.43 -1.21
C TRP D 232 -24.69 -8.39 -2.11
N ILE D 233 -25.11 -9.51 -2.68
CA ILE D 233 -26.47 -9.60 -3.25
C ILE D 233 -27.09 -10.96 -2.93
N VAL D 234 -28.39 -10.99 -2.85
CA VAL D 234 -29.16 -12.25 -2.96
C VAL D 234 -28.95 -12.78 -4.38
N GLY D 235 -28.46 -13.99 -4.49
CA GLY D 235 -28.13 -14.59 -5.79
C GLY D 235 -26.64 -14.75 -5.99
N GLY D 236 -25.79 -14.16 -5.14
CA GLY D 236 -24.35 -14.36 -5.31
C GLY D 236 -23.54 -13.22 -4.77
N MET D 237 -22.77 -12.60 -5.66
CA MET D 237 -22.01 -11.38 -5.34
C MET D 237 -22.05 -10.46 -6.55
N PRO D 238 -21.97 -9.14 -6.33
CA PRO D 238 -22.06 -8.17 -7.43
C PRO D 238 -20.75 -7.95 -8.17
N CYS D 239 -19.67 -8.54 -7.66
CA CYS D 239 -18.32 -8.33 -8.19
C CYS D 239 -18.10 -9.24 -9.40
N ALA D 240 -18.69 -8.86 -10.52
CA ALA D 240 -18.58 -9.58 -11.80
C ALA D 240 -17.11 -9.72 -12.19
N ILE D 241 -16.79 -10.86 -12.80
CA ILE D 241 -15.42 -11.23 -13.19
C ILE D 241 -15.26 -11.10 -14.69
N ASN D 242 -14.12 -10.56 -15.08
CA ASN D 242 -13.70 -10.49 -16.50
C ASN D 242 -12.18 -10.51 -16.54
N ILE D 243 -11.62 -11.65 -16.98
CA ILE D 243 -10.15 -11.84 -16.99
C ILE D 243 -9.59 -11.44 -18.37
N ASP D 244 -10.26 -11.81 -19.47
CA ASP D 244 -9.57 -11.84 -20.79
C ASP D 244 -10.41 -11.21 -21.86
N GLU D 245 -11.38 -10.37 -21.50
CA GLU D 245 -12.27 -9.74 -22.49
CA GLU D 245 -12.25 -9.73 -22.51
C GLU D 245 -12.17 -8.22 -22.40
N SER D 246 -12.61 -7.53 -23.43
CA SER D 246 -12.69 -6.07 -23.41
C SER D 246 -13.47 -5.62 -22.18
N GLY D 247 -13.02 -4.57 -21.54
CA GLY D 247 -13.75 -4.04 -20.41
C GLY D 247 -13.40 -4.74 -19.10
N ALA D 248 -12.33 -5.55 -19.06
CA ALA D 248 -11.89 -6.17 -17.78
C ALA D 248 -11.53 -5.10 -16.77
N VAL D 249 -11.15 -3.90 -17.24
CA VAL D 249 -10.88 -2.75 -16.34
C VAL D 249 -12.11 -2.44 -15.48
N GLY D 250 -13.31 -2.83 -15.90
CA GLY D 250 -14.54 -2.58 -15.14
C GLY D 250 -14.97 -3.74 -14.28
N ALA D 251 -14.11 -4.70 -13.95
CA ALA D 251 -14.52 -5.96 -13.30
C ALA D 251 -13.37 -6.50 -12.44
N VAL D 252 -13.62 -7.59 -11.76
CA VAL D 252 -12.57 -8.35 -11.08
C VAL D 252 -11.75 -9.03 -12.16
N ASN D 253 -10.54 -8.53 -12.32
CA ASN D 253 -9.60 -8.91 -13.40
C ASN D 253 -8.33 -9.49 -12.77
N MET D 254 -7.33 -9.82 -13.57
CA MET D 254 -6.12 -10.49 -13.03
CA MET D 254 -6.14 -10.51 -12.99
CA MET D 254 -6.11 -10.47 -13.05
C MET D 254 -5.38 -9.55 -12.07
N GLU D 255 -5.40 -8.24 -12.32
CA GLU D 255 -4.68 -7.32 -11.40
C GLU D 255 -5.39 -7.32 -10.03
N ARG D 256 -6.72 -7.30 -10.02
CA ARG D 256 -7.49 -7.35 -8.75
C ARG D 256 -7.25 -8.67 -8.04
N LEU D 257 -7.21 -9.78 -8.76
CA LEU D 257 -6.91 -11.09 -8.12
C LEU D 257 -5.50 -11.12 -7.59
N ASN D 258 -4.56 -10.49 -8.28
CA ASN D 258 -3.17 -10.42 -7.81
C ASN D 258 -3.12 -9.67 -6.48
N LEU D 259 -3.85 -8.58 -6.37
CA LEU D 259 -3.86 -7.84 -5.09
CA LEU D 259 -3.91 -7.82 -5.10
C LEU D 259 -4.38 -8.77 -3.99
N VAL D 260 -5.48 -9.48 -4.24
CA VAL D 260 -6.00 -10.44 -3.21
C VAL D 260 -4.90 -11.42 -2.81
N GLN D 261 -4.22 -12.04 -3.77
CA GLN D 261 -3.21 -13.06 -3.44
C GLN D 261 -2.14 -12.43 -2.54
N SER D 262 -1.69 -11.22 -2.88
CA SER D 262 -0.62 -10.58 -2.09
CA SER D 262 -0.65 -10.52 -2.10
CA SER D 262 -0.64 -10.56 -2.08
C SER D 262 -1.10 -10.37 -0.65
N ILE D 263 -2.36 -9.98 -0.45
CA ILE D 263 -2.86 -9.81 0.94
C ILE D 263 -2.94 -11.16 1.66
N ILE D 264 -3.38 -12.20 0.98
CA ILE D 264 -3.45 -13.55 1.62
C ILE D 264 -2.10 -13.94 2.17
N THR D 265 -1.05 -13.84 1.39
CA THR D 265 0.31 -14.29 1.82
CA THR D 265 0.25 -14.35 1.89
C THR D 265 0.76 -13.46 3.04
N ARG D 266 0.58 -12.16 2.97
CA ARG D 266 1.03 -11.26 4.05
C ARG D 266 0.25 -11.58 5.32
N THR D 267 -1.05 -11.87 5.18
CA THR D 267 -1.93 -12.13 6.32
C THR D 267 -1.48 -13.44 6.99
N ALA D 268 -1.30 -14.50 6.24
CA ALA D 268 -0.82 -15.76 6.83
C ALA D 268 0.52 -15.51 7.55
N ASP D 269 1.43 -14.80 6.91
CA ASP D 269 2.78 -14.63 7.50
CA ASP D 269 2.79 -14.60 7.49
C ASP D 269 2.65 -13.90 8.84
N PHE D 270 1.85 -12.85 8.93
CA PHE D 270 1.71 -12.08 10.18
C PHE D 270 1.11 -12.97 11.27
N ILE D 271 0.02 -13.67 10.96
CA ILE D 271 -0.68 -14.53 11.95
C ILE D 271 0.28 -15.61 12.43
N ASN D 272 0.98 -16.26 11.52
CA ASN D 272 1.78 -17.45 11.89
C ASN D 272 3.03 -17.04 12.66
N ASN D 273 3.61 -15.87 12.37
CA ASN D 273 4.93 -15.54 12.93
C ASN D 273 4.83 -14.47 14.00
N VAL D 274 3.69 -13.85 14.23
CA VAL D 274 3.54 -12.81 15.29
C VAL D 274 2.46 -13.27 16.26
N MET D 275 1.23 -13.47 15.77
N MET D 275 1.22 -13.45 15.79
CA MET D 275 0.09 -13.77 16.67
CA MET D 275 0.15 -13.74 16.78
C MET D 275 0.24 -15.16 17.30
C MET D 275 0.30 -15.16 17.35
N ILE D 276 0.57 -16.17 16.54
CA ILE D 276 0.66 -17.56 17.10
C ILE D 276 1.73 -17.66 18.18
N PRO D 277 2.96 -17.20 17.96
CA PRO D 277 3.96 -17.30 19.01
C PRO D 277 3.61 -16.42 20.21
N ASP D 278 2.93 -15.29 20.03
CA ASP D 278 2.52 -14.48 21.20
C ASP D 278 1.46 -15.22 22.01
N ALA D 279 0.52 -15.87 21.37
CA ALA D 279 -0.53 -16.64 22.08
C ALA D 279 0.12 -17.73 22.92
N LEU D 280 1.05 -18.44 22.32
CA LEU D 280 1.78 -19.53 23.04
CA LEU D 280 1.73 -19.53 23.08
C LEU D 280 2.53 -18.90 24.21
N ALA D 281 3.20 -17.77 24.02
CA ALA D 281 3.97 -17.11 25.09
C ALA D 281 3.01 -16.72 26.22
N ILE D 282 1.86 -16.14 25.92
CA ILE D 282 0.86 -15.87 26.99
C ILE D 282 0.55 -17.18 27.70
N GLY D 283 0.34 -18.26 26.98
CA GLY D 283 0.09 -19.56 27.63
C GLY D 283 1.24 -19.94 28.53
N GLN D 284 2.47 -19.87 28.04
CA GLN D 284 3.65 -20.32 28.85
C GLN D 284 3.75 -19.57 30.17
N PHE D 285 3.46 -18.29 30.22
CA PHE D 285 3.63 -17.42 31.40
C PHE D 285 2.38 -17.35 32.27
N ASN D 286 1.25 -17.92 31.81
CA ASN D 286 -0.05 -17.80 32.50
C ASN D 286 -0.73 -19.16 32.59
N LYS D 287 0.04 -20.23 32.85
CA LYS D 287 -0.57 -21.59 32.87
C LYS D 287 -1.72 -21.71 33.86
N PRO D 288 -1.74 -21.07 35.04
CA PRO D 288 -2.86 -21.19 35.96
C PRO D 288 -4.18 -20.82 35.29
N TRP D 289 -4.15 -19.97 34.25
CA TRP D 289 -5.41 -19.56 33.60
C TRP D 289 -5.93 -20.65 32.67
N SER D 290 -5.24 -21.80 32.58
CA SER D 290 -5.78 -23.04 31.94
C SER D 290 -6.80 -23.72 32.86
N GLU D 291 -6.93 -23.24 34.10
CA GLU D 291 -7.87 -23.86 35.12
C GLU D 291 -8.88 -22.84 35.61
N ILE D 292 -8.94 -21.64 35.02
CA ILE D 292 -9.83 -20.55 35.44
C ILE D 292 -10.79 -20.30 34.28
N GLY D 293 -12.02 -19.99 34.59
CA GLY D 293 -12.97 -19.59 33.54
C GLY D 293 -13.48 -20.71 32.70
N THR D 294 -13.48 -21.94 33.18
CA THR D 294 -13.99 -23.08 32.39
C THR D 294 -15.44 -22.82 32.02
N GLY D 295 -16.28 -22.47 32.97
CA GLY D 295 -17.70 -22.25 32.69
C GLY D 295 -18.37 -23.46 32.08
N LEU D 296 -19.13 -23.23 31.03
CA LEU D 296 -19.87 -24.27 30.32
C LEU D 296 -18.96 -25.05 29.37
N SER D 297 -17.70 -24.66 29.18
CA SER D 297 -16.86 -25.28 28.12
C SER D 297 -16.55 -26.76 28.36
N ASP D 298 -16.73 -27.26 29.58
CA ASP D 298 -16.61 -28.72 29.85
C ASP D 298 -18.00 -29.34 30.01
N LYS D 299 -19.06 -28.66 29.64
CA LYS D 299 -20.44 -29.16 29.80
C LYS D 299 -21.21 -29.12 28.46
N CYS D 300 -21.42 -27.94 27.93
CA CYS D 300 -22.31 -27.72 26.78
C CYS D 300 -21.67 -26.72 25.79
N VAL D 301 -21.40 -27.18 24.57
CA VAL D 301 -20.84 -26.30 23.51
C VAL D 301 -21.56 -26.56 22.21
N LEU D 302 -21.59 -25.52 21.38
CA LEU D 302 -22.44 -25.52 20.17
C LEU D 302 -21.74 -24.87 19.00
N SER D 303 -21.82 -25.52 17.85
CA SER D 303 -21.39 -24.97 16.55
C SER D 303 -22.47 -25.31 15.54
N TYR D 304 -22.86 -24.38 14.69
CA TYR D 304 -23.72 -24.67 13.54
C TYR D 304 -22.89 -25.16 12.37
N GLY D 305 -21.62 -24.80 12.31
CA GLY D 305 -20.77 -25.13 11.15
C GLY D 305 -20.77 -24.04 10.11
N ALA D 306 -19.76 -24.06 9.23
CA ALA D 306 -19.56 -22.93 8.32
C ALA D 306 -18.68 -23.34 7.15
N PHE D 307 -18.58 -22.43 6.21
CA PHE D 307 -17.69 -22.58 5.02
C PHE D 307 -18.13 -23.76 4.19
N PRO D 308 -19.35 -23.73 3.62
CA PRO D 308 -19.74 -24.83 2.75
C PRO D 308 -18.81 -24.85 1.51
N ASP D 309 -18.14 -25.98 1.29
CA ASP D 309 -17.19 -26.09 0.15
C ASP D 309 -17.90 -26.55 -1.11
N ILE D 310 -19.04 -27.21 -0.98
CA ILE D 310 -19.88 -27.61 -2.13
C ILE D 310 -20.94 -26.52 -2.17
N ALA D 311 -21.02 -25.77 -3.24
CA ALA D 311 -21.90 -24.60 -3.32
C ALA D 311 -23.33 -25.04 -3.06
N ASN D 312 -24.00 -24.28 -2.20
CA ASN D 312 -25.44 -24.44 -1.86
C ASN D 312 -25.70 -25.76 -1.10
N ASP D 313 -24.68 -26.43 -0.62
CA ASP D 313 -24.83 -27.64 0.22
C ASP D 313 -24.36 -27.26 1.63
N PHE D 314 -25.29 -27.21 2.57
CA PHE D 314 -25.00 -26.83 3.97
C PHE D 314 -24.89 -28.08 4.85
N GLY D 315 -24.72 -29.26 4.25
CA GLY D 315 -24.59 -30.49 5.04
C GLY D 315 -23.19 -30.78 5.54
N GLU D 316 -23.11 -31.82 6.36
CA GLU D 316 -21.84 -32.23 7.01
C GLU D 316 -20.72 -32.50 5.99
N LYS D 317 -21.01 -33.06 4.81
CA LYS D 317 -19.93 -33.39 3.85
C LYS D 317 -19.38 -32.11 3.20
N SER D 318 -20.10 -31.01 3.29
CA SER D 318 -19.74 -29.73 2.62
C SER D 318 -19.02 -28.79 3.58
N LEU D 319 -19.54 -28.63 4.77
CA LEU D 319 -19.04 -27.58 5.72
C LEU D 319 -17.59 -27.86 6.13
N LEU D 320 -16.66 -26.97 5.84
CA LEU D 320 -15.26 -27.14 6.25
C LEU D 320 -15.04 -26.88 7.73
N MET D 321 -15.89 -26.06 8.36
CA MET D 321 -15.81 -25.89 9.82
C MET D 321 -16.99 -26.66 10.39
N PRO D 322 -16.73 -27.76 11.14
CA PRO D 322 -17.81 -28.62 11.58
C PRO D 322 -18.88 -27.96 12.46
N GLY D 323 -20.09 -28.49 12.36
CA GLY D 323 -21.21 -28.24 13.26
C GLY D 323 -21.47 -29.41 14.20
N GLY D 324 -22.08 -29.09 15.34
CA GLY D 324 -22.52 -30.10 16.31
C GLY D 324 -22.73 -29.50 17.65
N ALA D 325 -23.38 -30.25 18.52
CA ALA D 325 -23.61 -29.82 19.90
C ALA D 325 -23.17 -30.94 20.85
N VAL D 326 -22.63 -30.52 21.98
CA VAL D 326 -22.32 -31.44 23.12
C VAL D 326 -23.08 -30.91 24.31
N ILE D 327 -23.72 -31.81 25.07
CA ILE D 327 -24.35 -31.48 26.36
C ILE D 327 -23.90 -32.47 27.42
N ASN D 328 -24.14 -32.11 28.67
CA ASN D 328 -23.92 -33.00 29.85
C ASN D 328 -22.43 -33.39 29.94
N GLY D 329 -21.52 -32.62 29.36
CA GLY D 329 -20.10 -32.96 29.35
C GLY D 329 -19.77 -34.18 28.55
N ASP D 330 -20.70 -34.65 27.70
CA ASP D 330 -20.48 -35.91 26.97
C ASP D 330 -19.89 -35.60 25.57
N PHE D 331 -18.57 -35.46 25.50
CA PHE D 331 -17.90 -35.12 24.23
C PHE D 331 -17.76 -36.33 23.32
N ASN D 332 -18.18 -37.52 23.80
CA ASN D 332 -18.27 -38.73 22.97
C ASN D 332 -19.55 -38.72 22.13
N ASN D 333 -20.43 -37.75 22.34
CA ASN D 333 -21.74 -37.72 21.64
C ASN D 333 -21.94 -36.35 20.98
N VAL D 334 -21.29 -36.11 19.86
CA VAL D 334 -21.55 -34.83 19.15
C VAL D 334 -22.86 -34.99 18.39
N LEU D 335 -23.82 -34.16 18.75
CA LEU D 335 -25.19 -34.23 18.26
C LEU D 335 -25.40 -33.31 17.07
N PRO D 336 -26.20 -33.71 16.06
CA PRO D 336 -26.46 -32.87 14.92
C PRO D 336 -27.45 -31.78 15.32
N VAL D 337 -27.31 -30.64 14.67
CA VAL D 337 -28.13 -29.43 14.97
C VAL D 337 -29.06 -29.23 13.78
N ASP D 338 -30.31 -28.98 14.07
CA ASP D 338 -31.31 -28.65 13.02
C ASP D 338 -31.95 -27.33 13.41
N LEU D 339 -31.73 -26.28 12.63
CA LEU D 339 -32.22 -24.93 12.95
C LEU D 339 -33.70 -24.75 12.61
N VAL D 340 -34.36 -25.73 11.99
CA VAL D 340 -35.82 -25.65 11.78
C VAL D 340 -36.57 -26.35 12.91
N ASP D 341 -35.92 -27.23 13.66
CA ASP D 341 -36.62 -28.03 14.70
C ASP D 341 -37.03 -27.12 15.85
N PRO D 342 -38.33 -26.98 16.12
CA PRO D 342 -38.81 -26.07 17.16
C PRO D 342 -38.37 -26.46 18.56
N GLN D 343 -37.91 -27.69 18.74
CA GLN D 343 -37.47 -28.19 20.05
C GLN D 343 -35.99 -27.90 20.29
N GLN D 344 -35.24 -27.42 19.29
CA GLN D 344 -33.78 -27.22 19.45
C GLN D 344 -33.53 -25.77 19.88
N VAL D 345 -33.33 -24.86 18.93
CA VAL D 345 -33.01 -23.46 19.33
C VAL D 345 -34.27 -22.75 19.80
N GLN D 346 -34.25 -22.25 21.04
N GLN D 346 -34.25 -22.26 21.04
CA GLN D 346 -35.39 -21.44 21.57
CA GLN D 346 -35.38 -21.45 21.56
C GLN D 346 -34.84 -20.28 22.40
C GLN D 346 -34.77 -20.25 22.27
N GLU D 347 -35.53 -19.15 22.36
CA GLU D 347 -35.10 -18.02 23.20
C GLU D 347 -36.14 -17.75 24.28
N PHE D 348 -35.64 -17.49 25.47
CA PHE D 348 -36.43 -17.15 26.66
C PHE D 348 -36.23 -15.68 26.99
N VAL D 349 -37.23 -15.05 27.60
CA VAL D 349 -37.17 -13.62 27.98
C VAL D 349 -37.65 -13.40 29.42
N ASP D 350 -37.81 -14.43 30.24
CA ASP D 350 -38.25 -14.22 31.64
C ASP D 350 -37.25 -13.30 32.38
N HIS D 351 -35.99 -13.23 31.99
CA HIS D 351 -34.97 -12.41 32.65
C HIS D 351 -34.45 -11.36 31.68
N ALA D 352 -35.23 -11.01 30.66
CA ALA D 352 -34.84 -10.01 29.65
C ALA D 352 -35.96 -8.98 29.45
N TRP D 353 -35.59 -7.83 28.90
CA TRP D 353 -36.52 -6.70 28.73
C TRP D 353 -37.36 -6.82 27.48
N TYR D 354 -38.24 -7.84 27.45
CA TYR D 354 -39.14 -8.15 26.32
C TYR D 354 -40.46 -8.71 26.85
N ARG D 355 -41.46 -8.67 26.02
CA ARG D 355 -42.78 -9.27 26.34
C ARG D 355 -42.99 -10.54 25.52
N TYR D 356 -43.35 -11.64 26.18
CA TYR D 356 -43.91 -12.85 25.54
C TYR D 356 -45.30 -13.10 26.11
N PRO D 357 -46.14 -13.80 25.34
CA PRO D 357 -47.41 -14.27 25.90
CA PRO D 357 -47.41 -14.23 25.93
C PRO D 357 -47.20 -15.18 27.11
N ASN D 358 -46.18 -16.00 27.08
CA ASN D 358 -45.83 -16.88 28.22
C ASN D 358 -44.31 -16.84 28.40
N ASP D 359 -43.85 -16.09 29.38
CA ASP D 359 -42.38 -15.91 29.59
C ASP D 359 -41.78 -17.12 30.28
N GLN D 360 -42.57 -18.14 30.62
CA GLN D 360 -41.97 -19.35 31.20
C GLN D 360 -41.63 -20.38 30.12
N VAL D 361 -41.81 -20.06 28.84
CA VAL D 361 -41.40 -21.00 27.78
C VAL D 361 -40.52 -20.28 26.78
N GLY D 362 -39.80 -21.08 26.02
CA GLY D 362 -38.89 -20.60 24.98
C GLY D 362 -39.60 -20.58 23.64
N ARG D 363 -39.19 -19.68 22.76
CA ARG D 363 -39.78 -19.60 21.41
C ARG D 363 -38.67 -19.79 20.38
N HIS D 364 -38.90 -20.73 19.49
CA HIS D 364 -38.03 -20.94 18.32
C HIS D 364 -38.10 -19.69 17.46
N PRO D 365 -37.02 -19.31 16.75
CA PRO D 365 -37.00 -18.03 16.06
C PRO D 365 -38.08 -17.86 15.00
N PHE D 366 -38.59 -18.94 14.37
CA PHE D 366 -39.72 -18.74 13.43
C PHE D 366 -41.01 -18.34 14.18
N ASP D 367 -41.02 -18.54 15.48
CA ASP D 367 -42.13 -18.06 16.36
C ASP D 367 -41.60 -16.90 17.21
N GLY D 368 -40.50 -16.28 16.84
CA GLY D 368 -39.86 -15.26 17.70
C GLY D 368 -40.68 -13.99 17.79
N ILE D 369 -40.53 -13.29 18.90
CA ILE D 369 -41.20 -12.01 19.20
C ILE D 369 -40.14 -11.05 19.75
N THR D 370 -40.11 -9.85 19.21
CA THR D 370 -39.25 -8.77 19.71
C THR D 370 -40.10 -7.57 20.06
N ASP D 371 -40.62 -7.59 21.29
CA ASP D 371 -41.55 -6.58 21.82
C ASP D 371 -40.85 -5.99 23.05
N PRO D 372 -40.06 -4.93 22.86
CA PRO D 372 -39.22 -4.44 23.94
C PRO D 372 -40.03 -3.90 25.11
N TRP D 373 -39.56 -4.22 26.32
CA TRP D 373 -40.22 -3.87 27.58
C TRP D 373 -39.16 -3.59 28.62
N TYR D 374 -38.82 -2.33 28.80
CA TYR D 374 -37.82 -1.95 29.80
C TYR D 374 -38.46 -2.02 31.19
N ASN D 375 -38.14 -3.06 31.93
CA ASN D 375 -38.77 -3.32 33.25
C ASN D 375 -37.72 -3.95 34.14
N PRO D 376 -36.85 -3.11 34.76
CA PRO D 376 -35.79 -3.64 35.61
C PRO D 376 -36.29 -3.98 37.03
N GLY D 377 -37.52 -3.60 37.35
CA GLY D 377 -38.11 -4.00 38.63
C GLY D 377 -37.35 -3.44 39.83
N ASP D 378 -37.26 -4.27 40.84
CA ASP D 378 -36.81 -3.85 42.18
C ASP D 378 -35.28 -3.77 42.25
N VAL D 379 -34.71 -2.84 41.48
CA VAL D 379 -33.27 -2.58 41.52
C VAL D 379 -32.88 -1.85 42.80
N LYS D 380 -31.61 -1.92 43.13
CA LYS D 380 -31.05 -0.92 44.05
C LYS D 380 -30.87 0.32 43.20
N GLY D 381 -31.40 1.44 43.68
CA GLY D 381 -31.48 2.66 42.89
C GLY D 381 -32.83 2.79 42.30
N SER D 382 -32.92 3.13 41.01
CA SER D 382 -34.18 3.36 40.28
C SER D 382 -34.01 2.92 38.80
N ASP D 383 -35.11 2.95 38.08
CA ASP D 383 -35.15 2.48 36.67
C ASP D 383 -34.24 3.36 35.80
N THR D 384 -33.89 4.60 36.17
CA THR D 384 -32.99 5.43 35.34
C THR D 384 -31.69 5.70 36.07
N ASN D 385 -31.46 4.99 37.17
CA ASN D 385 -30.21 5.17 37.95
CA ASN D 385 -30.25 5.19 38.01
C ASN D 385 -29.93 3.87 38.68
N ILE D 386 -29.47 2.89 37.92
CA ILE D 386 -29.32 1.53 38.47
C ILE D 386 -28.05 1.44 39.30
N GLN D 387 -28.14 1.10 40.58
CA GLN D 387 -26.95 0.79 41.38
C GLN D 387 -26.73 -0.72 41.36
N GLN D 388 -27.79 -1.52 41.40
CA GLN D 388 -27.69 -3.01 41.29
C GLN D 388 -28.92 -3.51 40.56
N LEU D 389 -28.68 -4.19 39.46
CA LEU D 389 -29.71 -4.99 38.75
C LEU D 389 -30.32 -5.97 39.72
N ASN D 390 -31.55 -6.35 39.43
CA ASN D 390 -32.16 -7.46 40.17
C ASN D 390 -32.21 -8.70 39.27
N GLU D 391 -31.25 -9.59 39.44
CA GLU D 391 -31.12 -10.77 38.58
C GLU D 391 -32.20 -11.81 38.88
N GLN D 392 -33.01 -11.61 39.93
CA GLN D 392 -34.20 -12.44 40.16
C GLN D 392 -35.32 -12.05 39.20
N GLU D 393 -35.25 -10.89 38.54
CA GLU D 393 -36.23 -10.52 37.53
C GLU D 393 -35.51 -10.12 36.25
N ARG D 394 -36.03 -9.15 35.50
CA ARG D 394 -35.49 -8.90 34.14
C ARG D 394 -34.27 -8.00 34.29
N TYR D 395 -33.16 -8.36 33.63
CA TYR D 395 -31.90 -7.62 33.87
C TYR D 395 -31.05 -7.42 32.62
N SER D 396 -31.62 -7.51 31.43
CA SER D 396 -30.77 -7.45 30.22
C SER D 396 -31.60 -7.14 28.98
N TRP D 397 -30.97 -6.48 28.00
CA TRP D 397 -31.52 -6.38 26.63
C TRP D 397 -31.19 -7.64 25.81
N ILE D 398 -30.47 -8.61 26.37
CA ILE D 398 -30.09 -9.85 25.63
C ILE D 398 -31.13 -10.91 25.90
N LYS D 399 -31.72 -11.49 24.86
CA LYS D 399 -32.57 -12.69 25.06
C LYS D 399 -31.72 -13.89 25.49
N ALA D 400 -32.37 -14.94 26.02
CA ALA D 400 -31.67 -16.12 26.53
C ALA D 400 -31.89 -17.31 25.60
N PRO D 401 -30.95 -17.60 24.67
CA PRO D 401 -31.07 -18.76 23.81
C PRO D 401 -30.66 -20.02 24.57
N ARG D 402 -31.34 -21.10 24.25
CA ARG D 402 -30.99 -22.44 24.75
C ARG D 402 -31.07 -23.43 23.59
N TRP D 403 -30.42 -24.58 23.73
CA TRP D 403 -30.47 -25.65 22.71
C TRP D 403 -31.05 -26.88 23.38
N ARG D 404 -32.26 -27.27 23.00
CA ARG D 404 -32.96 -28.39 23.68
C ARG D 404 -33.07 -28.08 25.17
N GLY D 405 -33.15 -26.81 25.53
CA GLY D 405 -33.29 -26.42 26.94
C GLY D 405 -31.97 -26.26 27.65
N ASN D 406 -30.86 -26.57 26.99
CA ASN D 406 -29.53 -26.51 27.62
C ASN D 406 -28.87 -25.15 27.37
N ALA D 407 -28.14 -24.64 28.36
CA ALA D 407 -27.32 -23.42 28.18
C ALA D 407 -25.99 -23.83 27.56
N MET D 408 -25.58 -23.16 26.46
CA MET D 408 -24.44 -23.56 25.63
C MET D 408 -23.42 -22.42 25.58
N GLU D 409 -22.16 -22.79 25.44
CA GLU D 409 -21.09 -21.87 25.03
C GLU D 409 -20.88 -22.01 23.52
N VAL D 410 -20.67 -20.89 22.84
CA VAL D 410 -20.32 -20.83 21.39
C VAL D 410 -19.00 -20.09 21.24
N GLY D 411 -18.40 -20.20 20.05
CA GLY D 411 -17.19 -19.43 19.73
C GLY D 411 -16.01 -20.34 19.44
N PRO D 412 -14.80 -19.75 19.37
CA PRO D 412 -13.64 -20.52 18.92
C PRO D 412 -13.37 -21.78 19.77
N LEU D 413 -13.46 -21.67 21.08
CA LEU D 413 -13.24 -22.90 21.95
C LEU D 413 -14.33 -23.92 21.64
N ALA D 414 -15.58 -23.50 21.60
CA ALA D 414 -16.69 -24.41 21.27
C ALA D 414 -16.41 -25.14 19.98
N ARG D 415 -16.07 -24.42 18.92
CA ARG D 415 -15.83 -25.02 17.60
C ARG D 415 -14.63 -25.96 17.67
N THR D 416 -13.59 -25.56 18.36
CA THR D 416 -12.38 -26.39 18.45
C THR D 416 -12.77 -27.73 19.11
N LEU D 417 -13.54 -27.68 20.19
CA LEU D 417 -13.98 -28.90 20.89
C LEU D 417 -14.85 -29.76 19.97
N ILE D 418 -15.79 -29.18 19.26
CA ILE D 418 -16.66 -29.98 18.37
C ILE D 418 -15.78 -30.62 17.33
N ALA D 419 -14.93 -29.85 16.65
CA ALA D 419 -14.14 -30.40 15.53
C ALA D 419 -13.19 -31.47 16.07
N TYR D 420 -12.55 -31.21 17.19
CA TYR D 420 -11.63 -32.19 17.83
C TYR D 420 -12.38 -33.50 18.06
N HIS D 421 -13.56 -33.42 18.68
CA HIS D 421 -14.29 -34.66 19.10
C HIS D 421 -15.03 -35.30 17.95
N LYS D 422 -15.22 -34.63 16.82
CA LYS D 422 -15.70 -35.27 15.58
C LYS D 422 -14.55 -35.94 14.85
N GLY D 423 -13.30 -35.70 15.26
CA GLY D 423 -12.13 -36.34 14.62
C GLY D 423 -11.59 -35.57 13.43
N ASP D 424 -11.82 -34.25 13.34
CA ASP D 424 -11.19 -33.48 12.24
C ASP D 424 -9.66 -33.58 12.42
N ALA D 425 -8.95 -34.18 11.45
CA ALA D 425 -7.49 -34.48 11.56
C ALA D 425 -6.70 -33.19 11.82
N ALA D 426 -6.96 -32.10 11.10
CA ALA D 426 -6.15 -30.87 11.24
C ALA D 426 -6.38 -30.26 12.63
N THR D 427 -7.61 -30.31 13.15
CA THR D 427 -7.92 -29.74 14.47
C THR D 427 -7.23 -30.57 15.56
N VAL D 428 -7.36 -31.88 15.48
CA VAL D 428 -6.71 -32.79 16.45
C VAL D 428 -5.21 -32.54 16.44
N GLU D 429 -4.59 -32.47 15.25
CA GLU D 429 -3.13 -32.24 15.22
C GLU D 429 -2.76 -30.89 15.83
N SER D 430 -3.49 -29.85 15.46
CA SER D 430 -3.19 -28.48 15.91
C SER D 430 -3.30 -28.42 17.44
N VAL D 431 -4.40 -28.91 17.98
CA VAL D 431 -4.68 -28.80 19.42
C VAL D 431 -3.65 -29.63 20.20
N ASP D 432 -3.38 -30.85 19.71
CA ASP D 432 -2.43 -31.74 20.42
C ASP D 432 -1.06 -31.08 20.42
N ARG D 433 -0.63 -30.51 19.31
CA ARG D 433 0.71 -29.88 19.24
C ARG D 433 0.75 -28.67 20.17
N MET D 434 -0.32 -27.88 20.23
CA MET D 434 -0.34 -26.66 21.03
C MET D 434 -0.26 -27.04 22.52
N MET D 435 -1.06 -28.01 22.94
CA MET D 435 -1.13 -28.36 24.37
C MET D 435 0.16 -29.10 24.76
N SER D 436 0.76 -29.85 23.84
CA SER D 436 2.07 -30.50 24.09
CA SER D 436 2.07 -30.50 24.11
C SER D 436 3.14 -29.42 24.32
N ALA D 437 3.13 -28.34 23.55
CA ALA D 437 4.15 -27.27 23.70
C ALA D 437 4.04 -26.60 25.07
N LEU D 438 2.84 -26.50 25.63
CA LEU D 438 2.56 -25.90 26.95
C LEU D 438 2.73 -26.92 28.08
N ASN D 439 2.99 -28.20 27.77
CA ASN D 439 2.97 -29.29 28.78
C ASN D 439 1.65 -29.23 29.58
N LEU D 440 0.52 -29.07 28.90
CA LEU D 440 -0.77 -29.05 29.59
C LEU D 440 -1.68 -30.12 29.01
N PRO D 441 -2.58 -30.63 29.84
CA PRO D 441 -3.55 -31.62 29.42
C PRO D 441 -4.55 -30.99 28.44
N LEU D 442 -5.19 -31.81 27.59
CA LEU D 442 -6.26 -31.34 26.70
C LEU D 442 -7.32 -30.51 27.47
N SER D 443 -7.67 -30.89 28.69
CA SER D 443 -8.66 -30.19 29.54
C SER D 443 -8.25 -28.72 29.75
N GLY D 444 -6.97 -28.39 29.60
CA GLY D 444 -6.50 -27.02 29.79
C GLY D 444 -7.07 -26.09 28.73
N ILE D 445 -7.61 -26.59 27.61
CA ILE D 445 -8.20 -25.67 26.60
C ILE D 445 -9.56 -25.21 27.09
N GLN D 446 -10.20 -25.91 28.02
CA GLN D 446 -11.52 -25.58 28.54
C GLN D 446 -11.33 -24.59 29.67
N SER D 447 -11.09 -23.33 29.27
CA SER D 447 -10.62 -22.30 30.20
C SER D 447 -10.58 -20.94 29.52
N THR D 448 -10.38 -19.90 30.30
CA THR D 448 -10.13 -18.55 29.75
C THR D 448 -8.88 -18.56 28.89
N LEU D 449 -7.76 -19.14 29.33
CA LEU D 449 -6.55 -19.19 28.48
C LEU D 449 -6.92 -19.96 27.21
N GLY D 450 -7.64 -21.09 27.30
CA GLY D 450 -7.95 -21.91 26.14
C GLY D 450 -8.74 -21.11 25.11
N ARG D 451 -9.64 -20.23 25.52
CA ARG D 451 -10.41 -19.42 24.55
C ARG D 451 -9.48 -18.60 23.67
N ILE D 452 -8.47 -18.04 24.29
CA ILE D 452 -7.47 -17.20 23.59
C ILE D 452 -6.61 -18.08 22.70
N LEU D 453 -6.15 -19.23 23.19
CA LEU D 453 -5.33 -20.11 22.35
C LEU D 453 -6.13 -20.55 21.12
N CYS D 454 -7.38 -20.94 21.31
CA CYS D 454 -8.23 -21.44 20.18
C CYS D 454 -8.46 -20.30 19.18
N ARG D 455 -8.70 -19.11 19.67
CA ARG D 455 -8.92 -17.95 18.75
C ARG D 455 -7.68 -17.76 17.85
N ALA D 456 -6.49 -17.83 18.43
CA ALA D 456 -5.26 -17.66 17.64
C ALA D 456 -5.14 -18.80 16.64
N HIS D 457 -5.37 -20.06 17.08
N HIS D 457 -5.41 -20.03 17.04
CA HIS D 457 -5.42 -21.30 16.24
CA HIS D 457 -5.18 -21.13 16.09
C HIS D 457 -6.29 -21.01 15.02
C HIS D 457 -6.30 -21.07 15.01
N GLU D 458 -7.47 -20.49 15.28
CA GLU D 458 -8.49 -20.29 14.23
C GLU D 458 -8.06 -19.23 13.22
N ALA D 459 -7.37 -18.17 13.66
CA ALA D 459 -6.79 -17.19 12.72
C ALA D 459 -5.83 -17.89 11.76
N GLN D 460 -5.00 -18.82 12.27
CA GLN D 460 -4.08 -19.58 11.41
C GLN D 460 -4.88 -20.49 10.48
N TRP D 461 -5.90 -21.14 11.00
CA TRP D 461 -6.74 -22.04 10.16
C TRP D 461 -7.35 -21.21 9.04
N ALA D 462 -7.93 -20.06 9.35
CA ALA D 462 -8.66 -19.25 8.34
C ALA D 462 -7.67 -18.71 7.31
N ALA D 463 -6.47 -18.30 7.71
CA ALA D 463 -5.46 -17.82 6.76
C ALA D 463 -5.13 -18.91 5.75
N GLY D 464 -5.00 -20.14 6.21
CA GLY D 464 -4.75 -21.26 5.29
C GLY D 464 -5.93 -21.46 4.34
N LYS D 465 -7.15 -21.40 4.89
CA LYS D 465 -8.34 -21.62 4.05
C LYS D 465 -8.45 -20.49 3.03
N LEU D 466 -8.00 -19.27 3.33
CA LEU D 466 -8.04 -18.18 2.32
C LEU D 466 -7.31 -18.64 1.08
N GLN D 467 -6.13 -19.20 1.22
CA GLN D 467 -5.36 -19.65 0.03
C GLN D 467 -6.13 -20.74 -0.70
N TYR D 468 -6.65 -21.70 0.07
CA TYR D 468 -7.44 -22.79 -0.53
C TYR D 468 -8.59 -22.25 -1.39
N PHE D 469 -9.37 -21.32 -0.86
CA PHE D 469 -10.52 -20.75 -1.59
C PHE D 469 -10.02 -19.96 -2.81
N PHE D 470 -8.95 -19.18 -2.65
CA PHE D 470 -8.39 -18.41 -3.76
C PHE D 470 -8.02 -19.35 -4.90
N ASP D 471 -7.34 -20.45 -4.56
CA ASP D 471 -6.92 -21.41 -5.58
C ASP D 471 -8.15 -22.05 -6.25
N LYS D 472 -9.21 -22.31 -5.50
CA LYS D 472 -10.44 -22.90 -6.09
CA LYS D 472 -10.45 -22.90 -6.06
C LYS D 472 -11.04 -21.91 -7.07
N LEU D 473 -11.08 -20.62 -6.72
CA LEU D 473 -11.60 -19.58 -7.62
C LEU D 473 -10.76 -19.57 -8.88
N MET D 474 -9.44 -19.57 -8.76
CA MET D 474 -8.58 -19.49 -9.96
CA MET D 474 -8.56 -19.50 -9.95
C MET D 474 -8.76 -20.75 -10.82
N THR D 475 -8.91 -21.91 -10.20
CA THR D 475 -9.19 -23.15 -10.98
C THR D 475 -10.46 -22.96 -11.81
N ASN D 476 -11.53 -22.44 -11.22
CA ASN D 476 -12.77 -22.20 -12.00
C ASN D 476 -12.45 -21.26 -13.16
N LEU D 477 -11.72 -20.17 -12.92
CA LEU D 477 -11.49 -19.17 -13.99
C LEU D 477 -10.67 -19.78 -15.13
N LYS D 478 -9.70 -20.60 -14.79
CA LYS D 478 -8.90 -21.31 -15.82
C LYS D 478 -9.81 -22.19 -16.67
N ASN D 479 -10.90 -22.72 -16.10
CA ASN D 479 -11.84 -23.62 -16.81
CA ASN D 479 -11.86 -23.64 -16.77
C ASN D 479 -12.95 -22.81 -17.49
N GLY D 480 -12.88 -21.48 -17.51
CA GLY D 480 -13.85 -20.58 -18.15
C GLY D 480 -15.15 -20.48 -17.39
N ASN D 481 -15.15 -20.79 -16.10
CA ASN D 481 -16.32 -20.70 -15.20
C ASN D 481 -16.25 -19.35 -14.49
N LEU D 482 -16.96 -18.34 -14.98
CA LEU D 482 -16.83 -16.95 -14.48
C LEU D 482 -18.05 -16.53 -13.66
N ALA D 483 -19.13 -17.29 -13.66
CA ALA D 483 -20.43 -16.80 -13.12
C ALA D 483 -20.30 -16.42 -11.64
N THR D 484 -20.90 -15.29 -11.27
CA THR D 484 -20.94 -14.78 -9.89
C THR D 484 -22.37 -14.52 -9.40
N ALA D 485 -23.40 -14.59 -10.24
CA ALA D 485 -24.78 -14.36 -9.75
C ALA D 485 -25.79 -15.24 -10.49
N SER D 486 -26.78 -15.70 -9.75
CA SER D 486 -28.00 -16.35 -10.29
CA SER D 486 -27.98 -16.35 -10.28
C SER D 486 -29.12 -15.34 -10.15
N THR D 487 -29.79 -15.01 -11.22
CA THR D 487 -30.82 -13.97 -11.21
C THR D 487 -32.19 -14.49 -11.68
N GLU D 488 -32.33 -15.80 -11.86
CA GLU D 488 -33.65 -16.29 -12.34
C GLU D 488 -34.72 -16.08 -11.27
N LYS D 489 -34.39 -15.92 -10.00
CA LYS D 489 -35.41 -15.61 -8.96
C LYS D 489 -35.09 -14.25 -8.32
N TRP D 490 -34.45 -13.35 -9.03
CA TRP D 490 -34.22 -11.99 -8.48
C TRP D 490 -35.54 -11.23 -8.34
N GLU D 491 -36.44 -11.34 -9.31
CA GLU D 491 -37.65 -10.52 -9.28
C GLU D 491 -38.68 -11.08 -8.31
N PRO D 492 -39.33 -10.24 -7.48
CA PRO D 492 -40.29 -10.73 -6.47
C PRO D 492 -41.41 -11.58 -7.07
N ALA D 493 -41.82 -11.34 -8.31
CA ALA D 493 -42.94 -12.13 -8.88
C ALA D 493 -42.55 -13.59 -9.02
N THR D 494 -41.25 -13.92 -9.00
CA THR D 494 -40.82 -15.33 -9.11
C THR D 494 -40.79 -16.07 -7.78
N TRP D 495 -40.97 -15.35 -6.67
CA TRP D 495 -40.84 -15.96 -5.33
C TRP D 495 -42.12 -16.70 -4.95
N PRO D 496 -42.01 -17.66 -4.04
CA PRO D 496 -43.22 -18.20 -3.40
C PRO D 496 -43.99 -17.06 -2.71
N THR D 497 -45.31 -17.12 -2.72
CA THR D 497 -46.14 -16.12 -2.03
C THR D 497 -45.86 -16.16 -0.52
N GLU D 498 -45.57 -17.33 0.01
CA GLU D 498 -45.22 -17.48 1.44
CA GLU D 498 -45.27 -17.53 1.44
C GLU D 498 -44.10 -18.53 1.52
N CYS D 499 -43.00 -18.16 2.16
CA CYS D 499 -41.87 -19.08 2.33
C CYS D 499 -41.04 -18.63 3.53
N ARG D 500 -40.21 -19.53 4.00
CA ARG D 500 -39.31 -19.16 5.10
C ARG D 500 -37.99 -19.88 4.93
N GLY D 501 -36.98 -19.31 5.53
CA GLY D 501 -35.63 -19.83 5.36
C GLY D 501 -34.77 -19.54 6.58
N VAL D 502 -33.70 -20.30 6.68
CA VAL D 502 -32.66 -20.13 7.71
CA VAL D 502 -32.67 -20.02 7.71
C VAL D 502 -31.31 -19.88 7.04
N GLY D 503 -30.59 -18.89 7.50
CA GLY D 503 -29.22 -18.62 7.06
C GLY D 503 -28.32 -18.76 8.26
N PHE D 504 -27.32 -19.62 8.19
CA PHE D 504 -26.47 -19.84 9.37
C PHE D 504 -25.02 -19.87 8.98
N THR D 505 -24.19 -19.53 9.97
CA THR D 505 -22.73 -19.59 9.75
C THR D 505 -22.06 -19.57 11.12
N GLU D 506 -20.72 -19.62 11.09
CA GLU D 506 -19.90 -19.42 12.31
C GLU D 506 -19.23 -18.07 12.14
N ALA D 507 -19.71 -17.09 12.90
CA ALA D 507 -19.10 -15.77 12.98
C ALA D 507 -17.85 -15.91 13.83
N PRO D 508 -16.94 -14.92 13.84
CA PRO D 508 -15.77 -14.97 14.71
C PRO D 508 -16.09 -15.39 16.16
N ARG D 509 -17.21 -14.96 16.69
CA ARG D 509 -17.56 -15.23 18.10
C ARG D 509 -18.46 -16.47 18.28
N GLY D 510 -18.92 -17.11 17.23
CA GLY D 510 -19.69 -18.36 17.38
C GLY D 510 -20.86 -18.49 16.41
N ALA D 511 -21.81 -19.32 16.80
CA ALA D 511 -22.92 -19.79 15.95
C ALA D 511 -23.90 -18.64 15.70
N LEU D 512 -24.12 -18.30 14.45
CA LEU D 512 -25.06 -17.24 14.04
C LEU D 512 -26.18 -17.81 13.18
N GLY D 513 -27.39 -17.39 13.45
CA GLY D 513 -28.52 -17.74 12.58
C GLY D 513 -29.44 -16.55 12.36
N HIS D 514 -29.94 -16.47 11.14
CA HIS D 514 -31.03 -15.52 10.76
C HIS D 514 -32.19 -16.35 10.23
N TRP D 515 -33.35 -16.17 10.82
CA TRP D 515 -34.58 -16.85 10.39
C TRP D 515 -35.48 -15.82 9.76
N ALA D 516 -35.88 -16.09 8.52
CA ALA D 516 -36.64 -15.10 7.75
C ALA D 516 -37.92 -15.74 7.22
N ALA D 517 -39.03 -15.02 7.33
CA ALA D 517 -40.31 -15.41 6.69
C ALA D 517 -40.65 -14.33 5.69
N ILE D 518 -40.91 -14.73 4.46
CA ILE D 518 -41.34 -13.84 3.37
C ILE D 518 -42.81 -14.11 3.06
N ARG D 519 -43.59 -13.07 2.91
CA ARG D 519 -45.01 -13.19 2.51
C ARG D 519 -45.31 -12.02 1.59
N ASP D 520 -45.86 -12.31 0.42
CA ASP D 520 -46.33 -11.23 -0.47
C ASP D 520 -45.18 -10.26 -0.77
N GLY D 521 -43.99 -10.82 -1.03
CA GLY D 521 -42.84 -10.05 -1.49
C GLY D 521 -42.14 -9.27 -0.39
N LYS D 522 -42.57 -9.40 0.87
CA LYS D 522 -42.02 -8.54 1.94
C LYS D 522 -41.60 -9.41 3.08
N ILE D 523 -40.70 -8.86 3.91
CA ILE D 523 -40.28 -9.56 5.14
CA ILE D 523 -40.30 -9.58 5.13
C ILE D 523 -41.45 -9.56 6.12
N ASP D 524 -41.93 -10.74 6.49
CA ASP D 524 -43.03 -10.93 7.46
C ASP D 524 -42.45 -11.10 8.85
N LEU D 525 -41.29 -11.73 8.96
CA LEU D 525 -40.59 -11.96 10.24
C LEU D 525 -39.12 -12.04 9.92
N TYR D 526 -38.29 -11.53 10.81
CA TYR D 526 -36.83 -11.64 10.65
C TYR D 526 -36.26 -11.68 12.07
N GLN D 527 -35.82 -12.86 12.48
CA GLN D 527 -35.31 -13.07 13.84
C GLN D 527 -33.86 -13.51 13.79
N CYS D 528 -33.05 -12.86 14.59
CA CYS D 528 -31.60 -13.14 14.67
C CYS D 528 -31.30 -13.73 16.05
N VAL D 529 -30.47 -14.77 16.07
CA VAL D 529 -29.87 -15.31 17.28
C VAL D 529 -28.37 -15.30 17.02
N VAL D 530 -27.59 -14.56 17.82
CA VAL D 530 -26.24 -14.17 17.45
C VAL D 530 -25.29 -14.71 18.50
N PRO D 531 -24.02 -14.95 18.18
CA PRO D 531 -23.20 -15.69 19.12
C PRO D 531 -23.09 -15.07 20.52
N THR D 532 -22.93 -13.76 20.60
CA THR D 532 -22.85 -13.15 21.94
C THR D 532 -24.23 -13.22 22.62
N THR D 533 -25.34 -13.36 21.89
CA THR D 533 -26.64 -13.59 22.55
C THR D 533 -26.53 -14.87 23.36
N TRP D 534 -26.01 -15.95 22.79
CA TRP D 534 -25.73 -17.18 23.53
C TRP D 534 -24.85 -16.89 24.73
N ASN D 535 -23.64 -16.40 24.48
CA ASN D 535 -22.63 -16.40 25.55
C ASN D 535 -23.01 -15.44 26.67
N ALA D 536 -23.56 -14.25 26.37
CA ALA D 536 -23.87 -13.19 27.35
C ALA D 536 -25.27 -13.35 27.91
N SER D 537 -25.98 -14.42 27.51
CA SER D 537 -27.37 -14.74 27.91
C SER D 537 -27.63 -14.47 29.39
N PRO D 538 -28.82 -13.94 29.71
CA PRO D 538 -29.29 -13.98 31.11
C PRO D 538 -29.89 -15.37 31.36
N ARG D 539 -30.42 -15.51 32.57
CA ARG D 539 -30.97 -16.78 33.06
C ARG D 539 -32.31 -17.13 32.37
N ASP D 540 -32.75 -18.37 32.58
CA ASP D 540 -34.01 -18.92 32.02
C ASP D 540 -34.92 -19.29 33.19
N PRO D 541 -36.12 -19.83 32.88
CA PRO D 541 -37.07 -20.13 33.97
C PRO D 541 -36.57 -21.18 34.95
N LYS D 542 -35.63 -22.00 34.55
CA LYS D 542 -35.04 -23.00 35.47
C LYS D 542 -33.90 -22.38 36.28
N GLY D 543 -33.54 -21.11 36.07
CA GLY D 543 -32.41 -20.46 36.74
C GLY D 543 -31.08 -20.81 36.09
N GLN D 544 -31.08 -21.48 34.95
CA GLN D 544 -29.82 -21.91 34.30
C GLN D 544 -29.07 -20.67 33.82
N ILE D 545 -27.80 -20.62 34.12
CA ILE D 545 -26.91 -19.51 33.76
C ILE D 545 -26.25 -19.78 32.41
N GLY D 546 -25.97 -18.68 31.74
CA GLY D 546 -25.25 -18.63 30.45
C GLY D 546 -23.75 -18.70 30.59
N ALA D 547 -23.06 -18.69 29.44
CA ALA D 547 -21.64 -18.99 29.40
C ALA D 547 -20.81 -17.98 30.17
N TYR D 548 -21.08 -16.68 30.03
CA TYR D 548 -20.30 -15.65 30.75
C TYR D 548 -20.50 -15.85 32.27
N GLU D 549 -21.76 -15.94 32.69
CA GLU D 549 -22.05 -16.04 34.15
C GLU D 549 -21.36 -17.29 34.72
N ALA D 550 -21.42 -18.40 34.02
CA ALA D 550 -20.76 -19.65 34.47
C ALA D 550 -19.25 -19.49 34.53
N ALA D 551 -18.64 -18.94 33.50
CA ALA D 551 -17.18 -18.79 33.43
C ALA D 551 -16.69 -17.86 34.54
N LEU D 552 -17.50 -16.91 34.98
CA LEU D 552 -17.07 -16.00 36.06
C LEU D 552 -17.26 -16.70 37.42
N MET D 553 -18.20 -17.60 37.55
CA MET D 553 -18.39 -18.29 38.86
C MET D 553 -17.08 -18.87 39.38
N ASN D 554 -16.85 -18.74 40.71
CA ASN D 554 -15.76 -19.43 41.45
C ASN D 554 -14.40 -18.77 41.17
N THR D 555 -14.38 -17.59 40.56
CA THR D 555 -13.13 -16.87 40.24
C THR D 555 -12.62 -16.12 41.48
N LYS D 556 -11.34 -16.29 41.73
CA LYS D 556 -10.60 -15.56 42.77
C LYS D 556 -10.24 -14.18 42.22
N MET D 557 -10.38 -13.15 43.04
CA MET D 557 -9.93 -11.79 42.72
C MET D 557 -8.85 -11.38 43.72
N ALA D 558 -7.71 -10.90 43.22
CA ALA D 558 -6.63 -10.46 44.12
C ALA D 558 -7.03 -9.17 44.82
N ILE D 559 -7.71 -8.24 44.12
CA ILE D 559 -8.03 -6.88 44.57
C ILE D 559 -9.46 -6.61 44.14
N PRO D 560 -10.49 -6.76 44.99
CA PRO D 560 -11.88 -6.63 44.57
C PRO D 560 -12.19 -5.38 43.73
N GLU D 561 -11.56 -4.26 44.03
CA GLU D 561 -11.89 -2.96 43.38
C GLU D 561 -11.33 -2.93 41.94
N GLN D 562 -10.45 -3.85 41.57
CA GLN D 562 -9.76 -3.90 40.26
C GLN D 562 -10.21 -5.13 39.52
N PRO D 563 -11.12 -5.02 38.55
CA PRO D 563 -11.73 -6.23 37.98
C PRO D 563 -10.90 -6.96 36.92
N LEU D 564 -9.59 -7.05 37.13
CA LEU D 564 -8.72 -7.63 36.07
C LEU D 564 -9.14 -9.07 35.76
N GLU D 565 -9.46 -9.89 36.74
CA GLU D 565 -9.78 -11.32 36.50
C GLU D 565 -11.13 -11.40 35.79
N ILE D 566 -12.08 -10.52 36.11
CA ILE D 566 -13.40 -10.48 35.41
C ILE D 566 -13.15 -10.09 33.95
N LEU D 567 -12.38 -9.04 33.73
CA LEU D 567 -12.10 -8.60 32.33
C LEU D 567 -11.40 -9.69 31.57
N ARG D 568 -10.44 -10.37 32.16
CA ARG D 568 -9.71 -11.44 31.44
C ARG D 568 -10.71 -12.47 30.94
N THR D 569 -11.60 -12.95 31.78
CA THR D 569 -12.53 -14.03 31.39
C THR D 569 -13.52 -13.47 30.38
N LEU D 570 -14.10 -12.32 30.63
CA LEU D 570 -15.09 -11.78 29.68
C LEU D 570 -14.43 -11.52 28.33
N HIS D 571 -13.30 -10.86 28.32
CA HIS D 571 -12.61 -10.57 27.04
C HIS D 571 -12.23 -11.85 26.31
N SER D 572 -11.99 -12.96 27.01
CA SER D 572 -11.63 -14.21 26.36
C SER D 572 -12.74 -14.73 25.47
N PHE D 573 -14.00 -14.34 25.72
CA PHE D 573 -15.14 -14.70 24.86
C PHE D 573 -15.32 -13.72 23.71
N ASP D 574 -14.61 -12.59 23.72
CA ASP D 574 -14.69 -11.58 22.65
C ASP D 574 -16.11 -11.02 22.55
N PRO D 575 -16.63 -10.35 23.60
CA PRO D 575 -18.01 -9.91 23.58
C PRO D 575 -18.30 -8.84 22.55
N CYS D 576 -19.40 -9.04 21.81
CA CYS D 576 -19.93 -8.04 20.89
C CYS D 576 -21.36 -7.74 21.27
N LEU D 577 -21.59 -6.63 21.93
CA LEU D 577 -22.90 -6.39 22.57
C LEU D 577 -23.91 -5.88 21.54
N ALA D 578 -23.47 -5.17 20.49
CA ALA D 578 -24.40 -4.76 19.43
C ALA D 578 -24.91 -6.01 18.71
N CYS D 579 -24.00 -6.96 18.45
CA CYS D 579 -24.43 -8.27 17.94
C CYS D 579 -25.46 -8.91 18.88
N SER D 580 -25.19 -8.92 20.18
CA SER D 580 -25.97 -9.74 21.14
C SER D 580 -27.42 -9.26 21.17
N THR D 581 -27.64 -7.97 20.98
CA THR D 581 -28.93 -7.29 21.19
C THR D 581 -29.63 -6.95 19.87
N HIS D 582 -28.86 -6.50 18.88
CA HIS D 582 -29.37 -6.17 17.52
C HIS D 582 -30.66 -5.35 17.64
FE1 SF4 E . -12.26 14.98 -19.53
FE2 SF4 E . -9.96 13.76 -20.38
FE3 SF4 E . -12.41 12.68 -20.96
FE4 SF4 E . -11.49 12.61 -18.41
S1 SF4 E . -10.57 11.55 -20.25
S2 SF4 E . -13.58 13.19 -19.05
S3 SF4 E . -10.41 14.63 -18.25
S4 SF4 E . -11.55 14.66 -21.71
FE1 F3S F . -0.48 7.68 -20.91
FE3 F3S F . -2.45 6.85 -19.29
FE4 F3S F . -2.85 8.95 -20.92
S1 F3S F . -0.26 7.01 -18.81
S2 F3S F . -0.75 9.92 -21.09
S3 F3S F . -2.48 6.73 -21.57
S4 F3S F . -3.62 8.66 -18.88
FE1 SF3 G . 10.15 3.69 -24.62
FE3 SF3 G . 8.17 5.61 -24.54
FE4 SF3 G . 10.93 4.81 -22.39
FE7 SF3 G . 9.35 2.59 -22.14
FE7 SF3 G . 10.14 1.97 -21.33
S1 SF3 G . 7.99 3.34 -24.10
S2 SF3 G . 11.47 2.67 -23.03
S3 SF3 G . 10.42 5.93 -24.33
O1B LMT H . 1.13 -20.83 -29.87
C1' LMT H . 2.00 -19.69 -25.82
C2' LMT H . 3.18 -19.76 -26.81
C3' LMT H . 2.72 -19.70 -28.28
C4' LMT H . 1.69 -20.83 -28.55
C5' LMT H . 0.59 -20.72 -27.49
C6' LMT H . -0.52 -21.75 -27.71
O1' LMT H . 2.54 -19.83 -24.51
O2' LMT H . 4.13 -18.76 -26.47
O3' LMT H . 3.77 -19.89 -29.26
O5' LMT H . 1.15 -20.81 -26.17
O6' LMT H . -0.06 -23.08 -27.53
C1 LMT H . 1.76 -19.57 -23.33
C2 LMT H . 2.37 -18.47 -22.45
C3 LMT H . 3.27 -18.72 -21.21
C4 LMT H . 4.19 -17.52 -20.93
C5 LMT H . 4.52 -17.23 -19.47
C6 LMT H . 5.67 -16.26 -19.18
C7 LMT H . 5.50 -14.85 -19.72
C8 LMT H . 6.63 -13.91 -19.41
C9 LMT H . 6.38 -12.54 -20.04
C10 LMT H . 7.58 -11.61 -20.11
C11 LMT H . 8.23 -11.45 -18.75
C12 LMT H . 9.13 -10.26 -18.68
CL CL I . 4.58 6.03 -31.47
S SO4 J . -4.11 31.56 -4.18
O1 SO4 J . -4.53 32.96 -3.98
O2 SO4 J . -5.12 30.67 -3.58
O3 SO4 J . -2.82 31.39 -3.53
O4 SO4 J . -4.00 31.33 -5.65
FE FCO K . 20.33 11.23 -16.40
C1 FCO K . 22.16 11.20 -16.77
N1 FCO K . 23.30 11.16 -16.97
C2 FCO K . 20.75 11.45 -14.64
N2 FCO K . 20.95 11.52 -13.48
C3 FCO K . 20.21 13.00 -16.57
O3 FCO K . 20.19 14.13 -16.66
NI NI L . 19.24 8.65 -17.22
MG MG M . 23.52 17.04 -26.64
LI LI N . 13.29 32.74 -14.41
FE1 SF4 O . -23.85 5.22 -12.73
FE2 SF4 O . -24.04 5.28 -9.99
FE3 SF4 O . -23.82 7.61 -11.40
FE4 SF4 O . -21.69 5.98 -11.22
S1 SF4 O . -22.73 7.11 -9.48
S2 SF4 O . -22.41 6.98 -13.10
S3 SF4 O . -22.68 3.90 -11.29
S4 SF4 O . -25.56 6.10 -11.44
FE1 F3S P . -21.76 4.83 1.04
FE3 F3S P . -19.85 5.71 -0.61
FE4 F3S P . -22.31 5.20 -1.55
S1 F3S P . -19.64 4.23 1.04
S2 F3S P . -23.08 3.51 -0.20
S3 F3S P . -21.74 6.87 -0.04
S4 F3S P . -20.39 4.83 -2.56
FE1 SF3 Q . -23.41 3.78 12.82
FE3 SF3 Q . -24.24 3.43 10.20
FE4 SF3 Q . -22.14 1.54 12.40
FE7 SF3 Q . -20.67 3.82 12.08
FE7 SF3 Q . -19.65 3.45 12.93
S1 SF3 Q . -22.66 4.93 11.04
S2 SF3 Q . -21.59 3.06 14.02
S3 SF3 Q . -24.34 1.89 11.92
C1' LMT R . -10.76 25.58 16.86
O1' LMT R . -10.62 24.19 17.03
C1 LMT R . -9.27 23.79 16.80
C2 LMT R . -9.29 22.40 16.25
C3 LMT R . -8.17 21.57 16.80
C4 LMT R . -8.71 20.15 17.00
C5 LMT R . -7.66 19.12 16.66
C6 LMT R . -7.93 17.69 17.12
C7 LMT R . -9.20 17.14 16.58
C8 LMT R . -9.48 15.73 17.02
C9 LMT R . -10.57 15.14 16.19
C10 LMT R . -11.10 13.79 16.70
C11 LMT R . -9.94 12.80 16.89
C12 LMT R . -10.46 11.39 17.11
CL CL S . -30.18 8.26 8.62
FE FCO T . -20.90 -10.78 15.86
C1 FCO T . -21.30 -11.56 17.52
N1 FCO T . -21.54 -12.04 18.56
C2 FCO T . -19.50 -11.97 15.68
N2 FCO T . -18.61 -12.70 15.55
C3 FCO T . -21.95 -11.85 14.97
O3 FCO T . -22.64 -12.62 14.39
NI NI U . -20.19 -8.00 16.39
MG MG V . -32.82 -11.83 18.22
S SO4 W . -44.23 -9.31 36.45
O1 SO4 W . -44.87 -10.15 37.44
O2 SO4 W . -44.66 -7.94 36.64
O3 SO4 W . -44.58 -9.78 35.15
O4 SO4 W . -42.82 -9.36 36.66
LI LI X . -29.88 -23.13 -0.57
#